data_4JRZ
# 
_entry.id   4JRZ 
# 
_audit_conform.dict_name       mmcif_pdbx.dic 
_audit_conform.dict_version    5.379 
_audit_conform.dict_location   http://mmcif.pdb.org/dictionaries/ascii/mmcif_pdbx.dic 
# 
loop_
_database_2.database_id 
_database_2.database_code 
_database_2.pdbx_database_accession 
_database_2.pdbx_DOI 
PDB   4JRZ         pdb_00004jrz 10.2210/pdb4jrz/pdb 
RCSB  RCSB078429   ?            ?                   
WWPDB D_1000078429 ?            ?                   
# 
loop_
_pdbx_database_related.db_name 
_pdbx_database_related.db_id 
_pdbx_database_related.details 
_pdbx_database_related.content_type 
PDB 2UUI . unspecified 
PDB 2UUH . unspecified 
# 
_pdbx_database_status.entry_id                        4JRZ 
_pdbx_database_status.status_code                     REL 
_pdbx_database_status.deposit_site                    RCSB 
_pdbx_database_status.process_site                    RCSB 
_pdbx_database_status.recvd_initial_deposition_date   2013-03-22 
_pdbx_database_status.status_code_sf                  REL 
_pdbx_database_status.status_code_mr                  ? 
_pdbx_database_status.SG_entry                        ? 
_pdbx_database_status.status_code_cs                  ? 
_pdbx_database_status.methods_development_category    ? 
_pdbx_database_status.pdb_format_compatible           Y 
_pdbx_database_status.status_code_nmr_data            ? 
# 
loop_
_audit_author.name 
_audit_author.pdbx_ordinal 
'Niegowski, D.'       1 
'Rinaldo-Matthis, A.' 2 
'Haeggstrom, J.Z.'    3 
# 
_citation.id                        primary 
_citation.title                     
'Crystal Structures of Leukotriene C4 Synthase in Complex with Product Analogs: IMPLICATIONS FOR THE ENZYME MECHANISM.' 
_citation.journal_abbrev            J.Biol.Chem. 
_citation.journal_volume            289 
_citation.page_first                5199 
_citation.page_last                 5207 
_citation.year                      2014 
_citation.journal_id_ASTM           JBCHA3 
_citation.country                   US 
_citation.journal_id_ISSN           0021-9258 
_citation.journal_id_CSD            0071 
_citation.book_publisher            ? 
_citation.pdbx_database_id_PubMed   24366866 
_citation.pdbx_database_id_DOI      10.1074/jbc.M113.534628 
# 
loop_
_citation_author.citation_id 
_citation_author.name 
_citation_author.ordinal 
_citation_author.identifier_ORCID 
primary 'Niegowski, D.'       1 ? 
primary 'Kleinschmidt, T.'    2 ? 
primary 'Olsson, U.'          3 ? 
primary 'Ahmad, S.'           4 ? 
primary 'Rinaldo-Matthis, A.' 5 ? 
primary 'Haeggstrom, J.Z.'    6 ? 
# 
_cell.length_a           169.108 
_cell.length_b           169.108 
_cell.length_c           169.108 
_cell.angle_alpha        90.000 
_cell.angle_beta         90.000 
_cell.angle_gamma        90.000 
_cell.entry_id           4JRZ 
_cell.pdbx_unique_axis   ? 
_cell.Z_PDB              48 
_cell.length_a_esd       ? 
_cell.length_b_esd       ? 
_cell.length_c_esd       ? 
_cell.angle_alpha_esd    ? 
_cell.angle_beta_esd     ? 
_cell.angle_gamma_esd    ? 
# 
_symmetry.space_group_name_H-M             'F 2 3' 
_symmetry.entry_id                         4JRZ 
_symmetry.Int_Tables_number                196 
_symmetry.pdbx_full_space_group_name_H-M   ? 
_symmetry.cell_setting                     ? 
_symmetry.space_group_name_Hall            ? 
# 
loop_
_entity.id 
_entity.type 
_entity.src_method 
_entity.pdbx_description 
_entity.formula_weight 
_entity.pdbx_number_of_molecules 
_entity.pdbx_ec 
_entity.pdbx_mutation 
_entity.pdbx_fragment 
_entity.details 
1 polymer     man 'Leukotriene C4 synthase' 17372.510 1  4.4.1.20 ? ? ? 
2 non-polymer syn 'NICKEL (II) ION'         58.693    3  ?        ? ? ? 
3 non-polymer syn 'SULFATE ION'             96.063    1  ?        ? ? ? 
4 non-polymer syn 'PALMITOLEIC ACID'        254.408   1  ?        ? ? ? 
5 non-polymer syn 'PALMITIC ACID'           256.424   5  ?        ? ? ? 
6 non-polymer syn S-HEXYLGLUTATHIONE        392.491   1  ?        ? ? ? 
7 water       nat water                     18.015    22 ?        ? ? ? 
# 
_entity_name_com.entity_id   1 
_entity_name_com.name        'LTC4 synthase, Leukotriene-C(4) synthase' 
# 
_entity_poly.entity_id                      1 
_entity_poly.type                           'polypeptide(L)' 
_entity_poly.nstd_linkage                   no 
_entity_poly.nstd_monomer                   no 
_entity_poly.pdbx_seq_one_letter_code       
;MHHHHHHKDEVALLAAVTLLGVLLQAYFSLQVISARRAFRVSPPLTTGPPEFERVYRAQVNCSEYFPLFLATLWVAGIFF
HEGAAALCGLVYLFARLRYFQGYARSAQLRLAPLYASARALFLLVALAALGLLAHFLPAALRAALLGRLRTLLPWA
;
_entity_poly.pdbx_seq_one_letter_code_can   
;MHHHHHHKDEVALLAAVTLLGVLLQAYFSLQVISARRAFRVSPPLTTGPPEFERVYRAQVNCSEYFPLFLATLWVAGIFF
HEGAAALCGLVYLFARLRYFQGYARSAQLRLAPLYASARALFLLVALAALGLLAHFLPAALRAALLGRLRTLLPWA
;
_entity_poly.pdbx_strand_id                 A 
_entity_poly.pdbx_target_identifier         ? 
# 
loop_
_entity_poly_seq.entity_id 
_entity_poly_seq.num 
_entity_poly_seq.mon_id 
_entity_poly_seq.hetero 
1 1   MET n 
1 2   HIS n 
1 3   HIS n 
1 4   HIS n 
1 5   HIS n 
1 6   HIS n 
1 7   HIS n 
1 8   LYS n 
1 9   ASP n 
1 10  GLU n 
1 11  VAL n 
1 12  ALA n 
1 13  LEU n 
1 14  LEU n 
1 15  ALA n 
1 16  ALA n 
1 17  VAL n 
1 18  THR n 
1 19  LEU n 
1 20  LEU n 
1 21  GLY n 
1 22  VAL n 
1 23  LEU n 
1 24  LEU n 
1 25  GLN n 
1 26  ALA n 
1 27  TYR n 
1 28  PHE n 
1 29  SER n 
1 30  LEU n 
1 31  GLN n 
1 32  VAL n 
1 33  ILE n 
1 34  SER n 
1 35  ALA n 
1 36  ARG n 
1 37  ARG n 
1 38  ALA n 
1 39  PHE n 
1 40  ARG n 
1 41  VAL n 
1 42  SER n 
1 43  PRO n 
1 44  PRO n 
1 45  LEU n 
1 46  THR n 
1 47  THR n 
1 48  GLY n 
1 49  PRO n 
1 50  PRO n 
1 51  GLU n 
1 52  PHE n 
1 53  GLU n 
1 54  ARG n 
1 55  VAL n 
1 56  TYR n 
1 57  ARG n 
1 58  ALA n 
1 59  GLN n 
1 60  VAL n 
1 61  ASN n 
1 62  CYS n 
1 63  SER n 
1 64  GLU n 
1 65  TYR n 
1 66  PHE n 
1 67  PRO n 
1 68  LEU n 
1 69  PHE n 
1 70  LEU n 
1 71  ALA n 
1 72  THR n 
1 73  LEU n 
1 74  TRP n 
1 75  VAL n 
1 76  ALA n 
1 77  GLY n 
1 78  ILE n 
1 79  PHE n 
1 80  PHE n 
1 81  HIS n 
1 82  GLU n 
1 83  GLY n 
1 84  ALA n 
1 85  ALA n 
1 86  ALA n 
1 87  LEU n 
1 88  CYS n 
1 89  GLY n 
1 90  LEU n 
1 91  VAL n 
1 92  TYR n 
1 93  LEU n 
1 94  PHE n 
1 95  ALA n 
1 96  ARG n 
1 97  LEU n 
1 98  ARG n 
1 99  TYR n 
1 100 PHE n 
1 101 GLN n 
1 102 GLY n 
1 103 TYR n 
1 104 ALA n 
1 105 ARG n 
1 106 SER n 
1 107 ALA n 
1 108 GLN n 
1 109 LEU n 
1 110 ARG n 
1 111 LEU n 
1 112 ALA n 
1 113 PRO n 
1 114 LEU n 
1 115 TYR n 
1 116 ALA n 
1 117 SER n 
1 118 ALA n 
1 119 ARG n 
1 120 ALA n 
1 121 LEU n 
1 122 PHE n 
1 123 LEU n 
1 124 LEU n 
1 125 VAL n 
1 126 ALA n 
1 127 LEU n 
1 128 ALA n 
1 129 ALA n 
1 130 LEU n 
1 131 GLY n 
1 132 LEU n 
1 133 LEU n 
1 134 ALA n 
1 135 HIS n 
1 136 PHE n 
1 137 LEU n 
1 138 PRO n 
1 139 ALA n 
1 140 ALA n 
1 141 LEU n 
1 142 ARG n 
1 143 ALA n 
1 144 ALA n 
1 145 LEU n 
1 146 LEU n 
1 147 GLY n 
1 148 ARG n 
1 149 LEU n 
1 150 ARG n 
1 151 THR n 
1 152 LEU n 
1 153 LEU n 
1 154 PRO n 
1 155 TRP n 
1 156 ALA n 
# 
_entity_src_gen.entity_id                          1 
_entity_src_gen.pdbx_src_id                        1 
_entity_src_gen.pdbx_alt_source_flag               sample 
_entity_src_gen.pdbx_seq_type                      ? 
_entity_src_gen.pdbx_beg_seq_num                   ? 
_entity_src_gen.pdbx_end_seq_num                   ? 
_entity_src_gen.gene_src_common_name               human 
_entity_src_gen.gene_src_genus                     ? 
_entity_src_gen.pdbx_gene_src_gene                 LTC4S 
_entity_src_gen.gene_src_species                   ? 
_entity_src_gen.gene_src_strain                    ? 
_entity_src_gen.gene_src_tissue                    ? 
_entity_src_gen.gene_src_tissue_fraction           ? 
_entity_src_gen.gene_src_details                   ? 
_entity_src_gen.pdbx_gene_src_fragment             ? 
_entity_src_gen.pdbx_gene_src_scientific_name      'Homo sapiens' 
_entity_src_gen.pdbx_gene_src_ncbi_taxonomy_id     9606 
_entity_src_gen.pdbx_gene_src_variant              ? 
_entity_src_gen.pdbx_gene_src_cell_line            ? 
_entity_src_gen.pdbx_gene_src_atcc                 ? 
_entity_src_gen.pdbx_gene_src_organ                ? 
_entity_src_gen.pdbx_gene_src_organelle            ? 
_entity_src_gen.pdbx_gene_src_cell                 ? 
_entity_src_gen.pdbx_gene_src_cellular_location    ? 
_entity_src_gen.host_org_common_name               ? 
_entity_src_gen.pdbx_host_org_scientific_name      'Pichia Pastoris' 
_entity_src_gen.pdbx_host_org_ncbi_taxonomy_id     4922 
_entity_src_gen.host_org_genus                     ? 
_entity_src_gen.pdbx_host_org_gene                 ? 
_entity_src_gen.pdbx_host_org_organ                ? 
_entity_src_gen.host_org_species                   ? 
_entity_src_gen.pdbx_host_org_tissue               ? 
_entity_src_gen.pdbx_host_org_tissue_fraction      ? 
_entity_src_gen.pdbx_host_org_strain               ? 
_entity_src_gen.pdbx_host_org_variant              ? 
_entity_src_gen.pdbx_host_org_cell_line            ? 
_entity_src_gen.pdbx_host_org_atcc                 ? 
_entity_src_gen.pdbx_host_org_culture_collection   ? 
_entity_src_gen.pdbx_host_org_cell                 ? 
_entity_src_gen.pdbx_host_org_organelle            ? 
_entity_src_gen.pdbx_host_org_cellular_location    ? 
_entity_src_gen.pdbx_host_org_vector_type          ? 
_entity_src_gen.pdbx_host_org_vector               ? 
_entity_src_gen.host_org_details                   ? 
_entity_src_gen.expression_system_id               ? 
_entity_src_gen.plasmid_name                       ? 
_entity_src_gen.plasmid_details                    ? 
_entity_src_gen.pdbx_description                   ? 
# 
_struct_ref.id                         1 
_struct_ref.db_name                    UNP 
_struct_ref.db_code                    LTC4S_HUMAN 
_struct_ref.pdbx_db_accession          Q16873 
_struct_ref.entity_id                  1 
_struct_ref.pdbx_seq_one_letter_code   
;KDEVALLAAVTLLGVLLQAYFSLQVISARRAFRVSPPLTTGPPEFERVYRAQVNCSEYFPLFLATLWVAGIFFHEGAAAL
CGLVYLFARLRYFQGYARSAQLRLAPLYASARALWLLVALAALGLLAHFLPAALRAALLGRLRTLLPWA
;
_struct_ref.pdbx_align_begin           2 
_struct_ref.pdbx_db_isoform            ? 
# 
_struct_ref_seq.align_id                      1 
_struct_ref_seq.ref_id                        1 
_struct_ref_seq.pdbx_PDB_id_code              4JRZ 
_struct_ref_seq.pdbx_strand_id                A 
_struct_ref_seq.seq_align_beg                 8 
_struct_ref_seq.pdbx_seq_align_beg_ins_code   ? 
_struct_ref_seq.seq_align_end                 156 
_struct_ref_seq.pdbx_seq_align_end_ins_code   ? 
_struct_ref_seq.pdbx_db_accession             Q16873 
_struct_ref_seq.db_align_beg                  2 
_struct_ref_seq.pdbx_db_align_beg_ins_code    ? 
_struct_ref_seq.db_align_end                  150 
_struct_ref_seq.pdbx_db_align_end_ins_code    ? 
_struct_ref_seq.pdbx_auth_seq_align_beg       2 
_struct_ref_seq.pdbx_auth_seq_align_end       150 
# 
loop_
_struct_ref_seq_dif.align_id 
_struct_ref_seq_dif.pdbx_pdb_id_code 
_struct_ref_seq_dif.mon_id 
_struct_ref_seq_dif.pdbx_pdb_strand_id 
_struct_ref_seq_dif.seq_num 
_struct_ref_seq_dif.pdbx_pdb_ins_code 
_struct_ref_seq_dif.pdbx_seq_db_name 
_struct_ref_seq_dif.pdbx_seq_db_accession_code 
_struct_ref_seq_dif.db_mon_id 
_struct_ref_seq_dif.pdbx_seq_db_seq_num 
_struct_ref_seq_dif.details 
_struct_ref_seq_dif.pdbx_auth_seq_num 
_struct_ref_seq_dif.pdbx_ordinal 
1 4JRZ MET A 1   ? UNP Q16873 ?   ?   'expression tag' -5  1 
1 4JRZ HIS A 2   ? UNP Q16873 ?   ?   'expression tag' -4  2 
1 4JRZ HIS A 3   ? UNP Q16873 ?   ?   'expression tag' -3  3 
1 4JRZ HIS A 4   ? UNP Q16873 ?   ?   'expression tag' -2  4 
1 4JRZ HIS A 5   ? UNP Q16873 ?   ?   'expression tag' -1  5 
1 4JRZ HIS A 6   ? UNP Q16873 ?   ?   'expression tag' 0   6 
1 4JRZ HIS A 7   ? UNP Q16873 ?   ?   'expression tag' 1   7 
1 4JRZ PHE A 122 ? UNP Q16873 TRP 116 conflict         116 8 
# 
loop_
_chem_comp.id 
_chem_comp.type 
_chem_comp.mon_nstd_flag 
_chem_comp.name 
_chem_comp.pdbx_synonyms 
_chem_comp.formula 
_chem_comp.formula_weight 
ALA 'L-peptide linking' y ALANINE            ? 'C3 H7 N O2'        89.093  
ARG 'L-peptide linking' y ARGININE           ? 'C6 H15 N4 O2 1'    175.209 
ASN 'L-peptide linking' y ASPARAGINE         ? 'C4 H8 N2 O3'       132.118 
ASP 'L-peptide linking' y 'ASPARTIC ACID'    ? 'C4 H7 N O4'        133.103 
CYS 'L-peptide linking' y CYSTEINE           ? 'C3 H7 N O2 S'      121.158 
GLN 'L-peptide linking' y GLUTAMINE          ? 'C5 H10 N2 O3'      146.144 
GLU 'L-peptide linking' y 'GLUTAMIC ACID'    ? 'C5 H9 N O4'        147.129 
GLY 'peptide linking'   y GLYCINE            ? 'C2 H5 N O2'        75.067  
GTX non-polymer         . S-HEXYLGLUTATHIONE ? 'C16 H30 N3 O6 S 1' 392.491 
HIS 'L-peptide linking' y HISTIDINE          ? 'C6 H10 N3 O2 1'    156.162 
HOH non-polymer         . WATER              ? 'H2 O'              18.015  
ILE 'L-peptide linking' y ISOLEUCINE         ? 'C6 H13 N O2'       131.173 
LEU 'L-peptide linking' y LEUCINE            ? 'C6 H13 N O2'       131.173 
LYS 'L-peptide linking' y LYSINE             ? 'C6 H15 N2 O2 1'    147.195 
MET 'L-peptide linking' y METHIONINE         ? 'C5 H11 N O2 S'     149.211 
NI  non-polymer         . 'NICKEL (II) ION'  ? 'Ni 2'              58.693  
PAM non-polymer         . 'PALMITOLEIC ACID' ? 'C16 H30 O2'        254.408 
PHE 'L-peptide linking' y PHENYLALANINE      ? 'C9 H11 N O2'       165.189 
PLM non-polymer         . 'PALMITIC ACID'    ? 'C16 H32 O2'        256.424 
PRO 'L-peptide linking' y PROLINE            ? 'C5 H9 N O2'        115.130 
SER 'L-peptide linking' y SERINE             ? 'C3 H7 N O3'        105.093 
SO4 non-polymer         . 'SULFATE ION'      ? 'O4 S -2'           96.063  
THR 'L-peptide linking' y THREONINE          ? 'C4 H9 N O3'        119.119 
TRP 'L-peptide linking' y TRYPTOPHAN         ? 'C11 H12 N2 O2'     204.225 
TYR 'L-peptide linking' y TYROSINE           ? 'C9 H11 N O3'       181.189 
VAL 'L-peptide linking' y VALINE             ? 'C5 H11 N O2'       117.146 
# 
_exptl.crystals_number   1 
_exptl.entry_id          4JRZ 
_exptl.method            'X-RAY DIFFRACTION' 
# 
_exptl_crystal.id                    1 
_exptl_crystal.density_Matthews      ? 
_exptl_crystal.density_meas          ? 
_exptl_crystal.density_percent_sol   ? 
_exptl_crystal.description           ? 
_exptl_crystal.F_000                 ? 
_exptl_crystal.preparation           ? 
# 
_exptl_crystal_grow.crystal_id      1 
_exptl_crystal_grow.method          'VAPOR DIFFUSION' 
_exptl_crystal_grow.pH              6.4 
_exptl_crystal_grow.temp            298 
_exptl_crystal_grow.pdbx_details    '2.2 M NH4SO4, 0.2 M NaCl, 0.1 M Na-cacadylate, pH 6.4, VAPOR DIFFUSION, temperature 298K' 
_exptl_crystal_grow.temp_details    ? 
_exptl_crystal_grow.pdbx_pH_range   ? 
# 
_diffrn.id                     1 
_diffrn.ambient_temp           100 
_diffrn.ambient_temp_details   ? 
_diffrn.crystal_id             1 
# 
_diffrn_detector.diffrn_id              1 
_diffrn_detector.detector               CCD 
_diffrn_detector.type                   'ADSC QUANTUM 315r' 
_diffrn_detector.pdbx_collection_date   2011-06-11 
_diffrn_detector.details                ? 
# 
_diffrn_radiation.diffrn_id                        1 
_diffrn_radiation.pdbx_diffrn_protocol             'SINGLE WAVELENGTH' 
_diffrn_radiation.monochromator                    ? 
_diffrn_radiation.wavelength_id                    1 
_diffrn_radiation.pdbx_monochromatic_or_laue_m_l   M 
_diffrn_radiation.pdbx_scattering_type             x-ray 
# 
_diffrn_radiation_wavelength.id           1 
_diffrn_radiation_wavelength.wavelength   0.93927 
_diffrn_radiation_wavelength.wt           1.0 
# 
_diffrn_source.diffrn_id                   1 
_diffrn_source.source                      SYNCHROTRON 
_diffrn_source.type                        'ESRF BEAMLINE ID14-4' 
_diffrn_source.pdbx_wavelength_list        0.93927 
_diffrn_source.pdbx_wavelength             ? 
_diffrn_source.pdbx_synchrotron_site       ESRF 
_diffrn_source.pdbx_synchrotron_beamline   ID14-4 
# 
_reflns.entry_id                     4JRZ 
_reflns.d_resolution_high            2.400 
_reflns.d_resolution_low             20.728 
_reflns.number_all                   15351 
_reflns.number_obs                   15351 
_reflns.pdbx_netI_over_sigmaI        9.800 
_reflns.pdbx_Rsym_value              0.072 
_reflns.pdbx_redundancy              3.500 
_reflns.percent_possible_obs         97.400 
_reflns.observed_criterion_sigma_F   1 
_reflns.observed_criterion_sigma_I   1 
_reflns.pdbx_Rmerge_I_obs            ? 
_reflns.B_iso_Wilson_estimate        ? 
_reflns.R_free_details               ? 
_reflns.limit_h_max                  ? 
_reflns.limit_h_min                  ? 
_reflns.limit_k_max                  ? 
_reflns.limit_k_min                  ? 
_reflns.limit_l_max                  ? 
_reflns.limit_l_min                  ? 
_reflns.observed_criterion_F_max     ? 
_reflns.observed_criterion_F_min     ? 
_reflns.pdbx_chi_squared             ? 
_reflns.pdbx_scaling_rejects         ? 
_reflns.pdbx_ordinal                 1 
_reflns.pdbx_diffrn_id               1 
# 
loop_
_reflns_shell.d_res_high 
_reflns_shell.d_res_low 
_reflns_shell.number_measured_obs 
_reflns_shell.number_measured_all 
_reflns_shell.number_unique_obs 
_reflns_shell.Rmerge_I_obs 
_reflns_shell.meanI_over_sigI_obs 
_reflns_shell.pdbx_Rsym_value 
_reflns_shell.pdbx_chi_squared 
_reflns_shell.pdbx_redundancy 
_reflns_shell.percent_possible_obs 
_reflns_shell.number_unique_all 
_reflns_shell.percent_possible_all 
_reflns_shell.pdbx_ordinal 
_reflns_shell.pdbx_diffrn_id 
2.400 2.530  ? 5803 ? 0.557 1.200  0.557 ? 2.900 ? 2030 89.300  1  1 
2.530 2.680  ? 7668 ? 0.413 1.700  0.413 ? 3.600 ? 2156 99.900  2  1 
2.680 2.870  ? 7311 ? 0.255 2.800  0.255 ? 3.600 ? 2034 100.000 3  1 
2.870 3.100  ? 6852 ? 0.154 4.700  0.154 ? 3.600 ? 1914 100.000 4  1 
3.100 3.390  ? 6280 ? 0.095 7.500  0.095 ? 3.600 ? 1751 100.000 5  1 
3.390 3.790  ? 5613 ? 0.066 9.900  0.066 ? 3.600 ? 1564 99.900  6  1 
3.790 4.380  ? 5041 ? 0.054 11.600 0.054 ? 3.600 ? 1413 100.000 7  1 
4.380 5.370  ? 4179 ? 0.054 11.600 0.054 ? 3.500 ? 1190 99.900  8  1 
5.370 7.590  ? 3161 ? 0.055 10.600 0.055 ? 3.400 ? 932  99.700  9  1 
7.590 20.660 ? 1095 ? 0.043 14.600 0.043 ? 3.000 ? 367  70.100  10 1 
# 
_refine.entry_id                                 4JRZ 
_refine.ls_d_res_high                            2.4000 
_refine.ls_d_res_low                             20.6600 
_refine.pdbx_ls_sigma_F                          1.350 
_refine.pdbx_data_cutoff_high_absF               ? 
_refine.pdbx_data_cutoff_low_absF                ? 
_refine.ls_percent_reflns_obs                    97.3600 
_refine.ls_number_reflns_obs                     15348 
_refine.ls_number_reflns_all                     15351 
_refine.pdbx_ls_cross_valid_method               ? 
_refine.pdbx_R_Free_selection_details            'Random. Rfree flag copied from 2UUI.' 
_refine.details                                  ? 
_refine.ls_R_factor_all                          0.282 
_refine.ls_R_factor_obs                          0.2345 
_refine.ls_R_factor_R_work                       0.2330 
_refine.ls_wR_factor_R_work                      ? 
_refine.ls_R_factor_R_free                       0.2643 
_refine.ls_wR_factor_R_free                      ? 
_refine.ls_percent_reflns_R_free                 4.9800 
_refine.ls_number_reflns_R_free                  765 
_refine.ls_R_factor_R_free_error                 ? 
_refine.B_iso_mean                               59.5193 
_refine.solvent_model_param_bsol                 ? 
_refine.solvent_model_param_ksol                 ? 
_refine.pdbx_isotropic_thermal_model             ? 
_refine.aniso_B[1][1]                            ? 
_refine.aniso_B[2][2]                            ? 
_refine.aniso_B[3][3]                            ? 
_refine.aniso_B[1][2]                            ? 
_refine.aniso_B[1][3]                            ? 
_refine.aniso_B[2][3]                            ? 
_refine.correlation_coeff_Fo_to_Fc               ? 
_refine.correlation_coeff_Fo_to_Fc_free          ? 
_refine.overall_SU_R_Cruickshank_DPI             ? 
_refine.overall_SU_R_free                        ? 
_refine.pdbx_overall_ESU_R                       ? 
_refine.pdbx_overall_ESU_R_Free                  ? 
_refine.overall_SU_ML                            0.3000 
_refine.overall_SU_B                             ? 
_refine.solvent_model_details                    'FLAT BULK SOLVENT MODEL' 
_refine.pdbx_solvent_vdw_probe_radii             1.1100 
_refine.pdbx_solvent_ion_probe_radii             ? 
_refine.pdbx_solvent_shrinkage_radii             0.9000 
_refine.ls_number_parameters                     ? 
_refine.ls_number_restraints                     ? 
_refine.pdbx_starting_model                      'PDB ENTRY 2UUI' 
_refine.pdbx_method_to_determine_struct          'MOLECULAR REPLACEMENT' 
_refine.pdbx_stereochemistry_target_values       ML 
_refine.pdbx_stereochem_target_val_spec_case     ? 
_refine.overall_FOM_work_R_set                   0.7782 
_refine.B_iso_max                                114.470 
_refine.B_iso_min                                28.190 
_refine.pdbx_overall_phase_error                 29.1700 
_refine.occupancy_max                            1.000 
_refine.occupancy_min                            0.300 
_refine.pdbx_ls_sigma_I                          ? 
_refine.ls_redundancy_reflns_obs                 ? 
_refine.ls_R_factor_R_free_error_details         ? 
_refine.pdbx_data_cutoff_high_rms_absF           ? 
_refine.overall_FOM_free_R_set                   ? 
_refine.pdbx_diffrn_id                           1 
_refine.pdbx_refine_id                           'X-RAY DIFFRACTION' 
_refine.pdbx_TLS_residual_ADP_flag               ? 
_refine.pdbx_overall_SU_R_free_Cruickshank_DPI   ? 
_refine.pdbx_overall_SU_R_Blow_DPI               ? 
_refine.pdbx_overall_SU_R_free_Blow_DPI          ? 
# 
_refine_hist.pdbx_refine_id                   'X-RAY DIFFRACTION' 
_refine_hist.cycle_id                         LAST 
_refine_hist.pdbx_number_atoms_protein        1205 
_refine_hist.pdbx_number_atoms_nucleic_acid   0 
_refine_hist.pdbx_number_atoms_ligand         95 
_refine_hist.number_atoms_solvent             22 
_refine_hist.number_atoms_total               1322 
_refine_hist.d_res_high                       2.4000 
_refine_hist.d_res_low                        20.6600 
# 
loop_
_refine_ls_restr.type 
_refine_ls_restr.number 
_refine_ls_restr.dev_ideal 
_refine_ls_restr.dev_ideal_target 
_refine_ls_restr.weight 
_refine_ls_restr.pdbx_restraint_function 
_refine_ls_restr.pdbx_refine_id 
f_bond_d           1327 0.008  ? ? ? 'X-RAY DIFFRACTION' 
f_angle_d          1780 1.365  ? ? ? 'X-RAY DIFFRACTION' 
f_chiral_restr     194  0.103  ? ? ? 'X-RAY DIFFRACTION' 
f_plane_restr      220  0.005  ? ? ? 'X-RAY DIFFRACTION' 
f_dihedral_angle_d 480  16.574 ? ? ? 'X-RAY DIFFRACTION' 
# 
loop_
_refine_ls_shell.d_res_high 
_refine_ls_shell.d_res_low 
_refine_ls_shell.pdbx_total_number_of_bins_used 
_refine_ls_shell.percent_reflns_obs 
_refine_ls_shell.number_reflns_R_work 
_refine_ls_shell.R_factor_all 
_refine_ls_shell.R_factor_R_work 
_refine_ls_shell.R_factor_R_free 
_refine_ls_shell.percent_reflns_R_free 
_refine_ls_shell.number_reflns_R_free 
_refine_ls_shell.R_factor_R_free_error 
_refine_ls_shell.number_reflns_all 
_refine_ls_shell.number_reflns_obs 
_refine_ls_shell.redundancy_reflns_obs 
_refine_ls_shell.pdbx_refine_id 
2.4002 2.5852  5 92.0000  2723 . 0.2806 0.3211 . 140 . 2863 . . 'X-RAY DIFFRACTION' 
2.5852 2.8448  5 100.0000 2965 . 0.2444 0.3028 . 169 . 3134 . . 'X-RAY DIFFRACTION' 
2.8448 3.2550  5 100.0000 2963 . 0.2305 0.2670 . 154 . 3117 . . 'X-RAY DIFFRACTION' 
3.2550 4.0957  5 100.0000 3002 . 0.2229 0.2079 . 145 . 3147 . . 'X-RAY DIFFRACTION' 
4.0957 20.6606 5 95.0000  2930 . 0.2317 0.2804 . 157 . 3087 . . 'X-RAY DIFFRACTION' 
# 
_struct.entry_id                  4JRZ 
_struct.title                     'Human LTC4 synthase in complex with product analogs - implications for enzyme catalysis' 
_struct.pdbx_model_details        ? 
_struct.pdbx_CASP_flag            ? 
_struct.pdbx_model_type_details   ? 
# 
_struct_keywords.entry_id        4JRZ 
_struct_keywords.text            'Leukotriene C4 synthase, product analogs, lipid biosynthesis, LYASE' 
_struct_keywords.pdbx_keywords   LYASE 
# 
loop_
_struct_asym.id 
_struct_asym.pdbx_blank_PDB_chainid_flag 
_struct_asym.pdbx_modified 
_struct_asym.entity_id 
_struct_asym.details 
A N N 1 ? 
B N N 2 ? 
C N N 2 ? 
D N N 2 ? 
E N N 3 ? 
F N N 4 ? 
G N N 5 ? 
H N N 5 ? 
I N N 5 ? 
J N N 5 ? 
K N N 5 ? 
L N N 6 ? 
M N N 7 ? 
# 
_struct_biol.id        1 
_struct_biol.details   ? 
# 
loop_
_struct_conf.conf_type_id 
_struct_conf.id 
_struct_conf.pdbx_PDB_helix_id 
_struct_conf.beg_label_comp_id 
_struct_conf.beg_label_asym_id 
_struct_conf.beg_label_seq_id 
_struct_conf.pdbx_beg_PDB_ins_code 
_struct_conf.end_label_comp_id 
_struct_conf.end_label_asym_id 
_struct_conf.end_label_seq_id 
_struct_conf.pdbx_end_PDB_ins_code 
_struct_conf.beg_auth_comp_id 
_struct_conf.beg_auth_asym_id 
_struct_conf.beg_auth_seq_id 
_struct_conf.end_auth_comp_id 
_struct_conf.end_auth_asym_id 
_struct_conf.end_auth_seq_id 
_struct_conf.pdbx_PDB_helix_class 
_struct_conf.details 
_struct_conf.pdbx_PDB_helix_length 
HELX_P HELX_P1 1 HIS A 7   ? PHE A 39  ? HIS A 1   PHE A 33  1 ? 33 
HELX_P HELX_P2 2 PRO A 49  ? PHE A 80  ? PRO A 43  PHE A 74  1 ? 32 
HELX_P HELX_P3 3 HIS A 81  ? SER A 106 ? HIS A 75  SER A 100 1 ? 26 
HELX_P HELX_P4 4 ALA A 107 ? LEU A 109 ? ALA A 101 LEU A 103 5 ? 3  
HELX_P HELX_P5 5 ARG A 110 ? LEU A 146 ? ARG A 104 LEU A 140 1 ? 37 
# 
_struct_conf_type.id          HELX_P 
_struct_conf_type.criteria    ? 
_struct_conf_type.reference   ? 
# 
loop_
_struct_conn.id 
_struct_conn.conn_type_id 
_struct_conn.pdbx_leaving_atom_flag 
_struct_conn.pdbx_PDB_id 
_struct_conn.ptnr1_label_asym_id 
_struct_conn.ptnr1_label_comp_id 
_struct_conn.ptnr1_label_seq_id 
_struct_conn.ptnr1_label_atom_id 
_struct_conn.pdbx_ptnr1_label_alt_id 
_struct_conn.pdbx_ptnr1_PDB_ins_code 
_struct_conn.pdbx_ptnr1_standard_comp_id 
_struct_conn.ptnr1_symmetry 
_struct_conn.ptnr2_label_asym_id 
_struct_conn.ptnr2_label_comp_id 
_struct_conn.ptnr2_label_seq_id 
_struct_conn.ptnr2_label_atom_id 
_struct_conn.pdbx_ptnr2_label_alt_id 
_struct_conn.pdbx_ptnr2_PDB_ins_code 
_struct_conn.ptnr1_auth_asym_id 
_struct_conn.ptnr1_auth_comp_id 
_struct_conn.ptnr1_auth_seq_id 
_struct_conn.ptnr2_auth_asym_id 
_struct_conn.ptnr2_auth_comp_id 
_struct_conn.ptnr2_auth_seq_id 
_struct_conn.ptnr2_symmetry 
_struct_conn.pdbx_ptnr3_label_atom_id 
_struct_conn.pdbx_ptnr3_label_seq_id 
_struct_conn.pdbx_ptnr3_label_comp_id 
_struct_conn.pdbx_ptnr3_label_asym_id 
_struct_conn.pdbx_ptnr3_label_alt_id 
_struct_conn.pdbx_ptnr3_PDB_ins_code 
_struct_conn.details 
_struct_conn.pdbx_dist_value 
_struct_conn.pdbx_value_order 
_struct_conn.pdbx_role 
metalc1 metalc ? ? A HIS 2 NE2 ? ? ? 1_555 C NI  . NI ? ? A HIS -4  A NI  202 1_555 ? ? ? ? ? ? ? 2.425 ? ? 
metalc2 metalc ? ? A HIS 4 NE2 ? ? ? 1_555 C NI  . NI ? ? A HIS -2  A NI  202 1_555 ? ? ? ? ? ? ? 2.107 ? ? 
metalc3 metalc ? ? A HIS 5 NE2 ? ? ? 1_555 B NI  . NI ? ? A HIS -1  A NI  201 1_555 ? ? ? ? ? ? ? 2.304 ? ? 
metalc4 metalc ? ? A HIS 7 NE2 ? ? ? 1_555 B NI  . NI ? ? A HIS 1   A NI  201 1_555 ? ? ? ? ? ? ? 2.183 ? ? 
metalc5 metalc ? ? D NI  . NI  ? ? ? 1_555 M HOH . O  ? ? A NI  203 A HOH 317 1_555 ? ? ? ? ? ? ? 2.750 ? ? 
# 
_struct_conn_type.id          metalc 
_struct_conn_type.criteria    ? 
_struct_conn_type.reference   ? 
# 
loop_
_struct_mon_prot_cis.pdbx_id 
_struct_mon_prot_cis.label_comp_id 
_struct_mon_prot_cis.label_seq_id 
_struct_mon_prot_cis.label_asym_id 
_struct_mon_prot_cis.label_alt_id 
_struct_mon_prot_cis.pdbx_PDB_ins_code 
_struct_mon_prot_cis.auth_comp_id 
_struct_mon_prot_cis.auth_seq_id 
_struct_mon_prot_cis.auth_asym_id 
_struct_mon_prot_cis.pdbx_label_comp_id_2 
_struct_mon_prot_cis.pdbx_label_seq_id_2 
_struct_mon_prot_cis.pdbx_label_asym_id_2 
_struct_mon_prot_cis.pdbx_PDB_ins_code_2 
_struct_mon_prot_cis.pdbx_auth_comp_id_2 
_struct_mon_prot_cis.pdbx_auth_seq_id_2 
_struct_mon_prot_cis.pdbx_auth_asym_id_2 
_struct_mon_prot_cis.pdbx_PDB_model_num 
_struct_mon_prot_cis.pdbx_omega_angle 
1 HIS 2   A . ? HIS -4  A HIS 3   A ? HIS -3  A 1 -7.76 
2 PRO 43  A . ? PRO 37  A PRO 44  A ? PRO 38  A 1 -0.99 
3 LEU 149 A . ? LEU 143 A ARG 150 A ? ARG 144 A 1 24.68 
4 ARG 150 A . ? ARG 144 A THR 151 A ? THR 145 A 1 -2.77 
# 
loop_
_struct_site.id 
_struct_site.pdbx_evidence_code 
_struct_site.pdbx_auth_asym_id 
_struct_site.pdbx_auth_comp_id 
_struct_site.pdbx_auth_seq_id 
_struct_site.pdbx_auth_ins_code 
_struct_site.pdbx_num_residues 
_struct_site.details 
AC1 Software A NI  201 ? 6  'BINDING SITE FOR RESIDUE NI A 201'  
AC2 Software A NI  202 ? 6  'BINDING SITE FOR RESIDUE NI A 202'  
AC3 Software A NI  203 ? 4  'BINDING SITE FOR RESIDUE NI A 203'  
AC4 Software A SO4 204 ? 10 'BINDING SITE FOR RESIDUE SO4 A 204' 
AC5 Software A PAM 205 ? 8  'BINDING SITE FOR RESIDUE PAM A 205' 
AC6 Software A PLM 206 ? 4  'BINDING SITE FOR RESIDUE PLM A 206' 
AC7 Software A PLM 207 ? 2  'BINDING SITE FOR RESIDUE PLM A 207' 
AC8 Software A PLM 208 ? 2  'BINDING SITE FOR RESIDUE PLM A 208' 
AC9 Software A PLM 209 ? 1  'BINDING SITE FOR RESIDUE PLM A 209' 
BC1 Software A PLM 210 ? 1  'BINDING SITE FOR RESIDUE PLM A 210' 
BC2 Software A GTX 211 ? 14 'BINDING SITE FOR RESIDUE GTX A 211' 
# 
loop_
_struct_site_gen.id 
_struct_site_gen.site_id 
_struct_site_gen.pdbx_num_res 
_struct_site_gen.label_comp_id 
_struct_site_gen.label_asym_id 
_struct_site_gen.label_seq_id 
_struct_site_gen.pdbx_auth_ins_code 
_struct_site_gen.auth_comp_id 
_struct_site_gen.auth_asym_id 
_struct_site_gen.auth_seq_id 
_struct_site_gen.label_atom_id 
_struct_site_gen.label_alt_id 
_struct_site_gen.symmetry 
_struct_site_gen.details 
1  AC1 6  HIS A 5   ? HIS A -1  . ? 1_555  ? 
2  AC1 6  HIS A 5   ? HIS A -1  . ? 10_555 ? 
3  AC1 6  HIS A 5   ? HIS A -1  . ? 7_555  ? 
4  AC1 6  HIS A 7   ? HIS A 1   . ? 7_555  ? 
5  AC1 6  HIS A 7   ? HIS A 1   . ? 10_555 ? 
6  AC1 6  HIS A 7   ? HIS A 1   . ? 1_555  ? 
7  AC2 6  HIS A 2   ? HIS A -4  . ? 24_544 ? 
8  AC2 6  HIS A 4   ? HIS A -2  . ? 24_544 ? 
9  AC2 6  HIS A 4   ? HIS A -2  . ? 1_555  ? 
10 AC2 6  HIS A 2   ? HIS A -4  . ? 30_554 ? 
11 AC2 6  HIS A 2   ? HIS A -4  . ? 1_555  ? 
12 AC2 6  HIS A 4   ? HIS A -2  . ? 30_554 ? 
13 AC3 4  HIS A 5   ? HIS A -1  . ? 1_555  ? 
14 AC3 4  HIS A 4   ? HIS A -2  . ? 1_555  ? 
15 AC3 4  HIS A 3   ? HIS A -3  . ? 1_555  ? 
16 AC3 4  HOH M .   ? HOH A 317 . ? 1_555  ? 
17 AC4 10 SER A 106 ? SER A 100 . ? 1_555  ? 
18 AC4 10 SER A 106 ? SER A 100 . ? 3_555  ? 
19 AC4 10 ALA A 107 ? ALA A 101 . ? 1_555  ? 
20 AC4 10 ALA A 107 ? ALA A 101 . ? 3_555  ? 
21 AC4 10 GLN A 108 ? GLN A 102 . ? 3_555  ? 
22 AC4 10 GLN A 108 ? GLN A 102 . ? 1_555  ? 
23 AC4 10 HOH M .   ? HOH A 301 . ? 1_555  ? 
24 AC4 10 HOH M .   ? HOH A 301 . ? 3_555  ? 
25 AC4 10 HOH M .   ? HOH A 303 . ? 3_555  ? 
26 AC4 10 HOH M .   ? HOH A 303 . ? 1_555  ? 
27 AC5 8  HIS A 6   ? HIS A 0   . ? 10_555 ? 
28 AC5 8  HIS A 7   ? HIS A 1   . ? 1_555  ? 
29 AC5 8  LYS A 8   ? LYS A 2   . ? 10_555 ? 
30 AC5 8  GLU A 10  ? GLU A 4   . ? 1_555  ? 
31 AC5 8  TRP A 74  ? TRP A 68  . ? 10_555 ? 
32 AC5 8  ILE A 78  ? ILE A 72  . ? 1_555  ? 
33 AC5 8  HOH M .   ? HOH A 310 . ? 1_555  ? 
34 AC5 8  HOH M .   ? HOH A 314 . ? 1_555  ? 
35 AC6 4  PHE A 80  ? PHE A 74  . ? 38_545 ? 
36 AC6 4  ALA A 134 ? ALA A 128 . ? 38_545 ? 
37 AC6 4  LEU A 141 ? LEU A 135 . ? 1_555  ? 
38 AC6 4  ARG A 142 ? ARG A 136 . ? 1_555  ? 
39 AC7 2  LEU A 133 ? LEU A 127 . ? 1_555  ? 
40 AC7 2  PHE A 136 ? PHE A 130 . ? 1_555  ? 
41 AC8 2  TYR A 27  ? TYR A 21  . ? 1_555  ? 
42 AC8 2  GLN A 101 ? GLN A 95  . ? 1_555  ? 
43 AC9 1  LEU A 87  ? LEU A 81  . ? 10_555 ? 
44 BC1 1  LEU A 137 ? LEU A 131 . ? 1_555  ? 
45 BC2 14 SER A 29  ? SER A 23  . ? 10_555 ? 
46 BC2 14 VAL A 32  ? VAL A 26  . ? 10_555 ? 
47 BC2 14 ILE A 33  ? ILE A 27  . ? 10_555 ? 
48 BC2 14 ARG A 36  ? ARG A 30  . ? 10_555 ? 
49 BC2 14 TYR A 56  ? TYR A 50  . ? 10_555 ? 
50 BC2 14 GLN A 59  ? GLN A 53  . ? 10_555 ? 
51 BC2 14 ASN A 61  ? ASN A 55  . ? 1_555  ? 
52 BC2 14 GLU A 64  ? GLU A 58  . ? 1_555  ? 
53 BC2 14 TYR A 65  ? TYR A 59  . ? 1_555  ? 
54 BC2 14 TYR A 99  ? TYR A 93  . ? 1_555  ? 
55 BC2 14 ARG A 110 ? ARG A 104 . ? 1_555  ? 
56 BC2 14 LEU A 114 ? LEU A 108 . ? 1_555  ? 
57 BC2 14 ALA A 118 ? ALA A 112 . ? 1_555  ? 
58 BC2 14 PHE A 122 ? PHE A 116 . ? 1_555  ? 
# 
_atom_sites.entry_id                    4JRZ 
_atom_sites.fract_transf_matrix[1][1]   0.00022151 
_atom_sites.fract_transf_matrix[1][2]   0.00568668 
_atom_sites.fract_transf_matrix[1][3]   -0.00160504 
_atom_sites.fract_transf_matrix[2][1]   -0.00587747 
_atom_sites.fract_transf_matrix[2][2]   0.00037735 
_atom_sites.fract_transf_matrix[2][3]   0.00052580 
_atom_sites.fract_transf_matrix[3][1]   0.00060810 
_atom_sites.fract_transf_matrix[3][2]   0.00157570 
_atom_sites.fract_transf_matrix[3][3]   0.00566665 
_atom_sites.fract_transf_vector[1]      0.121273 
_atom_sites.fract_transf_vector[2]      -0.176038 
_atom_sites.fract_transf_vector[3]      -0.096676 
# 
loop_
_atom_type.symbol 
C  
N  
NI 
O  
S  
# 
loop_
_atom_site.group_PDB 
_atom_site.id 
_atom_site.type_symbol 
_atom_site.label_atom_id 
_atom_site.label_alt_id 
_atom_site.label_comp_id 
_atom_site.label_asym_id 
_atom_site.label_entity_id 
_atom_site.label_seq_id 
_atom_site.pdbx_PDB_ins_code 
_atom_site.Cartn_x 
_atom_site.Cartn_y 
_atom_site.Cartn_z 
_atom_site.occupancy 
_atom_site.B_iso_or_equiv 
_atom_site.pdbx_formal_charge 
_atom_site.auth_seq_id 
_atom_site.auth_comp_id 
_atom_site.auth_asym_id 
_atom_site.auth_atom_id 
_atom_site.pdbx_PDB_model_num 
ATOM   1    N  N   . MET A 1 1   ? -3.458  4.238   -28.849 1.00 74.14  ? -5  MET A N   1 
ATOM   2    C  CA  . MET A 1 1   ? -3.748  3.401   -30.009 1.00 81.75  ? -5  MET A CA  1 
ATOM   3    C  C   . MET A 1 1   ? -2.470  3.190   -30.810 1.00 82.28  ? -5  MET A C   1 
ATOM   4    O  O   . MET A 1 1   ? -2.529  2.938   -32.015 1.00 82.61  ? -5  MET A O   1 
ATOM   5    C  CB  . MET A 1 1   ? -4.818  4.055   -30.894 1.00 68.71  ? -5  MET A CB  1 
ATOM   6    N  N   . HIS A 1 2   ? -1.333  3.272   -30.112 1.00 81.72  ? -4  HIS A N   1 
ATOM   7    C  CA  . HIS A 1 2   ? 0.002   3.439   -30.703 1.00 73.53  ? -4  HIS A CA  1 
ATOM   8    C  C   . HIS A 1 2   ? 0.084   4.852   -31.287 1.00 74.80  ? -4  HIS A C   1 
ATOM   9    O  O   . HIS A 1 2   ? -0.831  5.258   -32.010 1.00 75.10  ? -4  HIS A O   1 
ATOM   10   C  CB  . HIS A 1 2   ? 0.324   2.362   -31.762 1.00 76.67  ? -4  HIS A CB  1 
ATOM   11   C  CG  . HIS A 1 2   ? 0.244   2.858   -33.179 1.00 73.45  ? -4  HIS A CG  1 
ATOM   12   N  ND1 . HIS A 1 2   ? -0.914  2.798   -33.925 1.00 68.07  ? -4  HIS A ND1 1 
ATOM   13   C  CD2 . HIS A 1 2   ? 1.174   3.438   -33.974 1.00 66.04  ? -4  HIS A CD2 1 
ATOM   14   C  CE1 . HIS A 1 2   ? -0.693  3.314   -35.121 1.00 70.38  ? -4  HIS A CE1 1 
ATOM   15   N  NE2 . HIS A 1 2   ? 0.566   3.710   -35.177 1.00 72.46  ? -4  HIS A NE2 1 
ATOM   16   N  N   . HIS A 1 3   ? 1.119   5.646   -30.984 1.00 77.43  ? -3  HIS A N   1 
ATOM   17   C  CA  . HIS A 1 3   ? 2.198   5.427   -29.998 1.00 73.70  ? -3  HIS A CA  1 
ATOM   18   C  C   . HIS A 1 3   ? 3.301   4.401   -30.289 1.00 73.58  ? -3  HIS A C   1 
ATOM   19   O  O   . HIS A 1 3   ? 3.069   3.197   -30.407 1.00 72.85  ? -3  HIS A O   1 
ATOM   20   C  CB  . HIS A 1 3   ? 1.676   5.385   -28.558 1.00 75.16  ? -3  HIS A CB  1 
ATOM   21   C  CG  . HIS A 1 3   ? 0.745   6.514   -28.246 1.00 74.17  ? -3  HIS A CG  1 
ATOM   22   N  ND1 . HIS A 1 3   ? 1.171   7.823   -28.174 1.00 70.48  ? -3  HIS A ND1 1 
ATOM   23   C  CD2 . HIS A 1 3   ? -0.593  6.536   -28.035 1.00 68.34  ? -3  HIS A CD2 1 
ATOM   24   C  CE1 . HIS A 1 3   ? 0.136   8.604   -27.916 1.00 74.59  ? -3  HIS A CE1 1 
ATOM   25   N  NE2 . HIS A 1 3   ? -0.945  7.847   -27.821 1.00 74.48  ? -3  HIS A NE2 1 
ATOM   26   N  N   . HIS A 1 4   ? 4.512   4.939   -30.401 1.00 64.65  ? -2  HIS A N   1 
ATOM   27   C  CA  . HIS A 1 4   ? 5.703   4.181   -30.731 1.00 65.00  ? -2  HIS A CA  1 
ATOM   28   C  C   . HIS A 1 4   ? 6.675   4.237   -29.563 1.00 68.51  ? -2  HIS A C   1 
ATOM   29   O  O   . HIS A 1 4   ? 7.898   4.262   -29.745 1.00 61.55  ? -2  HIS A O   1 
ATOM   30   C  CB  . HIS A 1 4   ? 6.336   4.742   -32.002 1.00 63.52  ? -2  HIS A CB  1 
ATOM   31   C  CG  . HIS A 1 4   ? 5.510   4.494   -33.220 1.00 62.44  ? -2  HIS A CG  1 
ATOM   32   N  ND1 . HIS A 1 4   ? 5.491   3.274   -33.862 1.00 63.92  ? -2  HIS A ND1 1 
ATOM   33   C  CD2 . HIS A 1 4   ? 4.634   5.284   -33.880 1.00 58.33  ? -2  HIS A CD2 1 
ATOM   34   C  CE1 . HIS A 1 4   ? 4.651   3.330   -34.879 1.00 62.50  ? -2  HIS A CE1 1 
ATOM   35   N  NE2 . HIS A 1 4   ? 4.117   4.538   -34.910 1.00 64.84  ? -2  HIS A NE2 1 
ATOM   36   N  N   . HIS A 1 5   ? 6.095   4.288   -28.368 1.00 64.16  ? -1  HIS A N   1 
ATOM   37   C  CA  . HIS A 1 5   ? 6.819   4.167   -27.111 1.00 65.21  ? -1  HIS A CA  1 
ATOM   38   C  C   . HIS A 1 5   ? 5.779   3.877   -26.026 1.00 62.39  ? -1  HIS A C   1 
ATOM   39   O  O   . HIS A 1 5   ? 4.625   4.279   -26.138 1.00 63.43  ? -1  HIS A O   1 
ATOM   40   C  CB  . HIS A 1 5   ? 7.585   5.453   -26.780 1.00 58.87  ? -1  HIS A CB  1 
ATOM   41   C  CG  . HIS A 1 5   ? 6.712   6.553   -26.264 1.00 62.61  ? -1  HIS A CG  1 
ATOM   42   N  ND1 . HIS A 1 5   ? 5.934   7.334   -27.092 1.00 66.47  ? -1  HIS A ND1 1 
ATOM   43   C  CD2 . HIS A 1 5   ? 6.468   6.982   -25.002 1.00 57.04  ? -1  HIS A CD2 1 
ATOM   44   C  CE1 . HIS A 1 5   ? 5.261   8.207   -26.364 1.00 58.82  ? -1  HIS A CE1 1 
ATOM   45   N  NE2 . HIS A 1 5   ? 5.567   8.015   -25.094 1.00 58.70  ? -1  HIS A NE2 1 
ATOM   46   N  N   . HIS A 1 6   ? 6.198   3.189   -24.975 1.00 64.17  ? 0   HIS A N   1 
ATOM   47   C  CA  . HIS A 1 6   ? 5.302   2.781   -23.907 1.00 63.88  ? 0   HIS A CA  1 
ATOM   48   C  C   . HIS A 1 6   ? 5.950   3.132   -22.574 1.00 66.61  ? 0   HIS A C   1 
ATOM   49   O  O   . HIS A 1 6   ? 7.179   3.208   -22.478 1.00 66.20  ? 0   HIS A O   1 
ATOM   50   C  CB  . HIS A 1 6   ? 5.118   1.270   -23.976 1.00 70.21  ? 0   HIS A CB  1 
ATOM   51   C  CG  . HIS A 1 6   ? 6.407   0.511   -23.876 1.00 72.43  ? 0   HIS A CG  1 
ATOM   52   N  ND1 . HIS A 1 6   ? 7.211   0.549   -22.753 1.00 68.24  ? 0   HIS A ND1 1 
ATOM   53   C  CD2 . HIS A 1 6   ? 7.041   -0.289  -24.765 1.00 78.14  ? 0   HIS A CD2 1 
ATOM   54   C  CE1 . HIS A 1 6   ? 8.276   -0.207  -22.950 1.00 75.63  ? 0   HIS A CE1 1 
ATOM   55   N  NE2 . HIS A 1 6   ? 8.199   -0.725  -24.164 1.00 88.31  ? 0   HIS A NE2 1 
ATOM   56   N  N   . HIS A 1 7   ? 5.152   3.293   -21.528 1.00 59.36  ? 1   HIS A N   1 
ATOM   57   C  CA  . HIS A 1 7   ? 5.754   3.548   -20.229 1.00 51.60  ? 1   HIS A CA  1 
ATOM   58   C  C   . HIS A 1 7   ? 5.751   2.336   -19.286 1.00 52.67  ? 1   HIS A C   1 
ATOM   59   O  O   . HIS A 1 7   ? 5.981   2.481   -18.085 1.00 58.13  ? 1   HIS A O   1 
ATOM   60   C  CB  . HIS A 1 7   ? 5.157   4.806   -19.601 1.00 48.77  ? 1   HIS A CB  1 
ATOM   61   C  CG  . HIS A 1 7   ? 5.372   6.042   -20.425 1.00 58.59  ? 1   HIS A CG  1 
ATOM   62   N  ND1 . HIS A 1 7   ? 6.519   6.805   -20.341 1.00 58.90  ? 1   HIS A ND1 1 
ATOM   63   C  CD2 . HIS A 1 7   ? 4.602   6.629   -21.373 1.00 58.47  ? 1   HIS A CD2 1 
ATOM   64   C  CE1 . HIS A 1 7   ? 6.437   7.820   -21.185 1.00 56.43  ? 1   HIS A CE1 1 
ATOM   65   N  NE2 . HIS A 1 7   ? 5.285   7.735   -21.826 1.00 56.86  ? 1   HIS A NE2 1 
ATOM   66   N  N   . LYS A 1 8   ? 5.530   1.145   -19.843 1.00 53.94  ? 2   LYS A N   1 
ATOM   67   C  CA  . LYS A 1 8   ? 5.545   -0.110  -19.078 1.00 52.41  ? 2   LYS A CA  1 
ATOM   68   C  C   . LYS A 1 8   ? 6.796   -0.260  -18.240 1.00 56.35  ? 2   LYS A C   1 
ATOM   69   O  O   . LYS A 1 8   ? 6.723   -0.624  -17.057 1.00 57.37  ? 2   LYS A O   1 
ATOM   70   C  CB  . LYS A 1 8   ? 5.508   -1.331  -20.001 1.00 54.43  ? 2   LYS A CB  1 
ATOM   71   C  CG  . LYS A 1 8   ? 4.213   -1.614  -20.745 1.00 49.07  ? 2   LYS A CG  1 
ATOM   72   C  CD  . LYS A 1 8   ? 4.427   -2.840  -21.610 1.00 56.17  ? 2   LYS A CD  1 
ATOM   73   C  CE  . LYS A 1 8   ? 3.301   -3.042  -22.596 1.00 68.30  ? 2   LYS A CE  1 
ATOM   74   N  NZ  . LYS A 1 8   ? 3.046   -1.829  -23.436 1.00 71.69  ? 2   LYS A NZ  1 
ATOM   75   N  N   . ASP A 1 9   ? 7.943   0.011   -18.863 1.00 52.28  ? 3   ASP A N   1 
ATOM   76   C  CA  . ASP A 1 9   ? 9.245   -0.196  -18.242 1.00 47.24  ? 3   ASP A CA  1 
ATOM   77   C  C   . ASP A 1 9   ? 9.480   0.685   -17.036 1.00 47.30  ? 3   ASP A C   1 
ATOM   78   O  O   . ASP A 1 9   ? 10.398  0.450   -16.268 1.00 55.70  ? 3   ASP A O   1 
ATOM   79   C  CB  . ASP A 1 9   ? 10.369  0.057   -19.251 1.00 69.66  ? 3   ASP A CB  1 
ATOM   80   C  CG  . ASP A 1 9   ? 10.372  -0.945  -20.388 1.00 79.12  ? 3   ASP A CG  1 
ATOM   81   O  OD1 . ASP A 1 9   ? 9.402   -1.738  -20.486 1.00 73.20  ? 3   ASP A OD1 1 
ATOM   82   O  OD2 . ASP A 1 9   ? 11.338  -0.930  -21.193 1.00 84.70  ? 3   ASP A OD2 1 
ATOM   83   N  N   . GLU A 1 10  ? 8.680   1.723   -16.871 1.00 46.26  ? 4   GLU A N   1 
ATOM   84   C  CA  . GLU A 1 10  ? 8.844   2.576   -15.710 1.00 51.65  ? 4   GLU A CA  1 
ATOM   85   C  C   . GLU A 1 10  ? 7.983   2.090   -14.540 1.00 53.51  ? 4   GLU A C   1 
ATOM   86   O  O   . GLU A 1 10  ? 8.156   2.546   -13.400 1.00 49.94  ? 4   GLU A O   1 
ATOM   87   C  CB  . GLU A 1 10  ? 8.467   4.021   -16.042 1.00 58.73  ? 4   GLU A CB  1 
ATOM   88   C  CG  . GLU A 1 10  ? 9.232   4.631   -17.205 1.00 63.89  ? 4   GLU A CG  1 
ATOM   89   C  CD  . GLU A 1 10  ? 8.705   6.005   -17.576 1.00 71.18  ? 4   GLU A CD  1 
ATOM   90   O  OE1 . GLU A 1 10  ? 8.136   6.155   -18.680 1.00 74.73  ? 4   GLU A OE1 1 
ATOM   91   O  OE2 . GLU A 1 10  ? 8.857   6.940   -16.762 1.00 74.82  ? 4   GLU A OE2 1 
ATOM   92   N  N   . VAL A 1 11  ? 7.039   1.190   -14.821 1.00 45.35  ? 5   VAL A N   1 
ATOM   93   C  CA  . VAL A 1 11  ? 6.083   0.791   -13.791 1.00 47.66  ? 5   VAL A CA  1 
ATOM   94   C  C   . VAL A 1 11  ? 5.950   -0.715  -13.571 1.00 42.27  ? 5   VAL A C   1 
ATOM   95   O  O   . VAL A 1 11  ? 5.054   -1.140  -12.861 1.00 41.58  ? 5   VAL A O   1 
ATOM   96   C  CB  . VAL A 1 11  ? 4.667   1.370   -14.060 1.00 43.60  ? 5   VAL A CB  1 
ATOM   97   C  CG1 . VAL A 1 11  ? 4.701   2.879   -14.131 1.00 50.08  ? 5   VAL A CG1 1 
ATOM   98   C  CG2 . VAL A 1 11  ? 4.075   0.787   -15.317 1.00 37.98  ? 5   VAL A CG2 1 
ATOM   99   N  N   . ALA A 1 12  ? 6.844   -1.509  -14.155 1.00 41.68  ? 6   ALA A N   1 
ATOM   100  C  CA  . ALA A 1 12  ? 6.656   -2.955  -14.203 1.00 38.22  ? 6   ALA A CA  1 
ATOM   101  C  C   . ALA A 1 12  ? 6.947   -3.603  -12.868 1.00 42.49  ? 6   ALA A C   1 
ATOM   102  O  O   . ALA A 1 12  ? 6.397   -4.650  -12.565 1.00 39.11  ? 6   ALA A O   1 
ATOM   103  C  CB  . ALA A 1 12  ? 7.526   -3.591  -15.294 1.00 40.22  ? 6   ALA A CB  1 
ATOM   104  N  N   . LEU A 1 13  ? 7.838   -2.999  -12.093 1.00 37.41  ? 7   LEU A N   1 
ATOM   105  C  CA  . LEU A 1 13  ? 8.129   -3.513  -10.776 1.00 45.49  ? 7   LEU A CA  1 
ATOM   106  C  C   . LEU A 1 13  ? 6.892   -3.248  -9.925  1.00 45.99  ? 7   LEU A C   1 
ATOM   107  O  O   . LEU A 1 13  ? 6.505   -4.091  -9.120  1.00 42.59  ? 7   LEU A O   1 
ATOM   108  C  CB  . LEU A 1 13  ? 9.363   -2.837  -10.147 1.00 39.53  ? 7   LEU A CB  1 
ATOM   109  C  CG  . LEU A 1 13  ? 10.743  -3.074  -10.763 1.00 49.65  ? 7   LEU A CG  1 
ATOM   110  C  CD1 . LEU A 1 13  ? 11.840  -2.306  -10.005 1.00 46.71  ? 7   LEU A CD1 1 
ATOM   111  C  CD2 . LEU A 1 13  ? 11.086  -4.555  -10.877 1.00 47.20  ? 7   LEU A CD2 1 
ATOM   112  N  N   . LEU A 1 14  ? 6.273   -2.085  -10.125 1.00 39.28  ? 8   LEU A N   1 
ATOM   113  C  CA  . LEU A 1 14  ? 5.087   -1.716  -9.360  1.00 44.63  ? 8   LEU A CA  1 
ATOM   114  C  C   . LEU A 1 14  ? 3.939   -2.645  -9.715  1.00 45.99  ? 8   LEU A C   1 
ATOM   115  O  O   . LEU A 1 14  ? 3.167   -3.040  -8.851  1.00 44.52  ? 8   LEU A O   1 
ATOM   116  C  CB  . LEU A 1 14  ? 4.681   -0.269  -9.640  1.00 42.01  ? 8   LEU A CB  1 
ATOM   117  C  CG  . LEU A 1 14  ? 5.744   0.812   -9.422  1.00 39.95  ? 8   LEU A CG  1 
ATOM   118  C  CD1 . LEU A 1 14  ? 5.218   2.187   -9.841  1.00 36.89  ? 8   LEU A CD1 1 
ATOM   119  C  CD2 . LEU A 1 14  ? 6.258   0.831   -8.000  1.00 37.22  ? 8   LEU A CD2 1 
ATOM   120  N  N   . ALA A 1 15  ? 3.843   -3.004  -10.994 1.00 39.74  ? 9   ALA A N   1 
ATOM   121  C  CA  . ALA A 1 15  ? 2.783   -3.867  -11.434 1.00 40.58  ? 9   ALA A CA  1 
ATOM   122  C  C   . ALA A 1 15  ? 3.021   -5.284  -10.912 1.00 45.27  ? 9   ALA A C   1 
ATOM   123  O  O   . ALA A 1 15  ? 2.076   -6.031  -10.645 1.00 40.29  ? 9   ALA A O   1 
ATOM   124  C  CB  . ALA A 1 15  ? 2.670   -3.850  -12.945 1.00 36.19  ? 9   ALA A CB  1 
ATOM   125  N  N   . ALA A 1 16  ? 4.287   -5.641  -10.756 1.00 41.95  ? 10  ALA A N   1 
ATOM   126  C  CA  . ALA A 1 16  ? 4.642   -6.976  -10.306 1.00 48.17  ? 10  ALA A CA  1 
ATOM   127  C  C   . ALA A 1 16  ? 4.280   -7.138  -8.825  1.00 46.61  ? 10  ALA A C   1 
ATOM   128  O  O   . ALA A 1 16  ? 3.710   -8.148  -8.422  1.00 40.90  ? 10  ALA A O   1 
ATOM   129  C  CB  . ALA A 1 16  ? 6.135   -7.245  -10.538 1.00 40.01  ? 10  ALA A CB  1 
ATOM   130  N  N   . VAL A 1 17  ? 4.638   -6.145  -8.020  1.00 40.50  ? 11  VAL A N   1 
ATOM   131  C  CA  . VAL A 1 17  ? 4.261   -6.130  -6.619  1.00 43.00  ? 11  VAL A CA  1 
ATOM   132  C  C   . VAL A 1 17  ? 2.727   -6.074  -6.441  1.00 47.74  ? 11  VAL A C   1 
ATOM   133  O  O   . VAL A 1 17  ? 2.172   -6.749  -5.586  1.00 48.16  ? 11  VAL A O   1 
ATOM   134  C  CB  . VAL A 1 17  ? 4.936   -4.980  -5.911  1.00 42.38  ? 11  VAL A CB  1 
ATOM   135  C  CG1 . VAL A 1 17  ? 4.421   -4.837  -4.471  1.00 43.90  ? 11  VAL A CG1 1 
ATOM   136  C  CG2 . VAL A 1 17  ? 6.441   -5.190  -5.937  1.00 43.84  ? 11  VAL A CG2 1 
ATOM   137  N  N   . THR A 1 18  ? 2.058   -5.292  -7.283  1.00 44.10  ? 12  THR A N   1 
ATOM   138  C  CA  . THR A 1 18  ? 0.607   -5.182  -7.287  1.00 41.81  ? 12  THR A CA  1 
ATOM   139  C  C   . THR A 1 18  ? -0.065  -6.535  -7.555  1.00 44.59  ? 12  THR A C   1 
ATOM   140  O  O   . THR A 1 18  ? -1.058  -6.888  -6.915  1.00 44.90  ? 12  THR A O   1 
ATOM   141  C  CB  . THR A 1 18  ? 0.165   -4.168  -8.363  1.00 38.48  ? 12  THR A CB  1 
ATOM   142  O  OG1 . THR A 1 18  ? 0.600   -2.863  -7.981  1.00 38.49  ? 12  THR A OG1 1 
ATOM   143  C  CG2 . THR A 1 18  ? -1.346  -4.167  -8.556  1.00 33.54  ? 12  THR A CG2 1 
ATOM   144  N  N   . LEU A 1 19  ? 0.474   -7.286  -8.504  1.00 40.32  ? 13  LEU A N   1 
ATOM   145  C  CA  . LEU A 1 19  ? -0.051  -8.611  -8.818  1.00 43.42  ? 13  LEU A CA  1 
ATOM   146  C  C   . LEU A 1 19  ? 0.194   -9.586  -7.664  1.00 47.92  ? 13  LEU A C   1 
ATOM   147  O  O   . LEU A 1 19  ? -0.657  -10.415 -7.345  1.00 46.29  ? 13  LEU A O   1 
ATOM   148  C  CB  . LEU A 1 19  ? 0.572   -9.162  -10.098 1.00 43.23  ? 13  LEU A CB  1 
ATOM   149  C  CG  . LEU A 1 19  ? -0.077  -10.491 -10.503 1.00 48.13  ? 13  LEU A CG  1 
ATOM   150  C  CD1 . LEU A 1 19  ? -1.544  -10.250 -10.820 1.00 44.33  ? 13  LEU A CD1 1 
ATOM   151  C  CD2 . LEU A 1 19  ? 0.639   -11.173 -11.663 1.00 40.94  ? 13  LEU A CD2 1 
ATOM   152  N  N   . LEU A 1 20  ? 1.369   -9.473  -7.054  1.00 46.02  ? 14  LEU A N   1 
ATOM   153  C  CA  . LEU A 1 20  ? 1.718   -10.263 -5.900  1.00 44.89  ? 14  LEU A CA  1 
ATOM   154  C  C   . LEU A 1 20  ? 0.707   -9.987  -4.792  1.00 51.88  ? 14  LEU A C   1 
ATOM   155  O  O   . LEU A 1 20  ? 0.234   -10.909 -4.128  1.00 50.90  ? 14  LEU A O   1 
ATOM   156  C  CB  . LEU A 1 20  ? 3.126   -9.904  -5.425  1.00 46.42  ? 14  LEU A CB  1 
ATOM   157  C  CG  . LEU A 1 20  ? 3.617   -10.689 -4.206  1.00 57.63  ? 14  LEU A CG  1 
ATOM   158  C  CD1 . LEU A 1 20  ? 3.631   -12.205 -4.461  1.00 63.02  ? 14  LEU A CD1 1 
ATOM   159  C  CD2 . LEU A 1 20  ? 4.980   -10.206 -3.780  1.00 56.32  ? 14  LEU A CD2 1 
ATOM   160  N  N   . GLY A 1 21  ? 0.375   -8.710  -4.620  1.00 50.59  ? 15  GLY A N   1 
ATOM   161  C  CA  . GLY A 1 21  ? -0.588  -8.278  -3.625  1.00 47.77  ? 15  GLY A CA  1 
ATOM   162  C  C   . GLY A 1 21  ? -1.956  -8.882  -3.876  1.00 51.40  ? 15  GLY A C   1 
ATOM   163  O  O   . GLY A 1 21  ? -2.629  -9.314  -2.946  1.00 51.95  ? 15  GLY A O   1 
ATOM   164  N  N   . VAL A 1 22  ? -2.373  -8.920  -5.134  1.00 42.54  ? 16  VAL A N   1 
ATOM   165  C  CA  . VAL A 1 22  ? -3.660  -9.505  -5.451  1.00 47.00  ? 16  VAL A CA  1 
ATOM   166  C  C   . VAL A 1 22  ? -3.690  -10.997 -5.109  1.00 50.18  ? 16  VAL A C   1 
ATOM   167  O  O   . VAL A 1 22  ? -4.631  -11.473 -4.475  1.00 50.15  ? 16  VAL A O   1 
ATOM   168  C  CB  . VAL A 1 22  ? -4.059  -9.250  -6.916  1.00 46.03  ? 16  VAL A CB  1 
ATOM   169  C  CG1 . VAL A 1 22  ? -5.176  -10.175 -7.341  1.00 39.38  ? 16  VAL A CG1 1 
ATOM   170  C  CG2 . VAL A 1 22  ? -4.477  -7.778  -7.095  1.00 45.25  ? 16  VAL A CG2 1 
ATOM   171  N  N   . LEU A 1 23  ? -2.647  -11.710 -5.524  1.00 49.42  ? 17  LEU A N   1 
ATOM   172  C  CA  . LEU A 1 23  ? -2.477  -13.124 -5.232  1.00 45.82  ? 17  LEU A CA  1 
ATOM   173  C  C   . LEU A 1 23  ? -2.482  -13.393 -3.723  1.00 51.47  ? 17  LEU A C   1 
ATOM   174  O  O   . LEU A 1 23  ? -2.990  -14.408 -3.276  1.00 45.89  ? 17  LEU A O   1 
ATOM   175  C  CB  . LEU A 1 23  ? -1.171  -13.647 -5.849  1.00 44.07  ? 17  LEU A CB  1 
ATOM   176  C  CG  . LEU A 1 23  ? -1.160  -13.864 -7.363  1.00 49.68  ? 17  LEU A CG  1 
ATOM   177  C  CD1 . LEU A 1 23  ? 0.165   -14.472 -7.834  1.00 47.65  ? 17  LEU A CD1 1 
ATOM   178  C  CD2 . LEU A 1 23  ? -2.321  -14.744 -7.781  1.00 49.46  ? 17  LEU A CD2 1 
ATOM   179  N  N   . LEU A 1 24  ? -1.922  -12.477 -2.942  1.00 46.33  ? 18  LEU A N   1 
ATOM   180  C  CA  . LEU A 1 24  ? -1.943  -12.623 -1.499  1.00 44.77  ? 18  LEU A CA  1 
ATOM   181  C  C   . LEU A 1 24  ? -3.384  -12.557 -0.955  1.00 53.70  ? 18  LEU A C   1 
ATOM   182  O  O   . LEU A 1 24  ? -3.789  -13.385 -0.138  1.00 52.08  ? 18  LEU A O   1 
ATOM   183  C  CB  . LEU A 1 24  ? -1.053  -11.570 -0.845  1.00 40.19  ? 18  LEU A CB  1 
ATOM   184  C  CG  . LEU A 1 24  ? -0.759  -11.756 0.646   1.00 57.75  ? 18  LEU A CG  1 
ATOM   185  C  CD1 . LEU A 1 24  ? -0.279  -13.183 0.942   1.00 58.36  ? 18  LEU A CD1 1 
ATOM   186  C  CD2 . LEU A 1 24  ? 0.274   -10.746 1.117   1.00 50.35  ? 18  LEU A CD2 1 
ATOM   187  N  N   . GLN A 1 25  ? -4.156  -11.587 -1.440  1.00 49.37  ? 19  GLN A N   1 
ATOM   188  C  CA  . GLN A 1 25  ? -5.531  -11.400 -1.012  1.00 49.20  ? 19  GLN A CA  1 
ATOM   189  C  C   . GLN A 1 25  ? -6.420  -12.561 -1.400  1.00 52.50  ? 19  GLN A C   1 
ATOM   190  O  O   . GLN A 1 25  ? -7.384  -12.867 -0.703  1.00 54.56  ? 19  GLN A O   1 
ATOM   191  C  CB  . GLN A 1 25  ? -6.112  -10.122 -1.609  1.00 45.27  ? 19  GLN A CB  1 
ATOM   192  C  CG  . GLN A 1 25  ? -5.356  -8.891  -1.201  1.00 45.23  ? 19  GLN A CG  1 
ATOM   193  C  CD  . GLN A 1 25  ? -5.773  -8.394  0.152   1.00 49.47  ? 19  GLN A CD  1 
ATOM   194  O  OE1 . GLN A 1 25  ? -4.940  -8.119  1.004   1.00 51.13  ? 19  GLN A OE1 1 
ATOM   195  N  NE2 . GLN A 1 25  ? -7.076  -8.245  0.351   1.00 53.93  ? 19  GLN A NE2 1 
ATOM   196  N  N   . ALA A 1 26  ? -6.120  -13.189 -2.526  1.00 46.46  ? 20  ALA A N   1 
ATOM   197  C  CA  . ALA A 1 26  ? -6.937  -14.298 -2.963  1.00 55.89  ? 20  ALA A CA  1 
ATOM   198  C  C   . ALA A 1 26  ? -6.609  -15.485 -2.066  1.00 58.15  ? 20  ALA A C   1 
ATOM   199  O  O   . ALA A 1 26  ? -7.483  -16.283 -1.729  1.00 55.32  ? 20  ALA A O   1 
ATOM   200  C  CB  . ALA A 1 26  ? -6.695  -14.618 -4.434  1.00 51.95  ? 20  ALA A CB  1 
ATOM   201  N  N   . TYR A 1 27  ? -5.342  -15.574 -1.673  1.00 53.56  ? 21  TYR A N   1 
ATOM   202  C  CA  . TYR A 1 27  ? -4.892  -16.596 -0.747  1.00 56.58  ? 21  TYR A CA  1 
ATOM   203  C  C   . TYR A 1 27  ? -5.640  -16.441 0.577   1.00 55.55  ? 21  TYR A C   1 
ATOM   204  O  O   . TYR A 1 27  ? -6.115  -17.410 1.152   1.00 54.71  ? 21  TYR A O   1 
ATOM   205  C  CB  . TYR A 1 27  ? -3.378  -16.492 -0.529  1.00 50.38  ? 21  TYR A CB  1 
ATOM   206  C  CG  . TYR A 1 27  ? -2.863  -17.351 0.610   1.00 56.36  ? 21  TYR A CG  1 
ATOM   207  C  CD1 . TYR A 1 27  ? -2.840  -18.741 0.507   1.00 62.30  ? 21  TYR A CD1 1 
ATOM   208  C  CD2 . TYR A 1 27  ? -2.388  -16.775 1.781   1.00 58.25  ? 21  TYR A CD2 1 
ATOM   209  C  CE1 . TYR A 1 27  ? -2.370  -19.529 1.540   1.00 62.69  ? 21  TYR A CE1 1 
ATOM   210  C  CE2 . TYR A 1 27  ? -1.913  -17.550 2.820   1.00 61.04  ? 21  TYR A CE2 1 
ATOM   211  C  CZ  . TYR A 1 27  ? -1.909  -18.927 2.695   1.00 65.40  ? 21  TYR A CZ  1 
ATOM   212  O  OH  . TYR A 1 27  ? -1.439  -19.703 3.727   1.00 73.56  ? 21  TYR A OH  1 
ATOM   213  N  N   . PHE A 1 28  ? -5.756  -15.205 1.042   1.00 56.22  ? 22  PHE A N   1 
ATOM   214  C  CA  . PHE A 1 28  ? -6.443  -14.917 2.289   1.00 54.57  ? 22  PHE A CA  1 
ATOM   215  C  C   . PHE A 1 28  ? -7.891  -15.323 2.164   1.00 59.07  ? 22  PHE A C   1 
ATOM   216  O  O   . PHE A 1 28  ? -8.476  -15.856 3.098   1.00 60.17  ? 22  PHE A O   1 
ATOM   217  C  CB  . PHE A 1 28  ? -6.359  -13.429 2.604   1.00 48.16  ? 22  PHE A CB  1 
ATOM   218  C  CG  . PHE A 1 28  ? -4.999  -12.988 3.009   1.00 52.83  ? 22  PHE A CG  1 
ATOM   219  C  CD1 . PHE A 1 28  ? -4.031  -13.923 3.337   1.00 46.74  ? 22  PHE A CD1 1 
ATOM   220  C  CD2 . PHE A 1 28  ? -4.674  -11.637 3.055   1.00 54.31  ? 22  PHE A CD2 1 
ATOM   221  C  CE1 . PHE A 1 28  ? -2.763  -13.515 3.716   1.00 49.44  ? 22  PHE A CE1 1 
ATOM   222  C  CE2 . PHE A 1 28  ? -3.413  -11.226 3.438   1.00 51.64  ? 22  PHE A CE2 1 
ATOM   223  C  CZ  . PHE A 1 28  ? -2.457  -12.171 3.777   1.00 45.77  ? 22  PHE A CZ  1 
ATOM   224  N  N   . SER A 1 29  ? -8.458  -15.064 0.991   1.00 55.87  ? 23  SER A N   1 
ATOM   225  C  CA  A SER A 1 29  ? -9.847  -15.406 0.721   0.50 61.40  ? 23  SER A CA  1 
ATOM   226  C  CA  B SER A 1 29  ? -9.843  -15.404 0.706   0.50 61.41  ? 23  SER A CA  1 
ATOM   227  C  C   . SER A 1 29  ? -10.093 -16.915 0.738   1.00 61.78  ? 23  SER A C   1 
ATOM   228  O  O   . SER A 1 29  ? -11.144 -17.370 1.182   1.00 61.22  ? 23  SER A O   1 
ATOM   229  C  CB  A SER A 1 29  ? -10.282 -14.823 -0.620  0.50 58.40  ? 23  SER A CB  1 
ATOM   230  C  CB  B SER A 1 29  ? -10.243 -14.843 -0.655  0.50 58.46  ? 23  SER A CB  1 
ATOM   231  O  OG  A SER A 1 29  ? -10.394 -13.419 -0.537  0.50 59.22  ? 23  SER A OG  1 
ATOM   232  O  OG  B SER A 1 29  ? -11.182 -13.797 -0.511  0.50 57.90  ? 23  SER A OG  1 
ATOM   233  N  N   . LEU A 1 30  ? -9.131  -17.681 0.241   1.00 58.31  ? 24  LEU A N   1 
ATOM   234  C  CA  . LEU A 1 30  ? -9.250  -19.127 0.222   1.00 62.32  ? 24  LEU A CA  1 
ATOM   235  C  C   . LEU A 1 30  ? -9.191  -19.688 1.648   1.00 66.61  ? 24  LEU A C   1 
ATOM   236  O  O   . LEU A 1 30  ? -9.889  -20.646 1.961   1.00 64.34  ? 24  LEU A O   1 
ATOM   237  C  CB  . LEU A 1 30  ? -8.170  -19.757 -0.669  1.00 58.42  ? 24  LEU A CB  1 
ATOM   238  C  CG  . LEU A 1 30  ? -8.401  -19.601 -2.178  1.00 67.04  ? 24  LEU A CG  1 
ATOM   239  C  CD1 . LEU A 1 30  ? -7.259  -20.203 -2.989  1.00 66.75  ? 24  LEU A CD1 1 
ATOM   240  C  CD2 . LEU A 1 30  ? -9.728  -20.218 -2.591  1.00 68.01  ? 24  LEU A CD2 1 
ATOM   241  N  N   . GLN A 1 31  ? -8.375  -19.075 2.506   1.00 59.99  ? 25  GLN A N   1 
ATOM   242  C  CA  . GLN A 1 31  ? -8.246  -19.511 3.889   1.00 60.40  ? 25  GLN A CA  1 
ATOM   243  C  C   . GLN A 1 31  ? -9.544  -19.294 4.665   1.00 65.22  ? 25  GLN A C   1 
ATOM   244  O  O   . GLN A 1 31  ? -9.908  -20.105 5.513   1.00 67.70  ? 25  GLN A O   1 
ATOM   245  C  CB  . GLN A 1 31  ? -7.106  -18.768 4.600   1.00 58.50  ? 25  GLN A CB  1 
ATOM   246  C  CG  . GLN A 1 31  ? -5.731  -18.992 4.022   1.00 58.12  ? 25  GLN A CG  1 
ATOM   247  C  CD  . GLN A 1 31  ? -5.244  -20.412 4.188   1.00 69.24  ? 25  GLN A CD  1 
ATOM   248  O  OE1 . GLN A 1 31  ? -5.567  -21.285 3.387   1.00 73.42  ? 25  GLN A OE1 1 
ATOM   249  N  NE2 . GLN A 1 31  ? -4.447  -20.651 5.227   1.00 69.85  ? 25  GLN A NE2 1 
ATOM   250  N  N   . VAL A 1 32  ? -10.232 -18.191 4.387   1.00 59.88  ? 26  VAL A N   1 
ATOM   251  C  CA  . VAL A 1 32  ? -11.486 -17.900 5.057   1.00 59.09  ? 26  VAL A CA  1 
ATOM   252  C  C   . VAL A 1 32  ? -12.569 -18.890 4.627   1.00 65.65  ? 26  VAL A C   1 
ATOM   253  O  O   . VAL A 1 32  ? -13.393 -19.308 5.434   1.00 65.24  ? 26  VAL A O   1 
ATOM   254  C  CB  . VAL A 1 32  ? -11.944 -16.447 4.824   1.00 58.29  ? 26  VAL A CB  1 
ATOM   255  C  CG1 . VAL A 1 32  ? -13.386 -16.260 5.268   1.00 58.33  ? 26  VAL A CG1 1 
ATOM   256  C  CG2 . VAL A 1 32  ? -11.042 -15.487 5.587   1.00 55.36  ? 26  VAL A CG2 1 
ATOM   257  N  N   . ILE A 1 33  ? -12.557 -19.277 3.357   1.00 64.47  ? 27  ILE A N   1 
ATOM   258  C  CA  . ILE A 1 33  ? -13.461 -20.314 2.885   1.00 69.62  ? 27  ILE A CA  1 
ATOM   259  C  C   . ILE A 1 33  ? -13.133 -21.651 3.554   1.00 72.38  ? 27  ILE A C   1 
ATOM   260  O  O   . ILE A 1 33  ? -14.019 -22.450 3.848   1.00 72.63  ? 27  ILE A O   1 
ATOM   261  C  CB  . ILE A 1 33  ? -13.403 -20.454 1.360   1.00 70.57  ? 27  ILE A CB  1 
ATOM   262  C  CG1 . ILE A 1 33  ? -13.899 -19.163 0.710   1.00 69.02  ? 27  ILE A CG1 1 
ATOM   263  C  CG2 . ILE A 1 33  ? -14.234 -21.648 0.892   1.00 65.09  ? 27  ILE A CG2 1 
ATOM   264  C  CD1 . ILE A 1 33  ? -14.700 -19.395 -0.524  1.00 75.34  ? 27  ILE A CD1 1 
ATOM   265  N  N   . SER A 1 34  ? -11.850 -21.869 3.809   1.00 70.61  ? 28  SER A N   1 
ATOM   266  C  CA  . SER A 1 34  ? -11.396 -23.056 4.505   1.00 70.33  ? 28  SER A CA  1 
ATOM   267  C  C   . SER A 1 34  ? -11.842 -23.035 5.967   1.00 72.63  ? 28  SER A C   1 
ATOM   268  O  O   . SER A 1 34  ? -12.277 -24.050 6.506   1.00 80.97  ? 28  SER A O   1 
ATOM   269  C  CB  . SER A 1 34  ? -9.876  -23.171 4.413   1.00 67.14  ? 28  SER A CB  1 
ATOM   270  O  OG  . SER A 1 34  ? -9.388  -24.210 5.243   1.00 85.26  ? 28  SER A OG  1 
ATOM   271  N  N   . ALA A 1 35  ? -11.743 -21.876 6.602   1.00 69.52  ? 29  ALA A N   1 
ATOM   272  C  CA  . ALA A 1 35  ? -12.131 -21.759 7.999   1.00 70.75  ? 29  ALA A CA  1 
ATOM   273  C  C   . ALA A 1 35  ? -13.645 -21.890 8.150   1.00 76.00  ? 29  ALA A C   1 
ATOM   274  O  O   . ALA A 1 35  ? -14.127 -22.462 9.126   1.00 78.70  ? 29  ALA A O   1 
ATOM   275  C  CB  . ALA A 1 35  ? -11.637 -20.448 8.586   1.00 60.84  ? 29  ALA A CB  1 
ATOM   276  N  N   . ARG A 1 36  ? -14.385 -21.362 7.179   1.00 70.07  ? 30  ARG A N   1 
ATOM   277  C  CA  . ARG A 1 36  ? -15.832 -21.530 7.129   1.00 73.43  ? 30  ARG A CA  1 
ATOM   278  C  C   . ARG A 1 36  ? -16.224 -23.011 7.072   1.00 79.59  ? 30  ARG A C   1 
ATOM   279  O  O   . ARG A 1 36  ? -17.212 -23.416 7.682   1.00 76.41  ? 30  ARG A O   1 
ATOM   280  C  CB  . ARG A 1 36  ? -16.434 -20.801 5.925   1.00 66.90  ? 30  ARG A CB  1 
ATOM   281  C  CG  . ARG A 1 36  ? -16.699 -19.319 6.132   1.00 70.13  ? 30  ARG A CG  1 
ATOM   282  C  CD  . ARG A 1 36  ? -17.587 -18.781 5.022   1.00 63.93  ? 30  ARG A CD  1 
ATOM   283  N  NE  . ARG A 1 36  ? -17.746 -17.330 5.066   1.00 62.43  ? 30  ARG A NE  1 
ATOM   284  C  CZ  . ARG A 1 36  ? -18.626 -16.685 5.826   1.00 66.99  ? 30  ARG A CZ  1 
ATOM   285  N  NH1 . ARG A 1 36  ? -19.430 -17.363 6.644   1.00 68.53  ? 30  ARG A NH1 1 
ATOM   286  N  NH2 . ARG A 1 36  ? -18.702 -15.358 5.771   1.00 56.56  ? 30  ARG A NH2 1 
ATOM   287  N  N   . ARG A 1 37  ? -15.459 -23.805 6.328   1.00 76.10  ? 31  ARG A N   1 
ATOM   288  C  CA  . ARG A 1 37  ? -15.732 -25.229 6.203   1.00 78.44  ? 31  ARG A CA  1 
ATOM   289  C  C   . ARG A 1 37  ? -15.399 -25.978 7.489   1.00 85.34  ? 31  ARG A C   1 
ATOM   290  O  O   . ARG A 1 37  ? -16.208 -26.763 7.984   1.00 86.77  ? 31  ARG A O   1 
ATOM   291  C  CB  . ARG A 1 37  ? -14.955 -25.833 5.039   1.00 78.80  ? 31  ARG A CB  1 
ATOM   292  C  CG  . ARG A 1 37  ? -15.512 -25.471 3.682   1.00 83.37  ? 31  ARG A CG  1 
ATOM   293  C  CD  . ARG A 1 37  ? -15.167 -26.538 2.655   1.00 87.27  ? 31  ARG A CD  1 
ATOM   294  N  NE  . ARG A 1 37  ? -14.492 -25.977 1.491   1.00 89.92  ? 31  ARG A NE  1 
ATOM   295  C  CZ  . ARG A 1 37  ? -15.112 -25.355 0.494   1.00 92.34  ? 31  ARG A CZ  1 
ATOM   296  N  NH1 . ARG A 1 37  ? -16.433 -25.203 0.519   1.00 85.88  ? 31  ARG A NH1 1 
ATOM   297  N  NH2 . ARG A 1 37  ? -14.411 -24.879 -0.528  1.00 96.37  ? 31  ARG A NH2 1 
ATOM   298  N  N   . ALA A 1 38  ? -14.204 -25.733 8.018   1.00 79.89  ? 32  ALA A N   1 
ATOM   299  C  CA  . ALA A 1 38  ? -13.767 -26.358 9.256   1.00 78.93  ? 32  ALA A CA  1 
ATOM   300  C  C   . ALA A 1 38  ? -14.746 -26.126 10.416  1.00 83.21  ? 32  ALA A C   1 
ATOM   301  O  O   . ALA A 1 38  ? -15.076 -27.058 11.147  1.00 92.37  ? 32  ALA A O   1 
ATOM   302  C  CB  . ALA A 1 38  ? -12.378 -25.870 9.626   1.00 77.21  ? 32  ALA A CB  1 
ATOM   303  N  N   . PHE A 1 39  ? -15.221 -24.892 10.569  1.00 79.53  ? 33  PHE A N   1 
ATOM   304  C  CA  . PHE A 1 39  ? -16.049 -24.520 11.714  1.00 74.72  ? 33  PHE A CA  1 
ATOM   305  C  C   . PHE A 1 39  ? -17.535 -24.374 11.382  1.00 79.75  ? 33  PHE A C   1 
ATOM   306  O  O   . PHE A 1 39  ? -18.307 -23.864 12.196  1.00 79.64  ? 33  PHE A O   1 
ATOM   307  C  CB  . PHE A 1 39  ? -15.533 -23.222 12.339  1.00 77.28  ? 33  PHE A CB  1 
ATOM   308  C  CG  . PHE A 1 39  ? -14.128 -23.321 12.862  1.00 77.71  ? 33  PHE A CG  1 
ATOM   309  C  CD1 . PHE A 1 39  ? -13.891 -23.654 14.184  1.00 82.94  ? 33  PHE A CD1 1 
ATOM   310  C  CD2 . PHE A 1 39  ? -13.045 -23.085 12.033  1.00 80.37  ? 33  PHE A CD2 1 
ATOM   311  C  CE1 . PHE A 1 39  ? -12.599 -23.753 14.673  1.00 84.54  ? 33  PHE A CE1 1 
ATOM   312  C  CE2 . PHE A 1 39  ? -11.749 -23.182 12.517  1.00 86.77  ? 33  PHE A CE2 1 
ATOM   313  C  CZ  . PHE A 1 39  ? -11.530 -23.520 13.841  1.00 84.94  ? 33  PHE A CZ  1 
ATOM   314  N  N   . ARG A 1 40  ? -17.928 -24.828 10.194  1.00 79.95  ? 34  ARG A N   1 
ATOM   315  C  CA  . ARG A 1 40  ? -19.313 -24.728 9.726   1.00 78.85  ? 34  ARG A CA  1 
ATOM   316  C  C   . ARG A 1 40  ? -19.947 -23.342 9.942   1.00 84.35  ? 34  ARG A C   1 
ATOM   317  O  O   . ARG A 1 40  ? -21.052 -23.240 10.491  1.00 84.34  ? 34  ARG A O   1 
ATOM   318  C  CB  . ARG A 1 40  ? -20.186 -25.812 10.370  1.00 86.51  ? 34  ARG A CB  1 
ATOM   319  C  CG  . ARG A 1 40  ? -19.742 -27.250 10.090  1.00 87.75  ? 34  ARG A CG  1 
ATOM   320  C  CD  . ARG A 1 40  ? -20.144 -27.711 8.696   1.00 87.88  ? 34  ARG A CD  1 
ATOM   321  N  NE  . ARG A 1 40  ? -19.603 -29.034 8.383   1.00 101.86 ? 34  ARG A NE  1 
ATOM   322  C  CZ  . ARG A 1 40  ? -20.260 -30.179 8.561   1.00 101.83 ? 34  ARG A CZ  1 
ATOM   323  N  NH1 . ARG A 1 40  ? -21.495 -30.172 9.052   1.00 95.68  ? 34  ARG A NH1 1 
ATOM   324  N  NH2 . ARG A 1 40  ? -19.683 -31.336 8.248   1.00 100.65 ? 34  ARG A NH2 1 
ATOM   325  N  N   . VAL A 1 41  ? -19.249 -22.283 9.519   1.00 77.13  ? 35  VAL A N   1 
ATOM   326  C  CA  . VAL A 1 41  ? -19.811 -20.934 9.570   1.00 72.45  ? 35  VAL A CA  1 
ATOM   327  C  C   . VAL A 1 41  ? -20.334 -20.518 8.196   1.00 73.45  ? 35  VAL A C   1 
ATOM   328  O  O   . VAL A 1 41  ? -19.558 -20.228 7.286   1.00 78.76  ? 35  VAL A O   1 
ATOM   329  C  CB  . VAL A 1 41  ? -18.796 -19.893 10.068  1.00 68.52  ? 35  VAL A CB  1 
ATOM   330  C  CG1 . VAL A 1 41  ? -19.485 -18.549 10.268  1.00 61.82  ? 35  VAL A CG1 1 
ATOM   331  C  CG2 . VAL A 1 41  ? -18.147 -20.354 11.363  1.00 69.20  ? 35  VAL A CG2 1 
ATOM   332  N  N   . SER A 1 42  ? -21.653 -20.474 8.056   1.00 72.31  ? 36  SER A N   1 
ATOM   333  C  CA  . SER A 1 42  ? -22.278 -20.339 6.745   1.00 73.30  ? 36  SER A CA  1 
ATOM   334  C  C   . SER A 1 42  ? -22.630 -18.908 6.357   1.00 69.72  ? 36  SER A C   1 
ATOM   335  O  O   . SER A 1 42  ? -23.087 -18.125 7.182   1.00 72.99  ? 36  SER A O   1 
ATOM   336  C  CB  . SER A 1 42  ? -23.537 -21.220 6.651   1.00 71.47  ? 36  SER A CB  1 
ATOM   337  O  OG  . SER A 1 42  ? -23.216 -22.532 6.213   1.00 75.08  ? 36  SER A OG  1 
ATOM   338  N  N   . PRO A 1 43  ? -22.400 -18.570 5.083   1.00 71.75  ? 37  PRO A N   1 
ATOM   339  C  CA  . PRO A 1 43  ? -22.924 -17.352 4.462   1.00 70.88  ? 37  PRO A CA  1 
ATOM   340  C  C   . PRO A 1 43  ? -24.440 -17.209 4.659   1.00 68.78  ? 37  PRO A C   1 
ATOM   341  O  O   . PRO A 1 43  ? -25.166 -18.163 4.399   1.00 71.24  ? 37  PRO A O   1 
ATOM   342  C  CB  . PRO A 1 43  ? -22.545 -17.511 2.984   1.00 68.63  ? 37  PRO A CB  1 
ATOM   343  C  CG  . PRO A 1 43  ? -21.927 -18.892 2.862   1.00 70.18  ? 37  PRO A CG  1 
ATOM   344  C  CD  . PRO A 1 43  ? -21.440 -19.258 4.208   1.00 69.45  ? 37  PRO A CD  1 
ATOM   345  N  N   . PRO A 1 44  ? -24.914 -16.030 5.110   1.00 65.54  ? 38  PRO A N   1 
ATOM   346  C  CA  . PRO A 1 44  ? -24.150 -14.823 5.471   1.00 67.49  ? 38  PRO A CA  1 
ATOM   347  C  C   . PRO A 1 44  ? -23.311 -15.014 6.738   1.00 71.68  ? 38  PRO A C   1 
ATOM   348  O  O   . PRO A 1 44  ? -22.325 -15.726 6.682   1.00 76.28  ? 38  PRO A O   1 
ATOM   349  C  CB  . PRO A 1 44  ? -25.240 -13.762 5.689   1.00 67.29  ? 38  PRO A CB  1 
ATOM   350  C  CG  . PRO A 1 44  ? -26.494 -14.538 5.957   1.00 65.16  ? 38  PRO A CG  1 
ATOM   351  C  CD  . PRO A 1 44  ? -26.367 -15.791 5.143   1.00 63.71  ? 38  PRO A CD  1 
ATOM   352  N  N   . LEU A 1 45  ? -23.664 -14.370 7.839   1.00 72.36  ? 39  LEU A N   1 
ATOM   353  C  CA  . LEU A 1 45  ? -23.029 -14.664 9.132   1.00 72.43  ? 39  LEU A CA  1 
ATOM   354  C  C   . LEU A 1 45  ? -21.489 -14.687 9.185   1.00 66.04  ? 39  LEU A C   1 
ATOM   355  O  O   . LEU A 1 45  ? -20.806 -15.482 8.524   1.00 56.92  ? 39  LEU A O   1 
ATOM   356  C  CB  . LEU A 1 45  ? -23.593 -15.960 9.719   1.00 76.14  ? 39  LEU A CB  1 
ATOM   357  C  CG  . LEU A 1 45  ? -24.755 -15.825 10.714  1.00 76.03  ? 39  LEU A CG  1 
ATOM   358  C  CD1 . LEU A 1 45  ? -25.919 -15.003 10.155  1.00 68.98  ? 39  LEU A CD1 1 
ATOM   359  C  CD2 . LEU A 1 45  ? -25.219 -17.203 11.119  1.00 73.74  ? 39  LEU A CD2 1 
ATOM   360  N  N   . THR A 1 46  ? -20.948 -13.832 10.035  1.00 68.80  ? 40  THR A N   1 
ATOM   361  C  CA  . THR A 1 46  ? -19.512 -13.673 10.111  1.00 70.03  ? 40  THR A CA  1 
ATOM   362  C  C   . THR A 1 46  ? -19.028 -13.899 11.540  1.00 67.76  ? 40  THR A C   1 
ATOM   363  O  O   . THR A 1 46  ? -17.916 -13.507 11.912  1.00 68.82  ? 40  THR A O   1 
ATOM   364  C  CB  . THR A 1 46  ? -19.118 -12.276 9.589   1.00 61.83  ? 40  THR A CB  1 
ATOM   365  O  OG1 . THR A 1 46  ? -19.703 -11.274 10.425  1.00 68.00  ? 40  THR A OG1 1 
ATOM   366  C  CG2 . THR A 1 46  ? -19.649 -12.088 8.173   1.00 61.16  ? 40  THR A CG2 1 
ATOM   367  N  N   . THR A 1 47  ? -19.874 -14.541 12.337  1.00 72.96  ? 41  THR A N   1 
ATOM   368  C  CA  . THR A 1 47  ? -19.539 -14.850 13.724  1.00 69.74  ? 41  THR A CA  1 
ATOM   369  C  C   . THR A 1 47  ? -19.445 -16.351 13.950  1.00 68.00  ? 41  THR A C   1 
ATOM   370  O  O   . THR A 1 47  ? -19.978 -17.131 13.174  1.00 70.30  ? 41  THR A O   1 
ATOM   371  C  CB  . THR A 1 47  ? -20.545 -14.244 14.708  1.00 66.52  ? 41  THR A CB  1 
ATOM   372  O  OG1 . THR A 1 47  ? -21.862 -14.321 14.151  1.00 73.84  ? 41  THR A OG1 1 
ATOM   373  C  CG2 . THR A 1 47  ? -20.209 -12.791 14.973  1.00 68.25  ? 41  THR A CG2 1 
ATOM   374  N  N   . GLY A 1 48  ? -18.745 -16.742 15.007  1.00 67.07  ? 42  GLY A N   1 
ATOM   375  C  CA  . GLY A 1 48  ? -18.525 -18.142 15.307  1.00 62.27  ? 42  GLY A CA  1 
ATOM   376  C  C   . GLY A 1 48  ? -17.469 -18.302 16.382  1.00 66.92  ? 42  GLY A C   1 
ATOM   377  O  O   . GLY A 1 48  ? -17.287 -17.426 17.229  1.00 72.80  ? 42  GLY A O   1 
ATOM   378  N  N   . PRO A 1 49  ? -16.765 -19.434 16.362  1.00 63.47  ? 43  PRO A N   1 
ATOM   379  C  CA  . PRO A 1 49  ? -15.626 -19.628 17.267  1.00 67.41  ? 43  PRO A CA  1 
ATOM   380  C  C   . PRO A 1 49  ? -14.633 -18.484 17.070  1.00 75.60  ? 43  PRO A C   1 
ATOM   381  O  O   . PRO A 1 49  ? -14.522 -17.988 15.945  1.00 73.59  ? 43  PRO A O   1 
ATOM   382  C  CB  . PRO A 1 49  ? -15.006 -20.937 16.771  1.00 70.06  ? 43  PRO A CB  1 
ATOM   383  C  CG  . PRO A 1 49  ? -16.109 -21.643 16.042  1.00 74.62  ? 43  PRO A CG  1 
ATOM   384  C  CD  . PRO A 1 49  ? -16.993 -20.578 15.463  1.00 64.00  ? 43  PRO A CD  1 
ATOM   385  N  N   . PRO A 1 50  ? -13.928 -18.066 18.136  1.00 75.91  ? 44  PRO A N   1 
ATOM   386  C  CA  . PRO A 1 50  ? -12.974 -16.961 18.004  1.00 71.12  ? 44  PRO A CA  1 
ATOM   387  C  C   . PRO A 1 50  ? -11.949 -17.250 16.918  1.00 68.63  ? 44  PRO A C   1 
ATOM   388  O  O   . PRO A 1 50  ? -11.538 -16.329 16.215  1.00 70.01  ? 44  PRO A O   1 
ATOM   389  C  CB  . PRO A 1 50  ? -12.288 -16.914 19.379  1.00 72.64  ? 44  PRO A CB  1 
ATOM   390  C  CG  . PRO A 1 50  ? -13.280 -17.539 20.311  1.00 74.95  ? 44  PRO A CG  1 
ATOM   391  C  CD  . PRO A 1 50  ? -13.937 -18.628 19.497  1.00 73.22  ? 44  PRO A CD  1 
ATOM   392  N  N   . GLU A 1 51  ? -11.555 -18.513 16.783  1.00 68.17  ? 45  GLU A N   1 
ATOM   393  C  CA  . GLU A 1 51  ? -10.583 -18.899 15.772  1.00 68.77  ? 45  GLU A CA  1 
ATOM   394  C  C   . GLU A 1 51  ? -11.065 -18.435 14.404  1.00 71.66  ? 45  GLU A C   1 
ATOM   395  O  O   . GLU A 1 51  ? -10.364 -17.685 13.722  1.00 71.22  ? 45  GLU A O   1 
ATOM   396  C  CB  . GLU A 1 51  ? -10.342 -20.414 15.778  1.00 69.39  ? 45  GLU A CB  1 
ATOM   397  C  CG  . GLU A 1 51  ? -9.517  -20.926 14.597  1.00 75.44  ? 45  GLU A CG  1 
ATOM   398  C  CD  . GLU A 1 51  ? -8.096  -21.356 14.970  1.00 85.38  ? 45  GLU A CD  1 
ATOM   399  O  OE1 . GLU A 1 51  ? -7.539  -20.837 15.969  1.00 80.50  ? 45  GLU A OE1 1 
ATOM   400  O  OE2 . GLU A 1 51  ? -7.529  -22.219 14.255  1.00 87.28  ? 45  GLU A OE2 1 
ATOM   401  N  N   . PHE A 1 52  ? -12.272 -18.858 14.029  1.00 70.60  ? 46  PHE A N   1 
ATOM   402  C  CA  . PHE A 1 52  ? -12.855 -18.458 12.758  1.00 65.08  ? 46  PHE A CA  1 
ATOM   403  C  C   . PHE A 1 52  ? -12.935 -16.950 12.654  1.00 64.74  ? 46  PHE A C   1 
ATOM   404  O  O   . PHE A 1 52  ? -12.759 -16.392 11.579  1.00 64.49  ? 46  PHE A O   1 
ATOM   405  C  CB  . PHE A 1 52  ? -14.264 -19.018 12.568  1.00 67.18  ? 46  PHE A CB  1 
ATOM   406  C  CG  . PHE A 1 52  ? -15.018 -18.349 11.446  1.00 67.17  ? 46  PHE A CG  1 
ATOM   407  C  CD1 . PHE A 1 52  ? -14.827 -18.752 10.134  1.00 65.23  ? 46  PHE A CD1 1 
ATOM   408  C  CD2 . PHE A 1 52  ? -15.880 -17.289 11.697  1.00 68.49  ? 46  PHE A CD2 1 
ATOM   409  C  CE1 . PHE A 1 52  ? -15.490 -18.128 9.099   1.00 61.83  ? 46  PHE A CE1 1 
ATOM   410  C  CE2 . PHE A 1 52  ? -16.546 -16.653 10.657  1.00 68.07  ? 46  PHE A CE2 1 
ATOM   411  C  CZ  . PHE A 1 52  ? -16.351 -17.083 9.357   1.00 64.63  ? 46  PHE A CZ  1 
ATOM   412  N  N   . GLU A 1 53  ? -13.232 -16.299 13.769  1.00 61.06  ? 47  GLU A N   1 
ATOM   413  C  CA  . GLU A 1 53  ? -13.432 -14.865 13.765  1.00 65.80  ? 47  GLU A CA  1 
ATOM   414  C  C   . GLU A 1 53  ? -12.108 -14.128 13.686  1.00 66.46  ? 47  GLU A C   1 
ATOM   415  O  O   . GLU A 1 53  ? -12.069 -12.928 13.430  1.00 64.09  ? 47  GLU A O   1 
ATOM   416  C  CB  . GLU A 1 53  ? -14.202 -14.423 15.008  1.00 63.57  ? 47  GLU A CB  1 
ATOM   417  C  CG  . GLU A 1 53  ? -15.673 -14.771 14.952  1.00 71.03  ? 47  GLU A CG  1 
ATOM   418  C  CD  . GLU A 1 53  ? -16.460 -14.148 16.080  1.00 73.80  ? 47  GLU A CD  1 
ATOM   419  O  OE1 . GLU A 1 53  ? -15.871 -13.346 16.837  1.00 76.76  ? 47  GLU A OE1 1 
ATOM   420  O  OE2 . GLU A 1 53  ? -17.665 -14.462 16.209  1.00 74.81  ? 47  GLU A OE2 1 
ATOM   421  N  N   . ARG A 1 54  ? -11.024 -14.844 13.936  1.00 58.60  ? 48  ARG A N   1 
ATOM   422  C  CA  . ARG A 1 54  ? -9.712  -14.245 13.847  1.00 62.81  ? 48  ARG A CA  1 
ATOM   423  C  C   . ARG A 1 54  ? -9.221  -14.320 12.396  1.00 60.66  ? 48  ARG A C   1 
ATOM   424  O  O   . ARG A 1 54  ? -8.625  -13.381 11.894  1.00 49.69  ? 48  ARG A O   1 
ATOM   425  C  CB  . ARG A 1 54  ? -8.733  -14.944 14.792  1.00 60.26  ? 48  ARG A CB  1 
ATOM   426  C  CG  . ARG A 1 54  ? -8.766  -14.433 16.231  1.00 56.63  ? 48  ARG A CG  1 
ATOM   427  C  CD  . ARG A 1 54  ? -7.553  -14.953 16.989  1.00 52.92  ? 48  ARG A CD  1 
ATOM   428  N  NE  . ARG A 1 54  ? -7.292  -16.369 16.694  1.00 61.73  ? 48  ARG A NE  1 
ATOM   429  C  CZ  . ARG A 1 54  ? -7.705  -17.386 17.453  1.00 64.43  ? 48  ARG A CZ  1 
ATOM   430  N  NH1 . ARG A 1 54  ? -8.405  -17.149 18.559  1.00 55.90  ? 48  ARG A NH1 1 
ATOM   431  N  NH2 . ARG A 1 54  ? -7.422  -18.635 17.103  1.00 53.71  ? 48  ARG A NH2 1 
ATOM   432  N  N   . VAL A 1 55  ? -9.489  -15.442 11.735  1.00 54.58  ? 49  VAL A N   1 
ATOM   433  C  CA  . VAL A 1 55  ? -9.136  -15.609 10.335  1.00 60.97  ? 49  VAL A CA  1 
ATOM   434  C  C   . VAL A 1 55  ? -9.988  -14.694 9.452   1.00 63.92  ? 49  VAL A C   1 
ATOM   435  O  O   . VAL A 1 55  ? -9.482  -14.085 8.494   1.00 58.32  ? 49  VAL A O   1 
ATOM   436  C  CB  . VAL A 1 55  ? -9.307  -17.071 9.890   1.00 60.64  ? 49  VAL A CB  1 
ATOM   437  C  CG1 . VAL A 1 55  ? -9.065  -17.220 8.385   1.00 60.90  ? 49  VAL A CG1 1 
ATOM   438  C  CG2 . VAL A 1 55  ? -8.367  -17.956 10.673  1.00 57.78  ? 49  VAL A CG2 1 
ATOM   439  N  N   . TYR A 1 56  ? -11.270 -14.589 9.789   1.00 52.00  ? 50  TYR A N   1 
ATOM   440  C  CA  . TYR A 1 56  ? -12.170 -13.713 9.067   1.00 53.89  ? 50  TYR A CA  1 
ATOM   441  C  C   . TYR A 1 56  ? -11.791 -12.242 9.247   1.00 56.07  ? 50  TYR A C   1 
ATOM   442  O  O   . TYR A 1 56  ? -11.896 -11.441 8.314   1.00 53.69  ? 50  TYR A O   1 
ATOM   443  C  CB  . TYR A 1 56  ? -13.612 -13.947 9.502   1.00 54.50  ? 50  TYR A CB  1 
ATOM   444  C  CG  . TYR A 1 56  ? -14.571 -12.917 8.975   1.00 53.44  ? 50  TYR A CG  1 
ATOM   445  C  CD1 . TYR A 1 56  ? -15.128 -13.047 7.706   1.00 55.52  ? 50  TYR A CD1 1 
ATOM   446  C  CD2 . TYR A 1 56  ? -14.926 -11.813 9.739   1.00 48.62  ? 50  TYR A CD2 1 
ATOM   447  C  CE1 . TYR A 1 56  ? -16.002 -12.101 7.210   1.00 53.28  ? 50  TYR A CE1 1 
ATOM   448  C  CE2 . TYR A 1 56  ? -15.798 -10.863 9.250   1.00 52.10  ? 50  TYR A CE2 1 
ATOM   449  C  CZ  . TYR A 1 56  ? -16.329 -11.011 7.984   1.00 54.81  ? 50  TYR A CZ  1 
ATOM   450  O  OH  . TYR A 1 56  ? -17.218 -10.079 7.491   1.00 60.91  ? 50  TYR A OH  1 
ATOM   451  N  N   . ARG A 1 57  ? -11.357 -11.888 10.447  1.00 53.55  ? 51  ARG A N   1 
ATOM   452  C  CA  . ARG A 1 57  ? -11.065 -10.502 10.749  1.00 53.14  ? 51  ARG A CA  1 
ATOM   453  C  C   . ARG A 1 57  ? -9.716  -10.153 10.141  1.00 55.60  ? 51  ARG A C   1 
ATOM   454  O  O   . ARG A 1 57  ? -9.470  -9.004  9.764   1.00 55.25  ? 51  ARG A O   1 
ATOM   455  C  CB  . ARG A 1 57  ? -11.067 -10.279 12.258  1.00 54.20  ? 51  ARG A CB  1 
ATOM   456  C  CG  . ARG A 1 57  ? -10.845 -8.852  12.698  1.00 63.42  ? 51  ARG A CG  1 
ATOM   457  C  CD  . ARG A 1 57  ? -12.129 -8.238  13.227  1.00 65.28  ? 51  ARG A CD  1 
ATOM   458  N  NE  . ARG A 1 57  ? -13.181 -8.150  12.220  1.00 63.01  ? 51  ARG A NE  1 
ATOM   459  C  CZ  . ARG A 1 57  ? -13.344 -7.105  11.416  1.00 60.36  ? 51  ARG A CZ  1 
ATOM   460  N  NH1 . ARG A 1 57  ? -12.513 -6.080  11.504  1.00 60.46  ? 51  ARG A NH1 1 
ATOM   461  N  NH2 . ARG A 1 57  ? -14.329 -7.084  10.524  1.00 55.75  ? 51  ARG A NH2 1 
ATOM   462  N  N   . ALA A 1 58  ? -8.857  -11.164 10.044  1.00 51.55  ? 52  ALA A N   1 
ATOM   463  C  CA  . ALA A 1 58  ? -7.554  -11.039 9.407   1.00 51.38  ? 52  ALA A CA  1 
ATOM   464  C  C   . ALA A 1 58  ? -7.686  -10.623 7.922   1.00 50.65  ? 52  ALA A C   1 
ATOM   465  O  O   . ALA A 1 58  ? -7.021  -9.699  7.471   1.00 43.34  ? 52  ALA A O   1 
ATOM   466  C  CB  . ALA A 1 58  ? -6.791  -12.345 9.525   1.00 45.22  ? 52  ALA A CB  1 
ATOM   467  N  N   . GLN A 1 59  ? -8.550  -11.328 7.198   1.00 48.40  ? 53  GLN A N   1 
ATOM   468  C  CA  . GLN A 1 59  ? -8.859  -11.064 5.803   1.00 53.49  ? 53  GLN A CA  1 
ATOM   469  C  C   . GLN A 1 59  ? -9.486  -9.686  5.621   1.00 54.19  ? 53  GLN A C   1 
ATOM   470  O  O   . GLN A 1 59  ? -9.020  -8.891  4.789   1.00 47.63  ? 53  GLN A O   1 
ATOM   471  C  CB  . GLN A 1 59  ? -9.791  -12.146 5.270   1.00 51.97  ? 53  GLN A CB  1 
ATOM   472  C  CG  . GLN A 1 59  ? -10.235 -11.967 3.829   1.00 51.12  ? 53  GLN A CG  1 
ATOM   473  C  CD  . GLN A 1 59  ? -11.592 -11.315 3.734   1.00 54.01  ? 53  GLN A CD  1 
ATOM   474  O  OE1 . GLN A 1 59  ? -12.583 -11.845 4.237   1.00 65.64  ? 53  GLN A OE1 1 
ATOM   475  N  NE2 . GLN A 1 59  ? -11.650 -10.158 3.095   1.00 57.34  ? 53  GLN A NE2 1 
ATOM   476  N  N   . VAL A 1 60  ? -10.520 -9.404  6.410   1.00 49.66  ? 54  VAL A N   1 
ATOM   477  C  CA  . VAL A 1 60  ? -11.136 -8.084  6.421   1.00 44.83  ? 54  VAL A CA  1 
ATOM   478  C  C   . VAL A 1 60  ? -10.135 -6.942  6.586   1.00 48.34  ? 54  VAL A C   1 
ATOM   479  O  O   . VAL A 1 60  ? -10.212 -5.948  5.856   1.00 47.98  ? 54  VAL A O   1 
ATOM   480  C  CB  . VAL A 1 60  ? -12.232 -7.958  7.492   1.00 46.50  ? 54  VAL A CB  1 
ATOM   481  C  CG1 . VAL A 1 60  ? -12.716 -6.533  7.595   1.00 41.62  ? 54  VAL A CG1 1 
ATOM   482  C  CG2 . VAL A 1 60  ? -13.397 -8.866  7.169   1.00 58.72  ? 54  VAL A CG2 1 
ATOM   483  N  N   . ASN A 1 61  ? -9.203  -7.071  7.532   1.00 47.87  ? 55  ASN A N   1 
ATOM   484  C  CA  . ASN A 1 61  ? -8.255  -5.987  7.789   1.00 46.93  ? 55  ASN A CA  1 
ATOM   485  C  C   . ASN A 1 61  ? -7.305  -5.788  6.616   1.00 45.65  ? 55  ASN A C   1 
ATOM   486  O  O   . ASN A 1 61  ? -6.999  -4.664  6.258   1.00 46.13  ? 55  ASN A O   1 
ATOM   487  C  CB  . ASN A 1 61  ? -7.435  -6.211  9.067   1.00 45.51  ? 55  ASN A CB  1 
ATOM   488  C  CG  . ASN A 1 61  ? -8.215  -5.895  10.351  1.00 62.64  ? 55  ASN A CG  1 
ATOM   489  O  OD1 . ASN A 1 61  ? -9.226  -5.182  10.345  1.00 63.69  ? 55  ASN A OD1 1 
ATOM   490  N  ND2 . ASN A 1 61  ? -7.727  -6.422  11.461  1.00 67.38  ? 55  ASN A ND2 1 
ATOM   491  N  N   . CYS A 1 62  ? -6.830  -6.886  6.041   1.00 39.54  ? 56  CYS A N   1 
ATOM   492  C  CA  . CYS A 1 62  ? -5.934  -6.794  4.909   1.00 50.30  ? 56  CYS A CA  1 
ATOM   493  C  C   . CYS A 1 62  ? -6.639  -6.133  3.716   1.00 52.05  ? 56  CYS A C   1 
ATOM   494  O  O   . CYS A 1 62  ? -6.074  -5.251  3.083   1.00 51.16  ? 56  CYS A O   1 
ATOM   495  C  CB  . CYS A 1 62  ? -5.348  -8.160  4.561   1.00 48.98  ? 56  CYS A CB  1 
ATOM   496  S  SG  . CYS A 1 62  ? -4.247  -8.791  5.843   1.00 61.25  ? 56  CYS A SG  1 
ATOM   497  N  N   . SER A 1 63  ? -7.886  -6.526  3.465   1.00 45.97  ? 57  SER A N   1 
ATOM   498  C  CA  . SER A 1 63  ? -8.710  -5.932  2.422   1.00 48.91  ? 57  SER A CA  1 
ATOM   499  C  C   . SER A 1 63  ? -8.887  -4.424  2.570   1.00 47.32  ? 57  SER A C   1 
ATOM   500  O  O   . SER A 1 63  ? -8.947  -3.691  1.578   1.00 49.04  ? 57  SER A O   1 
ATOM   501  C  CB  . SER A 1 63  ? -10.085 -6.608  2.362   1.00 46.59  ? 57  SER A CB  1 
ATOM   502  O  OG  . SER A 1 63  ? -9.941  -7.995  2.100   1.00 53.13  ? 57  SER A OG  1 
ATOM   503  N  N   . GLU A 1 64  ? -8.990  -3.964  3.802   1.00 45.88  ? 58  GLU A N   1 
ATOM   504  C  CA  . GLU A 1 64  ? -9.239  -2.557  4.056   1.00 46.06  ? 58  GLU A CA  1 
ATOM   505  C  C   . GLU A 1 64  ? -8.005  -1.718  3.748   1.00 47.37  ? 58  GLU A C   1 
ATOM   506  O  O   . GLU A 1 64  ? -8.110  -0.550  3.385   1.00 41.67  ? 58  GLU A O   1 
ATOM   507  C  CB  . GLU A 1 64  ? -9.564  -2.353  5.527   1.00 42.65  ? 58  GLU A CB  1 
ATOM   508  C  CG  . GLU A 1 64  ? -11.023 -2.395  5.836   1.00 55.92  ? 58  GLU A CG  1 
ATOM   509  C  CD  . GLU A 1 64  ? -11.312 -2.155  7.320   1.00 60.96  ? 58  GLU A CD  1 
ATOM   510  O  OE1 . GLU A 1 64  ? -10.365 -2.129  8.153   1.00 56.07  ? 58  GLU A OE1 1 
ATOM   511  O  OE2 . GLU A 1 64  ? -12.501 -1.971  7.640   1.00 62.39  ? 58  GLU A OE2 1 
ATOM   512  N  N   . TYR A 1 65  ? -6.841  -2.315  3.970   1.00 41.01  ? 59  TYR A N   1 
ATOM   513  C  CA  . TYR A 1 65  ? -5.583  -1.639  3.785   1.00 49.92  ? 59  TYR A CA  1 
ATOM   514  C  C   . TYR A 1 65  ? -4.979  -1.823  2.386   1.00 44.18  ? 59  TYR A C   1 
ATOM   515  O  O   . TYR A 1 65  ? -4.088  -1.097  2.026   1.00 40.35  ? 59  TYR A O   1 
ATOM   516  C  CB  . TYR A 1 65  ? -4.596  -2.101  4.845   1.00 39.90  ? 59  TYR A CB  1 
ATOM   517  C  CG  . TYR A 1 65  ? -4.622  -1.219  6.059   1.00 57.71  ? 59  TYR A CG  1 
ATOM   518  C  CD1 . TYR A 1 65  ? -3.717  -0.173  6.192   1.00 56.65  ? 59  TYR A CD1 1 
ATOM   519  C  CD2 . TYR A 1 65  ? -5.573  -1.408  7.067   1.00 61.89  ? 59  TYR A CD2 1 
ATOM   520  C  CE1 . TYR A 1 65  ? -3.741  0.653   7.290   1.00 59.84  ? 59  TYR A CE1 1 
ATOM   521  C  CE2 . TYR A 1 65  ? -5.606  -0.580  8.177   1.00 60.74  ? 59  TYR A CE2 1 
ATOM   522  C  CZ  . TYR A 1 65  ? -4.686  0.446   8.280   1.00 69.46  ? 59  TYR A CZ  1 
ATOM   523  O  OH  . TYR A 1 65  ? -4.691  1.270   9.379   1.00 75.08  ? 59  TYR A OH  1 
ATOM   524  N  N   . PHE A 1 66  ? -5.472  -2.791  1.623   1.00 36.63  ? 60  PHE A N   1 
ATOM   525  C  CA  . PHE A 1 66  ? -4.928  -3.089  0.313   1.00 43.10  ? 60  PHE A CA  1 
ATOM   526  C  C   . PHE A 1 66  ? -4.987  -1.907  -0.701  1.00 43.51  ? 60  PHE A C   1 
ATOM   527  O  O   . PHE A 1 66  ? -3.995  -1.646  -1.359  1.00 39.99  ? 60  PHE A O   1 
ATOM   528  C  CB  . PHE A 1 66  ? -5.570  -4.357  -0.247  1.00 40.64  ? 60  PHE A CB  1 
ATOM   529  C  CG  . PHE A 1 66  ? -4.976  -4.816  -1.539  1.00 40.70  ? 60  PHE A CG  1 
ATOM   530  C  CD1 . PHE A 1 66  ? -3.674  -5.282  -1.590  1.00 42.66  ? 60  PHE A CD1 1 
ATOM   531  C  CD2 . PHE A 1 66  ? -5.723  -4.801  -2.703  1.00 42.43  ? 60  PHE A CD2 1 
ATOM   532  C  CE1 . PHE A 1 66  ? -3.113  -5.718  -2.792  1.00 39.65  ? 60  PHE A CE1 1 
ATOM   533  C  CE2 . PHE A 1 66  ? -5.170  -5.239  -3.908  1.00 41.52  ? 60  PHE A CE2 1 
ATOM   534  C  CZ  . PHE A 1 66  ? -3.874  -5.697  -3.947  1.00 41.27  ? 60  PHE A CZ  1 
ATOM   535  N  N   . PRO A 1 67  ? -6.130  -1.189  -0.799  1.00 40.01  ? 61  PRO A N   1 
ATOM   536  C  CA  . PRO A 1 67  ? -6.143  -0.001  -1.656  1.00 43.52  ? 61  PRO A CA  1 
ATOM   537  C  C   . PRO A 1 67  ? -5.205  1.094   -1.168  1.00 46.71  ? 61  PRO A C   1 
ATOM   538  O  O   . PRO A 1 67  ? -4.725  1.878   -1.993  1.00 41.69  ? 61  PRO A O   1 
ATOM   539  C  CB  . PRO A 1 67  ? -7.591  0.510   -1.550  1.00 43.53  ? 61  PRO A CB  1 
ATOM   540  C  CG  . PRO A 1 67  ? -8.392  -0.639  -1.052  1.00 43.14  ? 61  PRO A CG  1 
ATOM   541  C  CD  . PRO A 1 67  ? -7.454  -1.424  -0.183  1.00 40.87  ? 61  PRO A CD  1 
ATOM   542  N  N   . LEU A 1 68  ? -4.984  1.188   0.140   1.00 39.97  ? 62  LEU A N   1 
ATOM   543  C  CA  . LEU A 1 68  ? -4.122  2.234   0.661   1.00 36.32  ? 62  LEU A CA  1 
ATOM   544  C  C   . LEU A 1 68  ? -2.714  1.901   0.237   1.00 43.55  ? 62  LEU A C   1 
ATOM   545  O  O   . LEU A 1 68  ? -1.950  2.769   -0.162  1.00 45.50  ? 62  LEU A O   1 
ATOM   546  C  CB  . LEU A 1 68  ? -4.159  2.320   2.191   1.00 42.10  ? 62  LEU A CB  1 
ATOM   547  C  CG  . LEU A 1 68  ? -5.479  2.550   2.929   1.00 47.89  ? 62  LEU A CG  1 
ATOM   548  C  CD1 . LEU A 1 68  ? -5.208  3.060   4.347   1.00 45.05  ? 62  LEU A CD1 1 
ATOM   549  C  CD2 . LEU A 1 68  ? -6.327  3.499   2.152   1.00 43.87  ? 62  LEU A CD2 1 
ATOM   550  N  N   . PHE A 1 69  ? -2.379  0.626   0.350   1.00 39.02  ? 63  PHE A N   1 
ATOM   551  C  CA  . PHE A 1 69  ? -1.100  0.132   -0.059  1.00 39.48  ? 63  PHE A CA  1 
ATOM   552  C  C   . PHE A 1 69  ? -0.855  0.382   -1.557  1.00 42.20  ? 63  PHE A C   1 
ATOM   553  O  O   . PHE A 1 69  ? 0.179   0.901   -1.930  1.00 37.09  ? 63  PHE A O   1 
ATOM   554  C  CB  . PHE A 1 69  ? -1.036  -1.353  0.234   1.00 39.10  ? 63  PHE A CB  1 
ATOM   555  C  CG  . PHE A 1 69  ? 0.084   -2.051  -0.455  1.00 34.49  ? 63  PHE A CG  1 
ATOM   556  C  CD1 . PHE A 1 69  ? 1.389   -1.701  -0.203  1.00 37.88  ? 63  PHE A CD1 1 
ATOM   557  C  CD2 . PHE A 1 69  ? -0.169  -3.076  -1.331  1.00 38.12  ? 63  PHE A CD2 1 
ATOM   558  C  CE1 . PHE A 1 69  ? 2.416   -2.359  -0.828  1.00 37.47  ? 63  PHE A CE1 1 
ATOM   559  C  CE2 . PHE A 1 69  ? 0.865   -3.733  -1.956  1.00 38.25  ? 63  PHE A CE2 1 
ATOM   560  C  CZ  . PHE A 1 69  ? 2.145   -3.368  -1.703  1.00 40.07  ? 63  PHE A CZ  1 
ATOM   561  N  N   . LEU A 1 70  ? -1.810  -0.019  -2.390  1.00 38.84  ? 64  LEU A N   1 
ATOM   562  C  CA  . LEU A 1 70  ? -1.752  0.174   -3.821  1.00 38.46  ? 64  LEU A CA  1 
ATOM   563  C  C   . LEU A 1 70  ? -1.554  1.653   -4.195  1.00 41.59  ? 64  LEU A C   1 
ATOM   564  O  O   . LEU A 1 70  ? -0.705  1.990   -5.030  1.00 37.13  ? 64  LEU A O   1 
ATOM   565  C  CB  . LEU A 1 70  ? -3.042  -0.348  -4.468  1.00 42.26  ? 64  LEU A CB  1 
ATOM   566  C  CG  . LEU A 1 70  ? -3.257  -1.859  -4.518  1.00 47.18  ? 64  LEU A CG  1 
ATOM   567  C  CD1 . LEU A 1 70  ? -4.489  -2.161  -5.324  1.00 47.49  ? 64  LEU A CD1 1 
ATOM   568  C  CD2 . LEU A 1 70  ? -2.038  -2.601  -5.093  1.00 47.45  ? 64  LEU A CD2 1 
ATOM   569  N  N   . ALA A 1 71  ? -2.347  2.525   -3.580  1.00 34.63  ? 65  ALA A N   1 
ATOM   570  C  CA  . ALA A 1 71  ? -2.286  3.948   -3.879  1.00 39.73  ? 65  ALA A CA  1 
ATOM   571  C  C   . ALA A 1 71  ? -0.901  4.531   -3.648  1.00 41.82  ? 65  ALA A C   1 
ATOM   572  O  O   . ALA A 1 71  ? -0.365  5.194   -4.532  1.00 45.93  ? 65  ALA A O   1 
ATOM   573  C  CB  . ALA A 1 71  ? -3.310  4.726   -3.093  1.00 34.12  ? 65  ALA A CB  1 
ATOM   574  N  N   . THR A 1 72  ? -0.333  4.265   -2.476  1.00 37.45  ? 66  THR A N   1 
ATOM   575  C  CA  . THR A 1 72  ? 0.914   4.856   -2.060  1.00 39.12  ? 66  THR A CA  1 
ATOM   576  C  C   . THR A 1 72  ? 2.082   4.176   -2.748  1.00 41.27  ? 66  THR A C   1 
ATOM   577  O  O   . THR A 1 72  ? 3.115   4.780   -2.937  1.00 42.00  ? 66  THR A O   1 
ATOM   578  C  CB  . THR A 1 72  ? 1.109   4.719   -0.536  1.00 44.12  ? 66  THR A CB  1 
ATOM   579  O  OG1 . THR A 1 72  ? 1.422   3.358   -0.226  1.00 56.25  ? 66  THR A OG1 1 
ATOM   580  C  CG2 . THR A 1 72  ? -0.147  5.101   0.193   1.00 30.40  ? 66  THR A CG2 1 
ATOM   581  N  N   . LEU A 1 73  ? 1.928   2.901   -3.076  1.00 35.75  ? 67  LEU A N   1 
ATOM   582  C  CA  . LEU A 1 73  ? 2.929   2.196   -3.844  1.00 38.77  ? 67  LEU A CA  1 
ATOM   583  C  C   . LEU A 1 73  ? 3.111   2.900   -5.219  1.00 42.95  ? 67  LEU A C   1 
ATOM   584  O  O   . LEU A 1 73  ? 4.225   3.149   -5.653  1.00 36.29  ? 67  LEU A O   1 
ATOM   585  C  CB  . LEU A 1 73  ? 2.521   0.725   -4.032  1.00 32.49  ? 67  LEU A CB  1 
ATOM   586  C  CG  . LEU A 1 73  ? 3.423   -0.121  -4.957  1.00 36.28  ? 67  LEU A CG  1 
ATOM   587  C  CD1 . LEU A 1 73  ? 4.770   -0.423  -4.327  1.00 38.27  ? 67  LEU A CD1 1 
ATOM   588  C  CD2 . LEU A 1 73  ? 2.743   -1.411  -5.422  1.00 36.26  ? 67  LEU A CD2 1 
ATOM   589  N  N   . TRP A 1 74  ? 2.006   3.222   -5.883  1.00 38.69  ? 68  TRP A N   1 
ATOM   590  C  CA  . TRP A 1 74  ? 2.036   3.828   -7.213  1.00 38.31  ? 68  TRP A CA  1 
ATOM   591  C  C   . TRP A 1 74  ? 2.486   5.281   -7.216  1.00 43.93  ? 68  TRP A C   1 
ATOM   592  O  O   . TRP A 1 74  ? 3.274   5.671   -8.068  1.00 40.81  ? 68  TRP A O   1 
ATOM   593  C  CB  . TRP A 1 74  ? 0.703   3.647   -7.942  1.00 34.12  ? 68  TRP A CB  1 
ATOM   594  C  CG  . TRP A 1 74  ? 0.628   2.258   -8.503  1.00 39.82  ? 68  TRP A CG  1 
ATOM   595  C  CD1 . TRP A 1 74  ? 0.225   1.142   -7.852  1.00 38.17  ? 68  TRP A CD1 1 
ATOM   596  C  CD2 . TRP A 1 74  ? 1.039   1.837   -9.807  1.00 41.86  ? 68  TRP A CD2 1 
ATOM   597  N  NE1 . TRP A 1 74  ? 0.342   0.044   -8.665  1.00 38.51  ? 68  TRP A NE1 1 
ATOM   598  C  CE2 . TRP A 1 74  ? 0.833   0.444   -9.878  1.00 45.25  ? 68  TRP A CE2 1 
ATOM   599  C  CE3 . TRP A 1 74  ? 1.536   2.505   -10.930 1.00 41.84  ? 68  TRP A CE3 1 
ATOM   600  C  CZ2 . TRP A 1 74  ? 1.104   -0.299  -11.032 1.00 41.05  ? 68  TRP A CZ2 1 
ATOM   601  C  CZ3 . TRP A 1 74  ? 1.816   1.769   -12.066 1.00 46.17  ? 68  TRP A CZ3 1 
ATOM   602  C  CH2 . TRP A 1 74  ? 1.605   0.382   -12.109 1.00 45.93  ? 68  TRP A CH2 1 
ATOM   603  N  N   . VAL A 1 75  ? 2.010   6.071   -6.256  1.00 40.08  ? 69  VAL A N   1 
ATOM   604  C  CA  . VAL A 1 75  ? 2.494   7.434   -6.102  1.00 34.95  ? 69  VAL A CA  1 
ATOM   605  C  C   . VAL A 1 75  ? 3.967   7.488   -5.728  1.00 39.91  ? 69  VAL A C   1 
ATOM   606  O  O   . VAL A 1 75  ? 4.722   8.269   -6.290  1.00 45.70  ? 69  VAL A O   1 
ATOM   607  C  CB  . VAL A 1 75  ? 1.685   8.219   -5.078  1.00 37.23  ? 69  VAL A CB  1 
ATOM   608  C  CG1 . VAL A 1 75  ? 2.242   9.639   -4.968  1.00 36.23  ? 69  VAL A CG1 1 
ATOM   609  C  CG2 . VAL A 1 75  ? 0.195   8.215   -5.488  1.00 28.19  ? 69  VAL A CG2 1 
ATOM   610  N  N   . ALA A 1 76  ? 4.384   6.652   -4.788  1.00 40.28  ? 70  ALA A N   1 
ATOM   611  C  CA  . ALA A 1 76  ? 5.778   6.638   -4.377  1.00 40.50  ? 70  ALA A CA  1 
ATOM   612  C  C   . ALA A 1 76  ? 6.688   6.214   -5.526  1.00 38.94  ? 70  ALA A C   1 
ATOM   613  O  O   . ALA A 1 76  ? 7.720   6.818   -5.749  1.00 40.21  ? 70  ALA A O   1 
ATOM   614  C  CB  . ALA A 1 76  ? 5.987   5.709   -3.166  1.00 36.87  ? 70  ALA A CB  1 
ATOM   615  N  N   . GLY A 1 77  ? 6.304   5.154   -6.225  1.00 35.97  ? 71  GLY A N   1 
ATOM   616  C  CA  . GLY A 1 77  ? 7.117   4.578   -7.271  1.00 38.66  ? 71  GLY A CA  1 
ATOM   617  C  C   . GLY A 1 77  ? 7.176   5.425   -8.533  1.00 39.41  ? 71  GLY A C   1 
ATOM   618  O  O   . GLY A 1 77  ? 8.086   5.271   -9.328  1.00 45.46  ? 71  GLY A O   1 
ATOM   619  N  N   . ILE A 1 78  ? 6.191   6.295   -8.722  1.00 38.49  ? 72  ILE A N   1 
ATOM   620  C  CA  . ILE A 1 78  ? 6.167   7.214   -9.843  1.00 42.31  ? 72  ILE A CA  1 
ATOM   621  C  C   . ILE A 1 78  ? 6.803   8.584   -9.514  1.00 45.81  ? 72  ILE A C   1 
ATOM   622  O  O   . ILE A 1 78  ? 7.418   9.210   -10.362 1.00 49.08  ? 72  ILE A O   1 
ATOM   623  C  CB  . ILE A 1 78  ? 4.747   7.354   -10.362 1.00 41.57  ? 72  ILE A CB  1 
ATOM   624  C  CG1 . ILE A 1 78  ? 4.369   6.059   -11.081 1.00 47.05  ? 72  ILE A CG1 1 
ATOM   625  C  CG2 . ILE A 1 78  ? 4.591   8.560   -11.299 1.00 42.88  ? 72  ILE A CG2 1 
ATOM   626  C  CD1 . ILE A 1 78  ? 3.048   6.121   -11.720 1.00 52.85  ? 72  ILE A CD1 1 
ATOM   627  N  N   . PHE A 1 79  ? 6.699   9.016   -8.265  1.00 43.65  ? 73  PHE A N   1 
ATOM   628  C  CA  . PHE A 1 79  ? 7.207   10.320  -7.885  1.00 44.10  ? 73  PHE A CA  1 
ATOM   629  C  C   . PHE A 1 79  ? 8.509   10.277  -7.105  1.00 43.24  ? 73  PHE A C   1 
ATOM   630  O  O   . PHE A 1 79  ? 9.121   11.316  -6.895  1.00 49.22  ? 73  PHE A O   1 
ATOM   631  C  CB  . PHE A 1 79  ? 6.141   11.142  -7.156  1.00 42.06  ? 73  PHE A CB  1 
ATOM   632  C  CG  . PHE A 1 79  ? 5.079   11.679  -8.076  1.00 42.01  ? 73  PHE A CG  1 
ATOM   633  C  CD1 . PHE A 1 79  ? 5.277   12.880  -8.759  1.00 46.62  ? 73  PHE A CD1 1 
ATOM   634  C  CD2 . PHE A 1 79  ? 3.912   10.971  -8.300  1.00 38.49  ? 73  PHE A CD2 1 
ATOM   635  C  CE1 . PHE A 1 79  ? 4.320   13.383  -9.625  1.00 35.96  ? 73  PHE A CE1 1 
ATOM   636  C  CE2 . PHE A 1 79  ? 2.938   11.466  -9.158  1.00 38.08  ? 73  PHE A CE2 1 
ATOM   637  C  CZ  . PHE A 1 79  ? 3.146   12.673  -9.826  1.00 43.76  ? 73  PHE A CZ  1 
ATOM   638  N  N   . PHE A 1 80  ? 8.958   9.085   -6.716  1.00 39.29  ? 74  PHE A N   1 
ATOM   639  C  CA  . PHE A 1 80  ? 10.185  8.980   -5.940  1.00 38.26  ? 74  PHE A CA  1 
ATOM   640  C  C   . PHE A 1 80  ? 11.226  8.036   -6.543  1.00 46.51  ? 74  PHE A C   1 
ATOM   641  O  O   . PHE A 1 80  ? 12.337  8.453   -6.849  1.00 49.85  ? 74  PHE A O   1 
ATOM   642  C  CB  . PHE A 1 80  ? 9.891   8.586   -4.484  1.00 45.61  ? 74  PHE A CB  1 
ATOM   643  C  CG  . PHE A 1 80  ? 11.101  8.643   -3.596  1.00 43.76  ? 74  PHE A CG  1 
ATOM   644  C  CD1 . PHE A 1 80  ? 11.387  9.787   -2.872  1.00 42.68  ? 74  PHE A CD1 1 
ATOM   645  C  CD2 . PHE A 1 80  ? 11.970  7.570   -3.517  1.00 48.80  ? 74  PHE A CD2 1 
ATOM   646  C  CE1 . PHE A 1 80  ? 12.501  9.850   -2.076  1.00 50.79  ? 74  PHE A CE1 1 
ATOM   647  C  CE2 . PHE A 1 80  ? 13.097  7.629   -2.721  1.00 53.09  ? 74  PHE A CE2 1 
ATOM   648  C  CZ  . PHE A 1 80  ? 13.361  8.767   -2.001  1.00 51.17  ? 74  PHE A CZ  1 
ATOM   649  N  N   . HIS A 1 81  ? 10.879  6.761   -6.686  1.00 42.07  ? 75  HIS A N   1 
ATOM   650  C  CA  . HIS A 1 81  ? 11.806  5.777   -7.211  1.00 40.35  ? 75  HIS A CA  1 
ATOM   651  C  C   . HIS A 1 81  ? 11.066  4.461   -7.293  1.00 48.97  ? 75  HIS A C   1 
ATOM   652  O  O   . HIS A 1 81  ? 10.510  4.002   -6.297  1.00 46.60  ? 75  HIS A O   1 
ATOM   653  C  CB  . HIS A 1 81  ? 13.016  5.635   -6.284  1.00 48.87  ? 75  HIS A CB  1 
ATOM   654  C  CG  . HIS A 1 81  ? 14.131  4.828   -6.864  1.00 47.58  ? 75  HIS A CG  1 
ATOM   655  N  ND1 . HIS A 1 81  ? 14.197  3.455   -6.748  1.00 51.20  ? 75  HIS A ND1 1 
ATOM   656  C  CD2 . HIS A 1 81  ? 15.224  5.198   -7.574  1.00 47.62  ? 75  HIS A CD2 1 
ATOM   657  C  CE1 . HIS A 1 81  ? 15.285  3.016   -7.358  1.00 52.50  ? 75  HIS A CE1 1 
ATOM   658  N  NE2 . HIS A 1 81  ? 15.923  4.055   -7.870  1.00 49.81  ? 75  HIS A NE2 1 
ATOM   659  N  N   . GLU A 1 82  ? 11.058  3.860   -8.476  1.00 45.51  ? 76  GLU A N   1 
ATOM   660  C  CA  . GLU A 1 82  ? 10.313  2.647   -8.693  1.00 45.96  ? 76  GLU A CA  1 
ATOM   661  C  C   . GLU A 1 82  ? 10.820  1.487   -7.849  1.00 50.94  ? 76  GLU A C   1 
ATOM   662  O  O   . GLU A 1 82  ? 10.023  0.750   -7.278  1.00 45.00  ? 76  GLU A O   1 
ATOM   663  C  CB  . GLU A 1 82  ? 10.347  2.229   -10.154 1.00 37.55  ? 76  GLU A CB  1 
ATOM   664  C  CG  . GLU A 1 82  ? 9.138   1.376   -10.499 1.00 45.58  ? 76  GLU A CG  1 
ATOM   665  C  CD  . GLU A 1 82  ? 9.375   0.403   -11.623 1.00 54.05  ? 76  GLU A CD  1 
ATOM   666  O  OE1 . GLU A 1 82  ? 10.483  0.400   -12.205 1.00 57.34  ? 76  GLU A OE1 1 
ATOM   667  O  OE2 . GLU A 1 82  ? 8.439   -0.371  -11.925 1.00 54.16  ? 76  GLU A OE2 1 
ATOM   668  N  N   . GLY A 1 83  ? 12.140  1.314   -7.807  1.00 51.09  ? 77  GLY A N   1 
ATOM   669  C  CA  . GLY A 1 83  ? 12.760  0.175   -7.152  1.00 43.33  ? 77  GLY A CA  1 
ATOM   670  C  C   . GLY A 1 83  ? 12.561  0.216   -5.650  1.00 53.06  ? 77  GLY A C   1 
ATOM   671  O  O   . GLY A 1 83  ? 12.201  -0.787  -5.029  1.00 52.16  ? 77  GLY A O   1 
ATOM   672  N  N   . ALA A 1 84  ? 12.796  1.387   -5.070  1.00 48.43  ? 78  ALA A N   1 
ATOM   673  C  CA  . ALA A 1 84  ? 12.601  1.603   -3.648  1.00 49.41  ? 78  ALA A CA  1 
ATOM   674  C  C   . ALA A 1 84  ? 11.165  1.298   -3.243  1.00 55.93  ? 78  ALA A C   1 
ATOM   675  O  O   . ALA A 1 84  ? 10.934  0.631   -2.237  1.00 51.65  ? 78  ALA A O   1 
ATOM   676  C  CB  . ALA A 1 84  ? 12.938  3.036   -3.284  1.00 47.55  ? 78  ALA A CB  1 
ATOM   677  N  N   . ALA A 1 85  ? 10.208  1.804   -4.023  1.00 49.33  ? 79  ALA A N   1 
ATOM   678  C  CA  . ALA A 1 85  ? 8.810   1.632   -3.701  1.00 47.99  ? 79  ALA A CA  1 
ATOM   679  C  C   . ALA A 1 85  ? 8.432   0.160   -3.814  1.00 49.98  ? 79  ALA A C   1 
ATOM   680  O  O   . ALA A 1 85  ? 7.699   -0.353  -2.984  1.00 46.98  ? 79  ALA A O   1 
ATOM   681  C  CB  . ALA A 1 85  ? 7.937   2.479   -4.591  1.00 39.44  ? 79  ALA A CB  1 
ATOM   682  N  N   . ALA A 1 86  ? 8.948   -0.508  -4.839  1.00 49.51  ? 80  ALA A N   1 
ATOM   683  C  CA  . ALA A 1 86  ? 8.687   -1.920  -5.047  1.00 44.94  ? 80  ALA A CA  1 
ATOM   684  C  C   . ALA A 1 86  ? 9.232   -2.765  -3.898  1.00 54.17  ? 80  ALA A C   1 
ATOM   685  O  O   . ALA A 1 86  ? 8.702   -3.836  -3.599  1.00 50.55  ? 80  ALA A O   1 
ATOM   686  C  CB  . ALA A 1 86  ? 9.296   -2.375  -6.342  1.00 41.11  ? 80  ALA A CB  1 
ATOM   687  N  N   . LEU A 1 87  ? 10.304  -2.287  -3.278  1.00 52.38  ? 81  LEU A N   1 
ATOM   688  C  CA  . LEU A 1 87  ? 10.992  -3.032  -2.235  1.00 54.28  ? 81  LEU A CA  1 
ATOM   689  C  C   . LEU A 1 87  ? 10.188  -2.930  -0.951  1.00 56.44  ? 81  LEU A C   1 
ATOM   690  O  O   . LEU A 1 87  ? 9.892   -3.945  -0.313  1.00 55.10  ? 81  LEU A O   1 
ATOM   691  C  CB  . LEU A 1 87  ? 12.392  -2.464  -2.004  1.00 52.87  ? 81  LEU A CB  1 
ATOM   692  C  CG  . LEU A 1 87  ? 13.604  -3.366  -2.271  1.00 66.27  ? 81  LEU A CG  1 
ATOM   693  C  CD1 . LEU A 1 87  ? 14.499  -3.415  -1.039  1.00 58.28  ? 81  LEU A CD1 1 
ATOM   694  C  CD2 . LEU A 1 87  ? 13.208  -4.774  -2.709  1.00 60.03  ? 81  LEU A CD2 1 
ATOM   695  N  N   . CYS A 1 88  ? 9.849   -1.698  -0.579  1.00 47.11  ? 82  CYS A N   1 
ATOM   696  C  CA  . CYS A 1 88  ? 8.933   -1.453  0.519   1.00 50.87  ? 82  CYS A CA  1 
ATOM   697  C  C   . CYS A 1 88  ? 7.632   -2.238  0.312   1.00 54.12  ? 82  CYS A C   1 
ATOM   698  O  O   . CYS A 1 88  ? 7.095   -2.807  1.258   1.00 55.48  ? 82  CYS A O   1 
ATOM   699  C  CB  . CYS A 1 88  ? 8.601   0.025   0.624   1.00 45.99  ? 82  CYS A CB  1 
ATOM   700  S  SG  . CYS A 1 88  ? 9.962   1.107   0.951   1.00 63.64  ? 82  CYS A SG  1 
ATOM   701  N  N   . GLY A 1 89  ? 7.139   -2.267  -0.924  1.00 45.22  ? 83  GLY A N   1 
ATOM   702  C  CA  . GLY A 1 89  ? 5.975   -3.057  -1.267  1.00 48.13  ? 83  GLY A CA  1 
ATOM   703  C  C   . GLY A 1 89  ? 6.129   -4.533  -0.923  1.00 50.96  ? 83  GLY A C   1 
ATOM   704  O  O   . GLY A 1 89  ? 5.205   -5.159  -0.394  1.00 49.40  ? 83  GLY A O   1 
ATOM   705  N  N   . LEU A 1 90  ? 7.291   -5.095  -1.240  1.00 50.94  ? 84  LEU A N   1 
ATOM   706  C  CA  . LEU A 1 90  ? 7.596   -6.482  -0.911  1.00 51.77  ? 84  LEU A CA  1 
ATOM   707  C  C   . LEU A 1 90  ? 7.533   -6.718  0.589   1.00 53.98  ? 84  LEU A C   1 
ATOM   708  O  O   . LEU A 1 90  ? 6.902   -7.659  1.058   1.00 51.68  ? 84  LEU A O   1 
ATOM   709  C  CB  . LEU A 1 90  ? 8.995   -6.849  -1.382  1.00 52.38  ? 84  LEU A CB  1 
ATOM   710  C  CG  . LEU A 1 90  ? 9.142   -7.551  -2.719  1.00 58.32  ? 84  LEU A CG  1 
ATOM   711  C  CD1 . LEU A 1 90  ? 10.294  -8.540  -2.621  1.00 64.71  ? 84  LEU A CD1 1 
ATOM   712  C  CD2 . LEU A 1 90  ? 7.849   -8.239  -3.114  1.00 54.46  ? 84  LEU A CD2 1 
ATOM   713  N  N   . VAL A 1 91  ? 8.222   -5.863  1.328   1.00 50.79  ? 85  VAL A N   1 
ATOM   714  C  CA  . VAL A 1 91  ? 8.263   -5.964  2.769   1.00 57.37  ? 85  VAL A CA  1 
ATOM   715  C  C   . VAL A 1 91  ? 6.856   -5.869  3.350   1.00 57.04  ? 85  VAL A C   1 
ATOM   716  O  O   . VAL A 1 91  ? 6.503   -6.609  4.273   1.00 60.64  ? 85  VAL A O   1 
ATOM   717  C  CB  . VAL A 1 91  ? 9.157   -4.869  3.369   1.00 56.82  ? 85  VAL A CB  1 
ATOM   718  C  CG1 . VAL A 1 91  ? 8.996   -4.809  4.881   1.00 59.26  ? 85  VAL A CG1 1 
ATOM   719  C  CG2 . VAL A 1 91  ? 10.603  -5.122  2.987   1.00 55.69  ? 85  VAL A CG2 1 
ATOM   720  N  N   . TYR A 1 92  ? 6.058   -4.968  2.792   1.00 52.76  ? 86  TYR A N   1 
ATOM   721  C  CA  . TYR A 1 92  ? 4.697   -4.775  3.253   1.00 50.56  ? 86  TYR A CA  1 
ATOM   722  C  C   . TYR A 1 92  ? 3.890   -6.070  3.104   1.00 51.74  ? 86  TYR A C   1 
ATOM   723  O  O   . TYR A 1 92  ? 3.179   -6.476  4.015   1.00 50.25  ? 86  TYR A O   1 
ATOM   724  C  CB  . TYR A 1 92  ? 4.010   -3.632  2.495   1.00 46.16  ? 86  TYR A CB  1 
ATOM   725  C  CG  . TYR A 1 92  ? 2.545   -3.504  2.864   1.00 45.74  ? 86  TYR A CG  1 
ATOM   726  C  CD1 . TYR A 1 92  ? 2.156   -2.764  3.974   1.00 46.17  ? 86  TYR A CD1 1 
ATOM   727  C  CD2 . TYR A 1 92  ? 1.564   -4.157  2.126   1.00 40.19  ? 86  TYR A CD2 1 
ATOM   728  C  CE1 . TYR A 1 92  ? 0.831   -2.663  4.338   1.00 43.65  ? 86  TYR A CE1 1 
ATOM   729  C  CE2 . TYR A 1 92  ? 0.236   -4.064  2.477   1.00 45.41  ? 86  TYR A CE2 1 
ATOM   730  C  CZ  . TYR A 1 92  ? -0.126  -3.309  3.583   1.00 50.22  ? 86  TYR A CZ  1 
ATOM   731  O  OH  . TYR A 1 92  ? -1.450  -3.217  3.944   1.00 48.76  ? 86  TYR A OH  1 
ATOM   732  N  N   . LEU A 1 93  ? 4.004   -6.709  1.950   1.00 46.80  ? 87  LEU A N   1 
ATOM   733  C  CA  . LEU A 1 93  ? 3.190   -7.871  1.644   1.00 51.47  ? 87  LEU A CA  1 
ATOM   734  C  C   . LEU A 1 93  ? 3.637   -9.107  2.425   1.00 56.29  ? 87  LEU A C   1 
ATOM   735  O  O   . LEU A 1 93  ? 2.839   -9.998  2.736   1.00 47.00  ? 87  LEU A O   1 
ATOM   736  C  CB  . LEU A 1 93  ? 3.252   -8.160  0.142   1.00 49.61  ? 87  LEU A CB  1 
ATOM   737  C  CG  . LEU A 1 93  ? 2.567   -7.111  -0.734  1.00 52.65  ? 87  LEU A CG  1 
ATOM   738  C  CD1 . LEU A 1 93  ? 2.846   -7.411  -2.209  1.00 43.66  ? 87  LEU A CD1 1 
ATOM   739  C  CD2 . LEU A 1 93  ? 1.043   -7.067  -0.429  1.00 39.49  ? 87  LEU A CD2 1 
ATOM   740  N  N   . PHE A 1 94  ? 4.928   -9.167  2.712   1.00 56.53  ? 88  PHE A N   1 
ATOM   741  C  CA  . PHE A 1 94  ? 5.470   -10.273 3.462   1.00 55.65  ? 88  PHE A CA  1 
ATOM   742  C  C   . PHE A 1 94  ? 5.027   -10.131 4.906   1.00 56.74  ? 88  PHE A C   1 
ATOM   743  O  O   . PHE A 1 94  ? 4.563   -11.093 5.525   1.00 53.83  ? 88  PHE A O   1 
ATOM   744  C  CB  . PHE A 1 94  ? 6.992   -10.305 3.362   1.00 59.28  ? 88  PHE A CB  1 
ATOM   745  C  CG  . PHE A 1 94  ? 7.606   -11.450 4.098   1.00 67.06  ? 88  PHE A CG  1 
ATOM   746  C  CD1 . PHE A 1 94  ? 7.104   -12.734 3.938   1.00 66.44  ? 88  PHE A CD1 1 
ATOM   747  C  CD2 . PHE A 1 94  ? 8.670   -11.252 4.963   1.00 70.35  ? 88  PHE A CD2 1 
ATOM   748  C  CE1 . PHE A 1 94  ? 7.655   -13.804 4.629   1.00 68.29  ? 88  PHE A CE1 1 
ATOM   749  C  CE2 . PHE A 1 94  ? 9.227   -12.320 5.658   1.00 70.75  ? 88  PHE A CE2 1 
ATOM   750  C  CZ  . PHE A 1 94  ? 8.717   -13.597 5.487   1.00 68.40  ? 88  PHE A CZ  1 
ATOM   751  N  N   . ALA A 1 95  ? 5.162   -8.916  5.429   1.00 52.36  ? 89  ALA A N   1 
ATOM   752  C  CA  . ALA A 1 95  ? 4.662   -8.600  6.750   1.00 52.32  ? 89  ALA A CA  1 
ATOM   753  C  C   . ALA A 1 95  ? 3.178   -8.967  6.851   1.00 59.89  ? 89  ALA A C   1 
ATOM   754  O  O   . ALA A 1 95  ? 2.738   -9.530  7.856   1.00 60.20  ? 89  ALA A O   1 
ATOM   755  C  CB  . ALA A 1 95  ? 4.869   -7.136  7.051   1.00 52.14  ? 89  ALA A CB  1 
ATOM   756  N  N   . ARG A 1 96  ? 2.416   -8.667  5.800   1.00 51.53  ? 90  ARG A N   1 
ATOM   757  C  CA  . ARG A 1 96  ? 0.988   -8.960  5.781   1.00 52.82  ? 90  ARG A CA  1 
ATOM   758  C  C   . ARG A 1 96  ? 0.674   -10.452 5.762   1.00 49.32  ? 90  ARG A C   1 
ATOM   759  O  O   . ARG A 1 96  ? -0.296  -10.881 6.370   1.00 51.78  ? 90  ARG A O   1 
ATOM   760  C  CB  . ARG A 1 96  ? 0.289   -8.260  4.611   1.00 50.72  ? 90  ARG A CB  1 
ATOM   761  C  CG  . ARG A 1 96  ? 0.022   -6.800  4.865   1.00 50.61  ? 90  ARG A CG  1 
ATOM   762  C  CD  . ARG A 1 96  ? -0.853  -6.630  6.068   1.00 54.96  ? 90  ARG A CD  1 
ATOM   763  N  NE  . ARG A 1 96  ? -1.369  -5.275  6.175   1.00 60.39  ? 90  ARG A NE  1 
ATOM   764  C  CZ  . ARG A 1 96  ? -2.211  -4.879  7.121   1.00 64.46  ? 90  ARG A CZ  1 
ATOM   765  N  NH1 . ARG A 1 96  ? -2.621  -5.747  8.041   1.00 60.54  ? 90  ARG A NH1 1 
ATOM   766  N  NH2 . ARG A 1 96  ? -2.639  -3.619  7.152   1.00 62.56  ? 90  ARG A NH2 1 
ATOM   767  N  N   . LEU A 1 97  ? 1.481   -11.229 5.048   1.00 49.89  ? 91  LEU A N   1 
ATOM   768  C  CA  . LEU A 1 97  ? 1.413   -12.689 5.110   1.00 53.27  ? 91  LEU A CA  1 
ATOM   769  C  C   . LEU A 1 97  ? 1.630   -13.196 6.545   1.00 55.91  ? 91  LEU A C   1 
ATOM   770  O  O   . LEU A 1 97  ? 0.915   -14.086 7.003   1.00 56.86  ? 91  LEU A O   1 
ATOM   771  C  CB  . LEU A 1 97  ? 2.429   -13.321 4.146   1.00 45.82  ? 91  LEU A CB  1 
ATOM   772  C  CG  . LEU A 1 97  ? 2.603   -14.848 4.125   1.00 56.46  ? 91  LEU A CG  1 
ATOM   773  C  CD1 . LEU A 1 97  ? 1.278   -15.593 4.054   1.00 53.00  ? 91  LEU A CD1 1 
ATOM   774  C  CD2 . LEU A 1 97  ? 3.491   -15.287 2.960   1.00 57.55  ? 91  LEU A CD2 1 
ATOM   775  N  N   . ARG A 1 98  ? 2.603   -12.613 7.248   1.00 51.50  ? 92  ARG A N   1 
ATOM   776  C  CA  . ARG A 1 98  ? 2.876   -12.976 8.632   1.00 56.36  ? 92  ARG A CA  1 
ATOM   777  C  C   . ARG A 1 98  ? 1.721   -12.580 9.541   1.00 60.99  ? 92  ARG A C   1 
ATOM   778  O  O   . ARG A 1 98  ? 1.342   -13.337 10.441  1.00 63.01  ? 92  ARG A O   1 
ATOM   779  C  CB  . ARG A 1 98  ? 4.192   -12.349 9.141   1.00 52.91  ? 92  ARG A CB  1 
ATOM   780  C  CG  . ARG A 1 98  ? 5.452   -12.896 8.476   1.00 54.53  ? 92  ARG A CG  1 
ATOM   781  C  CD  . ARG A 1 98  ? 6.738   -12.506 9.222   1.00 64.02  ? 92  ARG A CD  1 
ATOM   782  N  NE  . ARG A 1 98  ? 6.825   -11.098 9.635   1.00 68.40  ? 92  ARG A NE  1 
ATOM   783  C  CZ  . ARG A 1 98  ? 7.386   -10.122 8.910   1.00 70.30  ? 92  ARG A CZ  1 
ATOM   784  N  NH1 . ARG A 1 98  ? 7.896   -10.376 7.711   1.00 65.83  ? 92  ARG A NH1 1 
ATOM   785  N  NH2 . ARG A 1 98  ? 7.436   -8.882  9.380   1.00 62.40  ? 92  ARG A NH2 1 
ATOM   786  N  N   . TYR A 1 99  ? 1.178   -11.386 9.310   1.00 57.02  ? 93  TYR A N   1 
ATOM   787  C  CA  . TYR A 1 99  ? 0.057   -10.874 10.085  1.00 54.52  ? 93  TYR A CA  1 
ATOM   788  C  C   . TYR A 1 99  ? -1.110  -11.866 10.011  1.00 55.51  ? 93  TYR A C   1 
ATOM   789  O  O   . TYR A 1 99  ? -1.696  -12.257 11.028  1.00 51.27  ? 93  TYR A O   1 
ATOM   790  C  CB  . TYR A 1 99  ? -0.329  -9.477  9.567   1.00 54.17  ? 93  TYR A CB  1 
ATOM   791  C  CG  . TYR A 1 99  ? -1.616  -8.897  10.109  1.00 43.85  ? 93  TYR A CG  1 
ATOM   792  C  CD1 . TYR A 1 99  ? -1.629  -8.107  11.253  1.00 50.56  ? 93  TYR A CD1 1 
ATOM   793  C  CD2 . TYR A 1 99  ? -2.817  -9.123  9.461   1.00 48.92  ? 93  TYR A CD2 1 
ATOM   794  C  CE1 . TYR A 1 99  ? -2.818  -7.577  11.749  1.00 49.70  ? 93  TYR A CE1 1 
ATOM   795  C  CE2 . TYR A 1 99  ? -4.010  -8.596  9.946   1.00 53.31  ? 93  TYR A CE2 1 
ATOM   796  C  CZ  . TYR A 1 99  ? -4.002  -7.830  11.085  1.00 49.45  ? 93  TYR A CZ  1 
ATOM   797  O  OH  . TYR A 1 99  ? -5.202  -7.324  11.539  1.00 53.96  ? 93  TYR A OH  1 
ATOM   798  N  N   . PHE A 1 100 ? -1.422  -12.298 8.800   1.00 52.08  ? 94  PHE A N   1 
ATOM   799  C  CA  . PHE A 1 100 ? -2.548  -13.194 8.593   1.00 57.92  ? 94  PHE A CA  1 
ATOM   800  C  C   . PHE A 1 100 ? -2.354  -14.520 9.321   1.00 58.38  ? 94  PHE A C   1 
ATOM   801  O  O   . PHE A 1 100 ? -3.220  -14.954 10.083  1.00 52.98  ? 94  PHE A O   1 
ATOM   802  C  CB  . PHE A 1 100 ? -2.723  -13.466 7.111   1.00 51.58  ? 94  PHE A CB  1 
ATOM   803  C  CG  . PHE A 1 100 ? -3.915  -14.297 6.796   1.00 49.47  ? 94  PHE A CG  1 
ATOM   804  C  CD1 . PHE A 1 100 ? -5.181  -13.733 6.796   1.00 53.75  ? 94  PHE A CD1 1 
ATOM   805  C  CD2 . PHE A 1 100 ? -3.778  -15.637 6.490   1.00 47.76  ? 94  PHE A CD2 1 
ATOM   806  C  CE1 . PHE A 1 100 ? -6.296  -14.500 6.498   1.00 51.85  ? 94  PHE A CE1 1 
ATOM   807  C  CE2 . PHE A 1 100 ? -4.876  -16.407 6.192   1.00 52.77  ? 94  PHE A CE2 1 
ATOM   808  C  CZ  . PHE A 1 100 ? -6.141  -15.838 6.194   1.00 55.09  ? 94  PHE A CZ  1 
ATOM   809  N  N   . GLN A 1 101 ? -1.215  -15.153 9.049   1.00 60.24  ? 95  GLN A N   1 
ATOM   810  C  CA  . GLN A 1 101 ? -0.830  -16.421 9.646   1.00 61.21  ? 95  GLN A CA  1 
ATOM   811  C  C   . GLN A 1 101 ? -0.815  -16.372 11.171  1.00 65.31  ? 95  GLN A C   1 
ATOM   812  O  O   . GLN A 1 101 ? -1.294  -17.299 11.832  1.00 65.37  ? 95  GLN A O   1 
ATOM   813  C  CB  . GLN A 1 101 ? 0.544   -16.827 9.128   1.00 59.06  ? 95  GLN A CB  1 
ATOM   814  C  CG  . GLN A 1 101 ? 0.508   -17.336 7.711   1.00 61.14  ? 95  GLN A CG  1 
ATOM   815  C  CD  . GLN A 1 101 ? 1.887   -17.650 7.176   1.00 63.83  ? 95  GLN A CD  1 
ATOM   816  O  OE1 . GLN A 1 101 ? 2.892   -17.136 7.672   1.00 66.43  ? 95  GLN A OE1 1 
ATOM   817  N  NE2 . GLN A 1 101 ? 1.943   -18.494 6.152   1.00 69.75  ? 95  GLN A NE2 1 
ATOM   818  N  N   . GLY A 1 102 ? -0.279  -15.289 11.721  1.00 59.00  ? 96  GLY A N   1 
ATOM   819  C  CA  . GLY A 1 102 ? -0.221  -15.124 13.160  1.00 61.07  ? 96  GLY A CA  1 
ATOM   820  C  C   . GLY A 1 102 ? -1.593  -14.972 13.794  1.00 59.51  ? 96  GLY A C   1 
ATOM   821  O  O   . GLY A 1 102 ? -1.925  -15.650 14.764  1.00 60.48  ? 96  GLY A O   1 
ATOM   822  N  N   . TYR A 1 103 ? -2.385  -14.065 13.237  1.00 59.06  ? 97  TYR A N   1 
ATOM   823  C  CA  . TYR A 1 103 ? -3.714  -13.757 13.740  1.00 54.67  ? 97  TYR A CA  1 
ATOM   824  C  C   . TYR A 1 103 ? -4.561  -15.024 13.725  1.00 59.62  ? 97  TYR A C   1 
ATOM   825  O  O   . TYR A 1 103 ? -5.361  -15.244 14.629  1.00 57.07  ? 97  TYR A O   1 
ATOM   826  C  CB  . TYR A 1 103 ? -4.357  -12.678 12.867  1.00 55.38  ? 97  TYR A CB  1 
ATOM   827  C  CG  . TYR A 1 103 ? -5.487  -11.891 13.496  1.00 58.46  ? 97  TYR A CG  1 
ATOM   828  C  CD1 . TYR A 1 103 ? -6.000  -12.218 14.753  1.00 61.86  ? 97  TYR A CD1 1 
ATOM   829  C  CD2 . TYR A 1 103 ? -6.046  -10.814 12.824  1.00 54.65  ? 97  TYR A CD2 1 
ATOM   830  C  CE1 . TYR A 1 103 ? -7.048  -11.474 15.317  1.00 57.49  ? 97  TYR A CE1 1 
ATOM   831  C  CE2 . TYR A 1 103 ? -7.076  -10.072 13.368  1.00 61.83  ? 97  TYR A CE2 1 
ATOM   832  C  CZ  . TYR A 1 103 ? -7.582  -10.405 14.612  1.00 64.46  ? 97  TYR A CZ  1 
ATOM   833  O  OH  . TYR A 1 103 ? -8.609  -9.651  15.133  1.00 62.06  ? 97  TYR A OH  1 
ATOM   834  N  N   . ALA A 1 104 ? -4.376  -15.852 12.699  1.00 53.68  ? 98  ALA A N   1 
ATOM   835  C  CA  . ALA A 1 104 ? -5.082  -17.125 12.621  1.00 61.94  ? 98  ALA A CA  1 
ATOM   836  C  C   . ALA A 1 104 ? -4.753  -18.006 13.842  1.00 65.36  ? 98  ALA A C   1 
ATOM   837  O  O   . ALA A 1 104 ? -5.614  -18.739 14.341  1.00 61.26  ? 98  ALA A O   1 
ATOM   838  C  CB  . ALA A 1 104 ? -4.754  -17.856 11.311  1.00 47.51  ? 98  ALA A CB  1 
ATOM   839  N  N   . ARG A 1 105 ? -3.512  -17.930 14.314  1.00 58.91  ? 99  ARG A N   1 
ATOM   840  C  CA  . ARG A 1 105 ? -3.111  -18.670 15.502  1.00 59.19  ? 99  ARG A CA  1 
ATOM   841  C  C   . ARG A 1 105 ? -3.568  -17.936 16.752  1.00 58.95  ? 99  ARG A C   1 
ATOM   842  O  O   . ARG A 1 105 ? -4.097  -18.544 17.683  1.00 65.67  ? 99  ARG A O   1 
ATOM   843  C  CB  . ARG A 1 105 ? -1.594  -18.883 15.556  1.00 61.27  ? 99  ARG A CB  1 
ATOM   844  C  CG  . ARG A 1 105 ? -1.031  -19.796 14.476  1.00 62.25  ? 99  ARG A CG  1 
ATOM   845  C  CD  . ARG A 1 105 ? 0.477   -20.052 14.693  1.00 76.85  ? 99  ARG A CD  1 
ATOM   846  N  NE  . ARG A 1 105 ? 1.257   -18.812 14.780  1.00 82.09  ? 99  ARG A NE  1 
ATOM   847  C  CZ  . ARG A 1 105 ? 1.812   -18.191 13.737  1.00 84.09  ? 99  ARG A CZ  1 
ATOM   848  N  NH1 . ARG A 1 105 ? 1.682   -18.697 12.514  1.00 79.79  ? 99  ARG A NH1 1 
ATOM   849  N  NH2 . ARG A 1 105 ? 2.498   -17.060 13.913  1.00 72.81  ? 99  ARG A NH2 1 
ATOM   850  N  N   . SER A 1 106 ? -3.380  -16.625 16.774  1.00 59.69  ? 100 SER A N   1 
ATOM   851  C  CA  . SER A 1 106 ? -3.614  -15.867 17.993  1.00 57.21  ? 100 SER A CA  1 
ATOM   852  C  C   . SER A 1 106 ? -3.771  -14.381 17.695  1.00 59.88  ? 100 SER A C   1 
ATOM   853  O  O   . SER A 1 106 ? -3.150  -13.869 16.762  1.00 59.36  ? 100 SER A O   1 
ATOM   854  C  CB  . SER A 1 106 ? -2.428  -16.089 18.937  1.00 56.92  ? 100 SER A CB  1 
ATOM   855  O  OG  . SER A 1 106 ? -2.249  -14.989 19.813  1.00 61.20  ? 100 SER A OG  1 
ATOM   856  N  N   . ALA A 1 107 ? -4.585  -13.682 18.483  1.00 54.92  ? 101 ALA A N   1 
ATOM   857  C  CA  . ALA A 1 107 ? -4.668  -12.236 18.341  1.00 56.03  ? 101 ALA A CA  1 
ATOM   858  C  C   . ALA A 1 107 ? -3.307  -11.610 18.584  1.00 64.98  ? 101 ALA A C   1 
ATOM   859  O  O   . ALA A 1 107 ? -2.862  -10.734 17.835  1.00 61.29  ? 101 ALA A O   1 
ATOM   860  C  CB  . ALA A 1 107 ? -5.681  -11.646 19.284  1.00 52.79  ? 101 ALA A CB  1 
ATOM   861  N  N   . GLN A 1 108 ? -2.640  -12.066 19.635  1.00 57.23  ? 102 GLN A N   1 
ATOM   862  C  CA  . GLN A 1 108 ? -1.381  -11.468 20.042  1.00 58.15  ? 102 GLN A CA  1 
ATOM   863  C  C   . GLN A 1 108 ? -0.249  -11.791 19.043  1.00 55.13  ? 102 GLN A C   1 
ATOM   864  O  O   . GLN A 1 108 ? 0.752   -11.093 18.974  1.00 54.17  ? 102 GLN A O   1 
ATOM   865  C  CB  . GLN A 1 108 ? -1.042  -11.953 21.461  1.00 60.54  ? 102 GLN A CB  1 
ATOM   866  C  CG  . GLN A 1 108 ? 0.069   -11.192 22.162  1.00 52.87  ? 102 GLN A CG  1 
ATOM   867  C  CD  . GLN A 1 108 ? 1.425   -11.716 21.780  1.00 56.39  ? 102 GLN A CD  1 
ATOM   868  O  OE1 . GLN A 1 108 ? 1.549   -12.860 21.340  1.00 57.62  ? 102 GLN A OE1 1 
ATOM   869  N  NE2 . GLN A 1 108 ? 2.454   -10.884 21.924  1.00 62.42  ? 102 GLN A NE2 1 
ATOM   870  N  N   . LEU A 1 109 ? -0.414  -12.866 18.279  1.00 56.04  ? 103 LEU A N   1 
ATOM   871  C  CA  . LEU A 1 109 ? 0.576   -13.268 17.290  1.00 56.85  ? 103 LEU A CA  1 
ATOM   872  C  C   . LEU A 1 109 ? 0.378   -12.494 15.965  1.00 67.25  ? 103 LEU A C   1 
ATOM   873  O  O   . LEU A 1 109 ? 0.990   -12.818 14.943  1.00 64.75  ? 103 LEU A O   1 
ATOM   874  C  CB  . LEU A 1 109 ? 0.499   -14.776 17.049  1.00 53.87  ? 103 LEU A CB  1 
ATOM   875  C  CG  . LEU A 1 109 ? 1.761   -15.625 17.283  1.00 65.06  ? 103 LEU A CG  1 
ATOM   876  C  CD1 . LEU A 1 109 ? 2.681   -15.022 18.334  1.00 54.53  ? 103 LEU A CD1 1 
ATOM   877  C  CD2 . LEU A 1 109 ? 1.395   -17.058 17.666  1.00 59.99  ? 103 LEU A CD2 1 
ATOM   878  N  N   . ARG A 1 110 ? -0.474  -11.473 15.991  1.00 56.22  ? 104 ARG A N   1 
ATOM   879  C  CA  . ARG A 1 110 ? -0.679  -10.628 14.834  1.00 64.16  ? 104 ARG A CA  1 
ATOM   880  C  C   . ARG A 1 110 ? 0.084   -9.310  15.004  1.00 67.16  ? 104 ARG A C   1 
ATOM   881  O  O   . ARG A 1 110 ? 0.367   -8.619  14.026  1.00 60.20  ? 104 ARG A O   1 
ATOM   882  C  CB  . ARG A 1 110 ? -2.172  -10.352 14.622  1.00 55.48  ? 104 ARG A CB  1 
ATOM   883  C  CG  . ARG A 1 110 ? -2.623  -8.995  15.146  1.00 49.00  ? 104 ARG A CG  1 
ATOM   884  C  CD  . ARG A 1 110 ? -4.128  -8.876  15.155  1.00 48.18  ? 104 ARG A CD  1 
ATOM   885  N  NE  . ARG A 1 110 ? -4.536  -7.560  15.633  1.00 57.90  ? 104 ARG A NE  1 
ATOM   886  C  CZ  . ARG A 1 110 ? -4.610  -7.213  16.916  1.00 66.07  ? 104 ARG A CZ  1 
ATOM   887  N  NH1 . ARG A 1 110 ? -4.989  -5.986  17.238  1.00 54.87  ? 104 ARG A NH1 1 
ATOM   888  N  NH2 . ARG A 1 110 ? -4.299  -8.087  17.875  1.00 61.19  ? 104 ARG A NH2 1 
ATOM   889  N  N   . LEU A 1 111 ? 0.433   -8.980  16.247  1.00 63.42  ? 105 LEU A N   1 
ATOM   890  C  CA  . LEU A 1 111 ? 0.954   -7.650  16.567  1.00 63.79  ? 105 LEU A CA  1 
ATOM   891  C  C   . LEU A 1 111 ? 2.297   -7.281  15.928  1.00 64.39  ? 105 LEU A C   1 
ATOM   892  O  O   . LEU A 1 111 ? 2.436   -6.192  15.375  1.00 65.09  ? 105 LEU A O   1 
ATOM   893  C  CB  . LEU A 1 111 ? 1.024   -7.450  18.082  1.00 62.20  ? 105 LEU A CB  1 
ATOM   894  C  CG  . LEU A 1 111 ? -0.161  -6.743  18.753  1.00 71.49  ? 105 LEU A CG  1 
ATOM   895  C  CD1 . LEU A 1 111 ? -1.312  -6.529  17.783  1.00 62.87  ? 105 LEU A CD1 1 
ATOM   896  C  CD2 . LEU A 1 111 ? -0.626  -7.513  20.003  1.00 57.84  ? 105 LEU A CD2 1 
ATOM   897  N  N   . ALA A 1 112 ? 3.290   -8.158  16.027  1.00 62.41  ? 106 ALA A N   1 
ATOM   898  C  CA  . ALA A 1 112 ? 4.616   -7.829  15.495  1.00 65.51  ? 106 ALA A CA  1 
ATOM   899  C  C   . ALA A 1 112 ? 4.625   -7.692  13.969  1.00 60.36  ? 106 ALA A C   1 
ATOM   900  O  O   . ALA A 1 112 ? 5.131   -6.700  13.455  1.00 58.71  ? 106 ALA A O   1 
ATOM   901  C  CB  . ALA A 1 112 ? 5.696   -8.815  15.981  1.00 53.07  ? 106 ALA A CB  1 
ATOM   902  N  N   . PRO A 1 113 ? 4.068   -8.683  13.241  1.00 60.50  ? 107 PRO A N   1 
ATOM   903  C  CA  . PRO A 1 113 ? 3.926   -8.442  11.799  1.00 59.43  ? 107 PRO A CA  1 
ATOM   904  C  C   . PRO A 1 113 ? 3.027   -7.239  11.454  1.00 62.23  ? 107 PRO A C   1 
ATOM   905  O  O   . PRO A 1 113 ? 3.210   -6.645  10.388  1.00 62.45  ? 107 PRO A O   1 
ATOM   906  C  CB  . PRO A 1 113 ? 3.331   -9.752  11.266  1.00 65.46  ? 107 PRO A CB  1 
ATOM   907  C  CG  . PRO A 1 113 ? 2.873   -10.522 12.474  1.00 61.68  ? 107 PRO A CG  1 
ATOM   908  C  CD  . PRO A 1 113 ? 3.740   -10.075 13.599  1.00 58.40  ? 107 PRO A CD  1 
ATOM   909  N  N   . LEU A 1 114 ? 2.099   -6.861  12.328  1.00 56.44  ? 108 LEU A N   1 
ATOM   910  C  CA  . LEU A 1 114 ? 1.352   -5.632  12.090  1.00 59.70  ? 108 LEU A CA  1 
ATOM   911  C  C   . LEU A 1 114 ? 2.268   -4.405  12.164  1.00 61.33  ? 108 LEU A C   1 
ATOM   912  O  O   . LEU A 1 114 ? 2.139   -3.475  11.364  1.00 62.71  ? 108 LEU A O   1 
ATOM   913  C  CB  . LEU A 1 114 ? 0.176   -5.471  13.051  1.00 52.54  ? 108 LEU A CB  1 
ATOM   914  C  CG  . LEU A 1 114 ? -0.612  -4.173  12.856  1.00 55.73  ? 108 LEU A CG  1 
ATOM   915  C  CD1 . LEU A 1 114 ? -1.269  -4.150  11.473  1.00 54.48  ? 108 LEU A CD1 1 
ATOM   916  C  CD2 . LEU A 1 114 ? -1.638  -3.946  13.950  1.00 56.75  ? 108 LEU A CD2 1 
ATOM   917  N  N   . TYR A 1 115 ? 3.185   -4.405  13.123  1.00 60.09  ? 109 TYR A N   1 
ATOM   918  C  CA  . TYR A 1 115 ? 4.101   -3.283  13.296  1.00 63.06  ? 109 TYR A CA  1 
ATOM   919  C  C   . TYR A 1 115 ? 5.089   -3.196  12.135  1.00 59.10  ? 109 TYR A C   1 
ATOM   920  O  O   . TYR A 1 115 ? 5.507   -2.119  11.743  1.00 58.61  ? 109 TYR A O   1 
ATOM   921  C  CB  . TYR A 1 115 ? 4.854   -3.404  14.625  1.00 62.87  ? 109 TYR A CB  1 
ATOM   922  C  CG  . TYR A 1 115 ? 3.936   -3.376  15.817  1.00 72.47  ? 109 TYR A CG  1 
ATOM   923  C  CD1 . TYR A 1 115 ? 2.870   -2.482  15.873  1.00 73.98  ? 109 TYR A CD1 1 
ATOM   924  C  CD2 . TYR A 1 115 ? 4.112   -4.257  16.876  1.00 75.33  ? 109 TYR A CD2 1 
ATOM   925  C  CE1 . TYR A 1 115 ? 2.010   -2.463  16.955  1.00 75.03  ? 109 TYR A CE1 1 
ATOM   926  C  CE2 . TYR A 1 115 ? 3.260   -4.243  17.963  1.00 75.26  ? 109 TYR A CE2 1 
ATOM   927  C  CZ  . TYR A 1 115 ? 2.212   -3.346  17.996  1.00 77.52  ? 109 TYR A CZ  1 
ATOM   928  O  OH  . TYR A 1 115 ? 1.365   -3.333  19.077  1.00 88.83  ? 109 TYR A OH  1 
ATOM   929  N  N   . ALA A 1 116 ? 5.466   -4.345  11.599  1.00 55.05  ? 110 ALA A N   1 
ATOM   930  C  CA  . ALA A 1 116 ? 6.340   -4.372  10.456  1.00 60.14  ? 110 ALA A CA  1 
ATOM   931  C  C   . ALA A 1 116 ? 5.576   -3.766  9.261   1.00 61.69  ? 110 ALA A C   1 
ATOM   932  O  O   . ALA A 1 116 ? 6.035   -2.811  8.625   1.00 63.00  ? 110 ALA A O   1 
ATOM   933  C  CB  . ALA A 1 116 ? 6.785   -5.805  10.187  1.00 52.02  ? 110 ALA A CB  1 
ATOM   934  N  N   . SER A 1 117 ? 4.385   -4.291  9.002   1.00 55.42  ? 111 SER A N   1 
ATOM   935  C  CA  . SER A 1 117 ? 3.539   -3.820  7.917   1.00 53.29  ? 111 SER A CA  1 
ATOM   936  C  C   . SER A 1 117 ? 3.248   -2.318  7.967   1.00 56.09  ? 111 SER A C   1 
ATOM   937  O  O   . SER A 1 117 ? 3.216   -1.652  6.926   1.00 53.71  ? 111 SER A O   1 
ATOM   938  C  CB  . SER A 1 117 ? 2.233   -4.618  7.866   1.00 52.29  ? 111 SER A CB  1 
ATOM   939  O  OG  . SER A 1 117 ? 1.232   -3.994  8.647   1.00 59.64  ? 111 SER A OG  1 
ATOM   940  N  N   . ALA A 1 118 ? 3.037   -1.768  9.158   1.00 54.22  ? 112 ALA A N   1 
ATOM   941  C  CA  . ALA A 1 118 ? 2.758   -0.333  9.238   1.00 53.52  ? 112 ALA A CA  1 
ATOM   942  C  C   . ALA A 1 118 ? 4.014   0.528   9.035   1.00 60.15  ? 112 ALA A C   1 
ATOM   943  O  O   . ALA A 1 118 ? 3.919   1.655   8.555   1.00 58.69  ? 112 ALA A O   1 
ATOM   944  C  CB  . ALA A 1 118 ? 2.076   0.023   10.535  1.00 51.25  ? 112 ALA A CB  1 
ATOM   945  N  N   . ARG A 1 119 ? 5.184   0.015   9.405   1.00 56.94  ? 113 ARG A N   1 
ATOM   946  C  CA  . ARG A 1 119 ? 6.413   0.777   9.187   1.00 65.03  ? 113 ARG A CA  1 
ATOM   947  C  C   . ARG A 1 119 ? 6.700   0.885   7.686   1.00 61.74  ? 113 ARG A C   1 
ATOM   948  O  O   . ARG A 1 119 ? 7.067   1.942   7.187   1.00 55.74  ? 113 ARG A O   1 
ATOM   949  C  CB  . ARG A 1 119 ? 7.601   0.143   9.916   1.00 62.04  ? 113 ARG A CB  1 
ATOM   950  C  CG  . ARG A 1 119 ? 7.613   0.407   11.410  1.00 68.20  ? 113 ARG A CG  1 
ATOM   951  C  CD  . ARG A 1 119 ? 8.948   0.026   12.038  1.00 74.02  ? 113 ARG A CD  1 
ATOM   952  N  NE  . ARG A 1 119 ? 9.260   -1.389  11.856  1.00 78.66  ? 113 ARG A NE  1 
ATOM   953  C  CZ  . ARG A 1 119 ? 8.865   -2.350  12.688  1.00 76.86  ? 113 ARG A CZ  1 
ATOM   954  N  NH1 . ARG A 1 119 ? 8.142   -2.032  13.759  1.00 71.97  ? 113 ARG A NH1 1 
ATOM   955  N  NH2 . ARG A 1 119 ? 9.186   -3.623  12.449  1.00 66.54  ? 113 ARG A NH2 1 
ATOM   956  N  N   . ALA A 1 120 ? 6.525   -0.229  6.988   1.00 55.45  ? 114 ALA A N   1 
ATOM   957  C  CA  . ALA A 1 120 ? 6.690   -0.277  5.554   1.00 54.73  ? 114 ALA A CA  1 
ATOM   958  C  C   . ALA A 1 120 ? 5.673   0.635   4.833   1.00 57.83  ? 114 ALA A C   1 
ATOM   959  O  O   . ALA A 1 120 ? 6.026   1.347   3.888   1.00 54.08  ? 114 ALA A O   1 
ATOM   960  C  CB  . ALA A 1 120 ? 6.572   -1.715  5.077   1.00 49.67  ? 114 ALA A CB  1 
ATOM   961  N  N   . LEU A 1 121 ? 4.425   0.628   5.296   1.00 55.64  ? 115 LEU A N   1 
ATOM   962  C  CA  . LEU A 1 121 ? 3.396   1.490   4.729   1.00 51.39  ? 115 LEU A CA  1 
ATOM   963  C  C   . LEU A 1 121 ? 3.725   2.940   4.993   1.00 56.91  ? 115 LEU A C   1 
ATOM   964  O  O   . LEU A 1 121 ? 3.470   3.814   4.150   1.00 57.93  ? 115 LEU A O   1 
ATOM   965  C  CB  . LEU A 1 121 ? 2.017   1.163   5.288   1.00 50.68  ? 115 LEU A CB  1 
ATOM   966  C  CG  . LEU A 1 121 ? 0.865   1.931   4.637   1.00 59.64  ? 115 LEU A CG  1 
ATOM   967  C  CD1 . LEU A 1 121 ? 0.861   1.717   3.111   1.00 53.02  ? 115 LEU A CD1 1 
ATOM   968  C  CD2 . LEU A 1 121 ? -0.469  1.511   5.227   1.00 54.60  ? 115 LEU A CD2 1 
ATOM   969  N  N   . PHE A 1 122 ? 4.304   3.186   6.163   1.00 54.51  ? 116 PHE A N   1 
ATOM   970  C  CA  . PHE A 1 122 ? 4.717   4.523   6.552   1.00 55.05  ? 116 PHE A CA  1 
ATOM   971  C  C   . PHE A 1 122 ? 5.853   5.023   5.661   1.00 54.11  ? 116 PHE A C   1 
ATOM   972  O  O   . PHE A 1 122 ? 5.933   6.203   5.327   1.00 51.12  ? 116 PHE A O   1 
ATOM   973  C  CB  . PHE A 1 122 ? 5.193   4.547   8.005   1.00 55.33  ? 116 PHE A CB  1 
ATOM   974  C  CG  . PHE A 1 122 ? 5.784   5.867   8.410   1.00 65.04  ? 116 PHE A CG  1 
ATOM   975  C  CD1 . PHE A 1 122 ? 4.958   6.913   8.804   1.00 61.60  ? 116 PHE A CD1 1 
ATOM   976  C  CD2 . PHE A 1 122 ? 7.163   6.075   8.370   1.00 61.55  ? 116 PHE A CD2 1 
ATOM   977  C  CE1 . PHE A 1 122 ? 5.500   8.141   9.161   1.00 68.53  ? 116 PHE A CE1 1 
ATOM   978  C  CE2 . PHE A 1 122 ? 7.707   7.297   8.723   1.00 60.57  ? 116 PHE A CE2 1 
ATOM   979  C  CZ  . PHE A 1 122 ? 6.875   8.331   9.118   1.00 66.41  ? 116 PHE A CZ  1 
ATOM   980  N  N   . LEU A 1 123 ? 6.752   4.120   5.311   1.00 54.05  ? 117 LEU A N   1 
ATOM   981  C  CA  . LEU A 1 123 ? 7.871   4.464   4.453   1.00 56.02  ? 117 LEU A CA  1 
ATOM   982  C  C   . LEU A 1 123 ? 7.373   4.850   3.044   1.00 53.68  ? 117 LEU A C   1 
ATOM   983  O  O   . LEU A 1 123 ? 7.798   5.864   2.489   1.00 54.05  ? 117 LEU A O   1 
ATOM   984  C  CB  . LEU A 1 123 ? 8.859   3.305   4.406   1.00 56.07  ? 117 LEU A CB  1 
ATOM   985  C  CG  . LEU A 1 123 ? 10.317  3.656   4.142   1.00 71.09  ? 117 LEU A CG  1 
ATOM   986  C  CD1 . LEU A 1 123 ? 10.690  4.929   4.883   1.00 65.20  ? 117 LEU A CD1 1 
ATOM   987  C  CD2 . LEU A 1 123 ? 11.194  2.498   4.576   1.00 69.87  ? 117 LEU A CD2 1 
ATOM   988  N  N   . LEU A 1 124 ? 6.451   4.064   2.488   1.00 50.33  ? 118 LEU A N   1 
ATOM   989  C  CA  . LEU A 1 124 ? 5.837   4.403   1.203   1.00 48.60  ? 118 LEU A CA  1 
ATOM   990  C  C   . LEU A 1 124 ? 5.162   5.773   1.211   1.00 46.69  ? 118 LEU A C   1 
ATOM   991  O  O   . LEU A 1 124 ? 5.262   6.516   0.243   1.00 50.54  ? 118 LEU A O   1 
ATOM   992  C  CB  . LEU A 1 124 ? 4.840   3.328   0.764   1.00 47.24  ? 118 LEU A CB  1 
ATOM   993  C  CG  . LEU A 1 124 ? 5.452   2.022   0.274   1.00 44.05  ? 118 LEU A CG  1 
ATOM   994  C  CD1 . LEU A 1 124 ? 4.367   0.982   0.096   1.00 46.56  ? 118 LEU A CD1 1 
ATOM   995  C  CD2 . LEU A 1 124 ? 6.211   2.236   -1.026  1.00 45.21  ? 118 LEU A CD2 1 
ATOM   996  N  N   . VAL A 1 125 ? 4.472   6.105   2.294   1.00 44.94  ? 119 VAL A N   1 
ATOM   997  C  CA  . VAL A 1 125 ? 3.775   7.386   2.383   1.00 39.37  ? 119 VAL A CA  1 
ATOM   998  C  C   . VAL A 1 125 ? 4.792   8.525   2.428   1.00 51.07  ? 119 VAL A C   1 
ATOM   999  O  O   . VAL A 1 125 ? 4.556   9.619   1.897   1.00 52.59  ? 119 VAL A O   1 
ATOM   1000 C  CB  . VAL A 1 125 ? 2.859   7.447   3.654   1.00 40.70  ? 119 VAL A CB  1 
ATOM   1001 C  CG1 . VAL A 1 125 ? 2.278   8.845   3.857   1.00 34.26  ? 119 VAL A CG1 1 
ATOM   1002 C  CG2 . VAL A 1 125 ? 1.734   6.406   3.578   1.00 38.94  ? 119 VAL A CG2 1 
ATOM   1003 N  N   . ALA A 1 126 ? 5.923   8.257   3.078   1.00 46.59  ? 120 ALA A N   1 
ATOM   1004 C  CA  . ALA A 1 126 ? 6.959   9.255   3.278   1.00 53.33  ? 120 ALA A CA  1 
ATOM   1005 C  C   . ALA A 1 126 ? 7.633   9.557   1.934   1.00 51.34  ? 120 ALA A C   1 
ATOM   1006 O  O   . ALA A 1 126 ? 7.806   10.714  1.535   1.00 50.35  ? 120 ALA A O   1 
ATOM   1007 C  CB  . ALA A 1 126 ? 7.974   8.730   4.282   1.00 47.93  ? 120 ALA A CB  1 
ATOM   1008 N  N   . LEU A 1 127 ? 8.012   8.486   1.253   1.00 50.27  ? 121 LEU A N   1 
ATOM   1009 C  CA  . LEU A 1 127 ? 8.529   8.552   -0.101  1.00 51.95  ? 121 LEU A CA  1 
ATOM   1010 C  C   . LEU A 1 127 ? 7.563   9.287   -1.035  1.00 51.54  ? 121 LEU A C   1 
ATOM   1011 O  O   . LEU A 1 127 ? 7.966   10.227  -1.715  1.00 50.52  ? 121 LEU A O   1 
ATOM   1012 C  CB  . LEU A 1 127 ? 8.807   7.144   -0.614  1.00 48.32  ? 121 LEU A CB  1 
ATOM   1013 C  CG  . LEU A 1 127 ? 9.917   6.418   0.136   1.00 54.72  ? 121 LEU A CG  1 
ATOM   1014 C  CD1 . LEU A 1 127 ? 10.354  5.157   -0.615  1.00 54.36  ? 121 LEU A CD1 1 
ATOM   1015 C  CD2 . LEU A 1 127 ? 11.096  7.364   0.372   1.00 51.74  ? 121 LEU A CD2 1 
ATOM   1016 N  N   . ALA A 1 128 ? 6.294   8.878   -1.044  1.00 46.13  ? 122 ALA A N   1 
ATOM   1017 C  CA  . ALA A 1 128 ? 5.284   9.551   -1.862  1.00 48.59  ? 122 ALA A CA  1 
ATOM   1018 C  C   . ALA A 1 128 ? 5.236   11.038  -1.581  1.00 48.91  ? 122 ALA A C   1 
ATOM   1019 O  O   . ALA A 1 128 ? 5.254   11.843  -2.504  1.00 55.07  ? 122 ALA A O   1 
ATOM   1020 C  CB  . ALA A 1 128 ? 3.904   8.939   -1.648  1.00 43.63  ? 122 ALA A CB  1 
ATOM   1021 N  N   . ALA A 1 129 ? 5.170   11.397  -0.304  1.00 49.08  ? 123 ALA A N   1 
ATOM   1022 C  CA  . ALA A 1 129 ? 5.086   12.801  0.098   1.00 54.02  ? 123 ALA A CA  1 
ATOM   1023 C  C   . ALA A 1 129 ? 6.321   13.597  -0.318  1.00 47.76  ? 123 ALA A C   1 
ATOM   1024 O  O   . ALA A 1 129 ? 6.201   14.710  -0.814  1.00 44.37  ? 123 ALA A O   1 
ATOM   1025 C  CB  . ALA A 1 129 ? 4.868   12.920  1.598   1.00 48.00  ? 123 ALA A CB  1 
ATOM   1026 N  N   . LEU A 1 130 ? 7.498   13.023  -0.096  1.00 46.16  ? 124 LEU A N   1 
ATOM   1027 C  CA  . LEU A 1 130 ? 8.747   13.655  -0.506  1.00 52.75  ? 124 LEU A CA  1 
ATOM   1028 C  C   . LEU A 1 130 ? 8.762   13.841  -2.020  1.00 56.68  ? 124 LEU A C   1 
ATOM   1029 O  O   . LEU A 1 130 ? 9.114   14.910  -2.522  1.00 56.70  ? 124 LEU A O   1 
ATOM   1030 C  CB  . LEU A 1 130 ? 9.945   12.809  -0.069  1.00 50.65  ? 124 LEU A CB  1 
ATOM   1031 C  CG  . LEU A 1 130 ? 10.293  12.947  1.413   1.00 55.19  ? 124 LEU A CG  1 
ATOM   1032 C  CD1 . LEU A 1 130 ? 11.495  12.080  1.778   1.00 50.01  ? 124 LEU A CD1 1 
ATOM   1033 C  CD2 . LEU A 1 130 ? 10.551  14.409  1.745   1.00 54.01  ? 124 LEU A CD2 1 
ATOM   1034 N  N   . GLY A 1 131 ? 8.358   12.795  -2.734  1.00 51.44  ? 125 GLY A N   1 
ATOM   1035 C  CA  . GLY A 1 131 ? 8.305   12.823  -4.178  1.00 48.95  ? 125 GLY A CA  1 
ATOM   1036 C  C   . GLY A 1 131 ? 7.398   13.918  -4.692  1.00 48.86  ? 125 GLY A C   1 
ATOM   1037 O  O   . GLY A 1 131 ? 7.700   14.567  -5.685  1.00 49.60  ? 125 GLY A O   1 
ATOM   1038 N  N   . LEU A 1 132 ? 6.275   14.132  -4.022  1.00 52.08  ? 126 LEU A N   1 
ATOM   1039 C  CA  . LEU A 1 132 ? 5.351   15.171  -4.450  1.00 49.14  ? 126 LEU A CA  1 
ATOM   1040 C  C   . LEU A 1 132 ? 5.841   16.569  -4.057  1.00 50.69  ? 126 LEU A C   1 
ATOM   1041 O  O   . LEU A 1 132 ? 5.499   17.554  -4.703  1.00 52.43  ? 126 LEU A O   1 
ATOM   1042 C  CB  . LEU A 1 132 ? 3.953   14.908  -3.884  1.00 44.90  ? 126 LEU A CB  1 
ATOM   1043 C  CG  . LEU A 1 132 ? 3.138   13.769  -4.515  1.00 47.55  ? 126 LEU A CG  1 
ATOM   1044 C  CD1 . LEU A 1 132 ? 1.905   13.422  -3.651  1.00 44.16  ? 126 LEU A CD1 1 
ATOM   1045 C  CD2 . LEU A 1 132 ? 2.715   14.099  -5.957  1.00 41.48  ? 126 LEU A CD2 1 
ATOM   1046 N  N   . LEU A 1 133 ? 6.623   16.652  -2.984  1.00 51.80  ? 127 LEU A N   1 
ATOM   1047 C  CA  . LEU A 1 133 ? 7.168   17.927  -2.538  1.00 54.23  ? 127 LEU A CA  1 
ATOM   1048 C  C   . LEU A 1 133 ? 8.187   18.416  -3.569  1.00 55.07  ? 127 LEU A C   1 
ATOM   1049 O  O   . LEU A 1 133 ? 8.166   19.566  -3.989  1.00 51.16  ? 127 LEU A O   1 
ATOM   1050 C  CB  . LEU A 1 133 ? 7.860   17.771  -1.188  1.00 51.71  ? 127 LEU A CB  1 
ATOM   1051 C  CG  . LEU A 1 133 ? 7.258   18.469  0.034   1.00 61.00  ? 127 LEU A CG  1 
ATOM   1052 C  CD1 . LEU A 1 133 ? 6.465   19.720  -0.354  1.00 61.53  ? 127 LEU A CD1 1 
ATOM   1053 C  CD2 . LEU A 1 133 ? 6.386   17.494  0.833   1.00 56.69  ? 127 LEU A CD2 1 
ATOM   1054 N  N   . ALA A 1 134 ? 9.079   17.512  -3.950  1.00 48.11  ? 128 ALA A N   1 
ATOM   1055 C  CA  . ALA A 1 134 ? 10.063  17.750  -4.984  1.00 54.48  ? 128 ALA A CA  1 
ATOM   1056 C  C   . ALA A 1 134 ? 9.410   18.226  -6.284  1.00 54.40  ? 128 ALA A C   1 
ATOM   1057 O  O   . ALA A 1 134 ? 9.980   19.031  -7.009  1.00 59.07  ? 128 ALA A O   1 
ATOM   1058 C  CB  . ALA A 1 134 ? 10.871  16.481  -5.226  1.00 52.14  ? 128 ALA A CB  1 
ATOM   1059 N  N   . HIS A 1 135 ? 8.199   17.764  -6.553  1.00 50.66  ? 129 HIS A N   1 
ATOM   1060 C  CA  . HIS A 1 135 ? 7.496   18.168  -7.762  1.00 43.77  ? 129 HIS A CA  1 
ATOM   1061 C  C   . HIS A 1 135 ? 6.809   19.531  -7.678  1.00 48.06  ? 129 HIS A C   1 
ATOM   1062 O  O   . HIS A 1 135 ? 6.779   20.270  -8.660  1.00 50.74  ? 129 HIS A O   1 
ATOM   1063 C  CB  . HIS A 1 135 ? 6.488   17.084  -8.181  1.00 38.72  ? 129 HIS A CB  1 
ATOM   1064 C  CG  . HIS A 1 135 ? 5.723   17.421  -9.417  1.00 40.50  ? 129 HIS A CG  1 
ATOM   1065 N  ND1 . HIS A 1 135 ? 4.603   18.229  -9.406  1.00 44.09  ? 129 HIS A ND1 1 
ATOM   1066 C  CD2 . HIS A 1 135 ? 5.931   17.082  -10.713 1.00 38.15  ? 129 HIS A CD2 1 
ATOM   1067 C  CE1 . HIS A 1 135 ? 4.156   18.371  -10.642 1.00 40.16  ? 129 HIS A CE1 1 
ATOM   1068 N  NE2 . HIS A 1 135 ? 4.939   17.682  -11.450 1.00 40.93  ? 129 HIS A NE2 1 
ATOM   1069 N  N   . PHE A 1 136 ? 6.235   19.867  -6.530  1.00 47.52  ? 130 PHE A N   1 
ATOM   1070 C  CA  . PHE A 1 136 ? 5.450   21.101  -6.428  1.00 53.26  ? 130 PHE A CA  1 
ATOM   1071 C  C   . PHE A 1 136 ? 6.224   22.283  -5.815  1.00 54.98  ? 130 PHE A C   1 
ATOM   1072 O  O   . PHE A 1 136 ? 5.975   23.440  -6.155  1.00 48.20  ? 130 PHE A O   1 
ATOM   1073 C  CB  . PHE A 1 136 ? 4.182   20.873  -5.600  1.00 45.75  ? 130 PHE A CB  1 
ATOM   1074 C  CG  . PHE A 1 136 ? 3.108   20.130  -6.321  1.00 48.13  ? 130 PHE A CG  1 
ATOM   1075 C  CD1 . PHE A 1 136 ? 2.368   20.749  -7.310  1.00 46.79  ? 130 PHE A CD1 1 
ATOM   1076 C  CD2 . PHE A 1 136 ? 2.821   18.817  -5.995  1.00 49.01  ? 130 PHE A CD2 1 
ATOM   1077 C  CE1 . PHE A 1 136 ? 1.360   20.071  -7.972  1.00 54.16  ? 130 PHE A CE1 1 
ATOM   1078 C  CE2 . PHE A 1 136 ? 1.814   18.129  -6.654  1.00 50.11  ? 130 PHE A CE2 1 
ATOM   1079 C  CZ  . PHE A 1 136 ? 1.080   18.758  -7.644  1.00 48.78  ? 130 PHE A CZ  1 
ATOM   1080 N  N   . LEU A 1 137 ? 7.134   21.985  -4.899  1.00 51.81  ? 131 LEU A N   1 
ATOM   1081 C  CA  . LEU A 1 137 ? 7.799   23.028  -4.121  1.00 59.63  ? 131 LEU A CA  1 
ATOM   1082 C  C   . LEU A 1 137 ? 8.597   24.040  -4.970  1.00 59.03  ? 131 LEU A C   1 
ATOM   1083 O  O   . LEU A 1 137 ? 8.359   25.246  -4.856  1.00 59.82  ? 131 LEU A O   1 
ATOM   1084 C  CB  . LEU A 1 137 ? 8.657   22.412  -3.007  1.00 60.25  ? 131 LEU A CB  1 
ATOM   1085 C  CG  . LEU A 1 137 ? 8.934   23.245  -1.762  1.00 64.09  ? 131 LEU A CG  1 
ATOM   1086 C  CD1 . LEU A 1 137 ? 7.638   23.512  -1.010  1.00 57.82  ? 131 LEU A CD1 1 
ATOM   1087 C  CD2 . LEU A 1 137 ? 9.947   22.522  -0.881  1.00 59.63  ? 131 LEU A CD2 1 
ATOM   1088 N  N   . PRO A 1 138 ? 9.520   23.562  -5.832  1.00 58.42  ? 132 PRO A N   1 
ATOM   1089 C  CA  . PRO A 1 138 ? 10.298  24.518  -6.630  1.00 57.65  ? 132 PRO A CA  1 
ATOM   1090 C  C   . PRO A 1 138 ? 9.456   25.518  -7.431  1.00 58.34  ? 132 PRO A C   1 
ATOM   1091 O  O   . PRO A 1 138 ? 9.745   26.719  -7.385  1.00 59.13  ? 132 PRO A O   1 
ATOM   1092 C  CB  . PRO A 1 138 ? 11.108  23.609  -7.564  1.00 54.35  ? 132 PRO A CB  1 
ATOM   1093 C  CG  . PRO A 1 138 ? 11.318  22.381  -6.754  1.00 56.80  ? 132 PRO A CG  1 
ATOM   1094 C  CD  . PRO A 1 138 ? 10.004  22.181  -6.038  1.00 59.77  ? 132 PRO A CD  1 
ATOM   1095 N  N   . ALA A 1 139 ? 8.438   25.041  -8.141  1.00 49.96  ? 133 ALA A N   1 
ATOM   1096 C  CA  . ALA A 1 139 ? 7.541   25.934  -8.868  1.00 49.75  ? 133 ALA A CA  1 
ATOM   1097 C  C   . ALA A 1 139 ? 6.806   26.888  -7.928  1.00 52.76  ? 133 ALA A C   1 
ATOM   1098 O  O   . ALA A 1 139 ? 6.506   28.022  -8.296  1.00 60.19  ? 133 ALA A O   1 
ATOM   1099 C  CB  . ALA A 1 139 ? 6.533   25.138  -9.704  1.00 45.76  ? 133 ALA A CB  1 
ATOM   1100 N  N   . ALA A 1 140 ? 6.505   26.426  -6.721  1.00 51.80  ? 134 ALA A N   1 
ATOM   1101 C  CA  . ALA A 1 140 ? 5.790   27.259  -5.759  1.00 59.67  ? 134 ALA A CA  1 
ATOM   1102 C  C   . ALA A 1 140 ? 6.695   28.365  -5.210  1.00 59.64  ? 134 ALA A C   1 
ATOM   1103 O  O   . ALA A 1 140 ? 6.328   29.544  -5.202  1.00 56.05  ? 134 ALA A O   1 
ATOM   1104 C  CB  . ALA A 1 140 ? 5.225   26.404  -4.621  1.00 58.34  ? 134 ALA A CB  1 
ATOM   1105 N  N   . LEU A 1 141 ? 7.876   27.969  -4.752  1.00 56.25  ? 135 LEU A N   1 
ATOM   1106 C  CA  . LEU A 1 141 ? 8.852   28.917  -4.239  1.00 61.41  ? 135 LEU A CA  1 
ATOM   1107 C  C   . LEU A 1 141 ? 9.215   29.993  -5.271  1.00 63.95  ? 135 LEU A C   1 
ATOM   1108 O  O   . LEU A 1 141 ? 9.242   31.185  -4.948  1.00 65.70  ? 135 LEU A O   1 
ATOM   1109 C  CB  . LEU A 1 141 ? 10.094  28.180  -3.751  1.00 55.86  ? 135 LEU A CB  1 
ATOM   1110 C  CG  . LEU A 1 141 ? 9.811   27.214  -2.599  1.00 62.97  ? 135 LEU A CG  1 
ATOM   1111 C  CD1 . LEU A 1 141 ? 11.069  26.470  -2.171  1.00 56.85  ? 135 LEU A CD1 1 
ATOM   1112 C  CD2 . LEU A 1 141 ? 9.179   27.951  -1.412  1.00 62.58  ? 135 LEU A CD2 1 
ATOM   1113 N  N   . ARG A 1 142 ? 9.466   29.573  -6.510  1.00 63.40  ? 136 ARG A N   1 
ATOM   1114 C  CA  . ARG A 1 142 ? 9.783   30.513  -7.582  1.00 60.18  ? 136 ARG A CA  1 
ATOM   1115 C  C   . ARG A 1 142 ? 8.653   31.499  -7.825  1.00 62.44  ? 136 ARG A C   1 
ATOM   1116 O  O   . ARG A 1 142 ? 8.893   32.684  -8.041  1.00 68.55  ? 136 ARG A O   1 
ATOM   1117 C  CB  . ARG A 1 142 ? 10.126  29.791  -8.891  1.00 51.11  ? 136 ARG A CB  1 
ATOM   1118 C  CG  . ARG A 1 142 ? 10.126  30.736  -10.087 1.00 63.35  ? 136 ARG A CG  1 
ATOM   1119 C  CD  . ARG A 1 142 ? 10.793  30.168  -11.316 1.00 60.31  ? 136 ARG A CD  1 
ATOM   1120 N  NE  . ARG A 1 142 ? 10.055  29.037  -11.850 1.00 65.43  ? 136 ARG A NE  1 
ATOM   1121 C  CZ  . ARG A 1 142 ? 10.344  28.436  -12.996 1.00 70.41  ? 136 ARG A CZ  1 
ATOM   1122 N  NH1 . ARG A 1 142 ? 11.356  28.867  -13.738 1.00 68.04  ? 136 ARG A NH1 1 
ATOM   1123 N  NH2 . ARG A 1 142 ? 9.619   27.400  -13.397 1.00 74.15  ? 136 ARG A NH2 1 
ATOM   1124 N  N   . ALA A 1 143 ? 7.418   31.011  -7.802  1.00 65.04  ? 137 ALA A N   1 
ATOM   1125 C  CA  . ALA A 1 143 ? 6.263   31.876  -8.027  1.00 66.42  ? 137 ALA A CA  1 
ATOM   1126 C  C   . ALA A 1 143 ? 6.118   32.888  -6.892  1.00 64.75  ? 137 ALA A C   1 
ATOM   1127 O  O   . ALA A 1 143 ? 5.757   34.040  -7.115  1.00 65.04  ? 137 ALA A O   1 
ATOM   1128 C  CB  . ALA A 1 143 ? 5.002   31.050  -8.168  1.00 59.81  ? 137 ALA A CB  1 
ATOM   1129 N  N   . ALA A 1 144 ? 6.402   32.443  -5.673  1.00 61.30  ? 138 ALA A N   1 
ATOM   1130 C  CA  . ALA A 1 144 ? 6.424   33.333  -4.529  1.00 65.70  ? 138 ALA A CA  1 
ATOM   1131 C  C   . ALA A 1 144 ? 7.518   34.368  -4.741  1.00 71.72  ? 138 ALA A C   1 
ATOM   1132 O  O   . ALA A 1 144 ? 7.285   35.568  -4.606  1.00 78.27  ? 138 ALA A O   1 
ATOM   1133 C  CB  . ALA A 1 144 ? 6.670   32.549  -3.249  1.00 62.78  ? 138 ALA A CB  1 
ATOM   1134 N  N   . LEU A 1 145 ? 8.713   33.901  -5.084  1.00 70.36  ? 139 LEU A N   1 
ATOM   1135 C  CA  . LEU A 1 145 ? 9.817   34.801  -5.380  1.00 70.49  ? 139 LEU A CA  1 
ATOM   1136 C  C   . LEU A 1 145 ? 9.507   35.738  -6.541  1.00 70.85  ? 139 LEU A C   1 
ATOM   1137 O  O   . LEU A 1 145 ? 9.711   36.940  -6.435  1.00 77.15  ? 139 LEU A O   1 
ATOM   1138 C  CB  . LEU A 1 145 ? 11.104  34.022  -5.630  1.00 73.12  ? 139 LEU A CB  1 
ATOM   1139 C  CG  . LEU A 1 145 ? 11.841  33.693  -4.331  1.00 79.37  ? 139 LEU A CG  1 
ATOM   1140 C  CD1 . LEU A 1 145 ? 13.250  33.204  -4.616  1.00 71.98  ? 139 LEU A CD1 1 
ATOM   1141 C  CD2 . LEU A 1 145 ? 11.874  34.919  -3.426  1.00 79.08  ? 139 LEU A CD2 1 
ATOM   1142 N  N   . LEU A 1 146 ? 8.983   35.197  -7.635  1.00 69.08  ? 140 LEU A N   1 
ATOM   1143 C  CA  . LEU A 1 146 ? 8.572   36.025  -8.768  1.00 75.93  ? 140 LEU A CA  1 
ATOM   1144 C  C   . LEU A 1 146 ? 7.395   36.960  -8.452  1.00 86.74  ? 140 LEU A C   1 
ATOM   1145 O  O   . LEU A 1 146 ? 6.846   37.596  -9.351  1.00 93.20  ? 140 LEU A O   1 
ATOM   1146 C  CB  . LEU A 1 146 ? 8.191   35.166  -9.971  1.00 71.09  ? 140 LEU A CB  1 
ATOM   1147 C  CG  . LEU A 1 146 ? 9.291   34.450  -10.747 1.00 71.18  ? 140 LEU A CG  1 
ATOM   1148 C  CD1 . LEU A 1 146 ? 8.686   33.721  -11.935 1.00 58.31  ? 140 LEU A CD1 1 
ATOM   1149 C  CD2 . LEU A 1 146 ? 10.317  35.455  -11.205 1.00 69.49  ? 140 LEU A CD2 1 
ATOM   1150 N  N   . GLY A 1 147 ? 7.010   37.054  -7.185  1.00 81.30  ? 141 GLY A N   1 
ATOM   1151 C  CA  . GLY A 1 147 ? 5.922   37.928  -6.801  1.00 84.42  ? 141 GLY A CA  1 
ATOM   1152 C  C   . GLY A 1 147 ? 6.423   39.090  -5.967  1.00 91.22  ? 141 GLY A C   1 
ATOM   1153 O  O   . GLY A 1 147 ? 5.871   40.189  -6.023  1.00 90.14  ? 141 GLY A O   1 
ATOM   1154 N  N   . ARG A 1 148 ? 7.485   38.847  -5.207  1.00 87.48  ? 142 ARG A N   1 
ATOM   1155 C  CA  . ARG A 1 148 ? 7.996   39.833  -4.270  1.00 92.62  ? 142 ARG A CA  1 
ATOM   1156 C  C   . ARG A 1 148 ? 9.311   40.483  -4.708  1.00 94.38  ? 142 ARG A C   1 
ATOM   1157 O  O   . ARG A 1 148 ? 10.250  40.556  -3.916  1.00 99.37  ? 142 ARG A O   1 
ATOM   1158 C  CB  . ARG A 1 148 ? 8.162   39.192  -2.887  1.00 91.44  ? 142 ARG A CB  1 
ATOM   1159 C  CG  . ARG A 1 148 ? 6.849   38.804  -2.223  1.00 93.73  ? 142 ARG A CG  1 
ATOM   1160 C  CD  . ARG A 1 148 ? 5.878   39.984  -2.202  1.00 99.62  ? 142 ARG A CD  1 
ATOM   1161 N  NE  . ARG A 1 148 ? 4.665   39.708  -1.432  1.00 108.46 ? 142 ARG A NE  1 
ATOM   1162 C  CZ  . ARG A 1 148 ? 3.679   40.583  -1.239  1.00 109.70 ? 142 ARG A CZ  1 
ATOM   1163 N  NH1 . ARG A 1 148 ? 2.617   40.239  -0.520  1.00 108.21 ? 142 ARG A NH1 1 
ATOM   1164 N  NH2 . ARG A 1 148 ? 3.751   41.801  -1.764  1.00 99.83  ? 142 ARG A NH2 1 
ATOM   1165 N  N   . LEU A 1 149 ? 9.365   40.993  -5.938  1.00 95.44  ? 143 LEU A N   1 
ATOM   1166 C  CA  . LEU A 1 149 ? 10.628  41.479  -6.499  1.00 97.84  ? 143 LEU A CA  1 
ATOM   1167 C  C   . LEU A 1 149 ? 10.526  42.176  -7.884  1.00 103.34 ? 143 LEU A C   1 
ATOM   1168 O  O   . LEU A 1 149 ? 11.431  42.006  -8.693  1.00 108.55 ? 143 LEU A O   1 
ATOM   1169 C  CB  . LEU A 1 149 ? 11.620  40.278  -6.508  1.00 98.93  ? 143 LEU A CB  1 
ATOM   1170 C  CG  . LEU A 1 149 ? 12.829  39.832  -7.354  1.00 93.18  ? 143 LEU A CG  1 
ATOM   1171 C  CD1 . LEU A 1 149 ? 13.683  38.889  -6.539  1.00 88.07  ? 143 LEU A CD1 1 
ATOM   1172 C  CD2 . LEU A 1 149 ? 12.427  39.151  -8.658  1.00 91.97  ? 143 LEU A CD2 1 
ATOM   1173 N  N   . ARG A 1 150 ? 9.534   43.023  -8.201  1.00 106.18 ? 144 ARG A N   1 
ATOM   1174 C  CA  . ARG A 1 150 ? 8.648   43.876  -7.369  1.00 106.50 ? 144 ARG A CA  1 
ATOM   1175 C  C   . ARG A 1 150 ? 8.608   43.892  -5.829  1.00 107.05 ? 144 ARG A C   1 
ATOM   1176 O  O   . ARG A 1 150 ? 7.911   43.067  -5.236  1.00 107.28 ? 144 ARG A O   1 
ATOM   1177 C  CB  . ARG A 1 150 ? 7.224   43.992  -7.973  1.00 106.18 ? 144 ARG A CB  1 
ATOM   1178 C  CG  . ARG A 1 150 ? 6.344   42.741  -7.961  1.00 104.34 ? 144 ARG A CG  1 
ATOM   1179 C  CD  . ARG A 1 150 ? 6.832   41.674  -8.923  1.00 98.41  ? 144 ARG A CD  1 
ATOM   1180 N  NE  . ARG A 1 150 ? 7.774   40.790  -8.249  1.00 100.02 ? 144 ARG A NE  1 
ATOM   1181 C  CZ  . ARG A 1 150 ? 8.483   39.841  -8.846  1.00 100.90 ? 144 ARG A CZ  1 
ATOM   1182 N  NH1 . ARG A 1 150 ? 8.358   39.621  -10.150 1.00 101.04 ? 144 ARG A NH1 1 
ATOM   1183 N  NH2 . ARG A 1 150 ? 9.304   39.088  -8.130  1.00 97.55  ? 144 ARG A NH2 1 
ATOM   1184 N  N   . THR A 1 151 ? 9.301   44.828  -5.161  1.00 107.31 ? 145 THR A N   1 
ATOM   1185 C  CA  . THR A 1 151 ? 10.202  45.890  -5.686  1.00 104.99 ? 145 THR A CA  1 
ATOM   1186 C  C   . THR A 1 151 ? 9.992   46.466  -7.104  1.00 112.09 ? 145 THR A C   1 
ATOM   1187 O  O   . THR A 1 151 ? 8.977   47.111  -7.377  1.00 113.85 ? 145 THR A O   1 
ATOM   1188 C  CB  . THR A 1 151 ? 11.690  45.503  -5.499  1.00 103.75 ? 145 THR A CB  1 
ATOM   1189 O  OG1 . THR A 1 151 ? 12.060  44.518  -6.468  1.00 109.77 ? 145 THR A OG1 1 
ATOM   1190 C  CG2 . THR A 1 151 ? 11.930  44.952  -4.097  1.00 94.85  ? 145 THR A CG2 1 
ATOM   1191 N  N   . LEU A 1 152 ? 10.947  46.202  -7.996  1.00 113.07 ? 146 LEU A N   1 
ATOM   1192 C  CA  . LEU A 1 152 ? 10.773  46.460  -9.428  1.00 111.65 ? 146 LEU A CA  1 
ATOM   1193 C  C   . LEU A 1 152 ? 10.856  47.932  -9.818  1.00 114.03 ? 146 LEU A C   1 
ATOM   1194 O  O   . LEU A 1 152 ? 10.031  48.747  -9.399  1.00 114.47 ? 146 LEU A O   1 
ATOM   1195 N  N   . LEU A 1 153 ? 11.846  48.267  -10.639 1.00 112.34 ? 147 LEU A N   1 
ATOM   1196 C  CA  . LEU A 1 153 ? 12.050  49.650  -11.051 1.00 112.19 ? 147 LEU A CA  1 
ATOM   1197 C  C   . LEU A 1 153 ? 12.510  50.462  -9.850  1.00 110.97 ? 147 LEU A C   1 
ATOM   1198 O  O   . LEU A 1 153 ? 12.158  51.631  -9.714  1.00 113.36 ? 147 LEU A O   1 
ATOM   1199 N  N   . PRO A 1 154 ? 13.298  49.826  -8.971  1.00 109.66 ? 148 PRO A N   1 
ATOM   1200 C  CA  . PRO A 1 154 ? 13.927  50.263  -7.719  1.00 104.07 ? 148 PRO A CA  1 
ATOM   1201 C  C   . PRO A 1 154 ? 14.923  49.201  -7.259  1.00 103.63 ? 148 PRO A C   1 
ATOM   1202 O  O   . PRO A 1 154 ? 15.588  48.606  -8.108  1.00 99.29  ? 148 PRO A O   1 
ATOM   1203 N  N   . TRP A 1 155 ? 15.013  48.968  -5.952  1.00 102.32 ? 149 TRP A N   1 
ATOM   1204 C  CA  . TRP A 1 155 ? 15.885  47.926  -5.396  1.00 96.61  ? 149 TRP A CA  1 
ATOM   1205 C  C   . TRP A 1 155 ? 17.305  47.962  -5.961  1.00 91.34  ? 149 TRP A C   1 
ATOM   1206 O  O   . TRP A 1 155 ? 17.824  49.027  -6.301  1.00 92.46  ? 149 TRP A O   1 
ATOM   1207 C  CB  . TRP A 1 155 ? 15.269  46.541  -5.611  1.00 97.65  ? 149 TRP A CB  1 
ATOM   1208 N  N   . ALA A 1 156 ? 17.921  46.790  -6.073  1.00 86.12  ? 150 ALA A N   1 
HETATM 1209 NI NI  . NI  B 2 .   ? 4.572   9.135   -23.343 0.33 52.44  ? 201 NI  A NI  1 
HETATM 1210 NI NI  . NI  C 2 .   ? 2.450   4.882   -36.153 0.30 59.18  ? 202 NI  A NI  1 
HETATM 1211 NI NI  . NI  D 2 .   ? 4.382   8.339   -30.094 1.00 107.13 ? 203 NI  A NI  1 
HETATM 1212 S  S   . SO4 E 3 .   ? -5.097  -15.012 21.768  0.50 69.08  ? 204 SO4 A S   1 
HETATM 1213 O  O1  . SO4 E 3 .   ? -4.375  -16.252 21.486  0.50 59.47  ? 204 SO4 A O1  1 
HETATM 1214 O  O2  . SO4 E 3 .   ? -6.032  -14.720 20.671  0.50 64.54  ? 204 SO4 A O2  1 
HETATM 1215 O  O3  . SO4 E 3 .   ? -4.175  -13.887 21.905  0.50 59.48  ? 204 SO4 A O3  1 
HETATM 1216 O  O4  . SO4 E 3 .   ? -5.858  -15.188 23.014  0.50 64.24  ? 204 SO4 A O4  1 
HETATM 1217 C  C1  . PAM F 4 .   ? 7.197   8.182   -14.615 1.00 73.33  ? 205 PAM A C1  1 
HETATM 1218 O  O1  . PAM F 4 .   ? 7.496   9.387   -14.419 1.00 72.29  ? 205 PAM A O1  1 
HETATM 1219 O  O2  . PAM F 4 .   ? 7.816   7.253   -13.992 1.00 70.78  ? 205 PAM A O2  1 
HETATM 1220 C  C2  . PAM F 4 .   ? 6.117   7.859   -15.585 1.00 70.81  ? 205 PAM A C2  1 
HETATM 1221 C  C3  . PAM F 4 .   ? 5.371   6.564   -15.364 1.00 69.09  ? 205 PAM A C3  1 
HETATM 1222 C  C4  . PAM F 4 .   ? 4.349   6.158   -16.396 1.00 63.62  ? 205 PAM A C4  1 
HETATM 1223 C  C5  . PAM F 4 .   ? 3.061   6.903   -16.404 1.00 64.14  ? 205 PAM A C5  1 
HETATM 1224 C  C6  . PAM F 4 .   ? 2.490   7.208   -15.032 1.00 68.25  ? 205 PAM A C6  1 
HETATM 1225 C  C7  . PAM F 4 .   ? 1.162   7.922   -14.940 1.00 69.65  ? 205 PAM A C7  1 
HETATM 1226 C  C8  . PAM F 4 .   ? -0.075  7.097   -14.596 1.00 60.85  ? 205 PAM A C8  1 
HETATM 1227 C  C9  . PAM F 4 .   ? -0.071  6.244   -13.336 1.00 64.02  ? 205 PAM A C9  1 
HETATM 1228 C  C10 . PAM F 4 .   ? -1.290  6.371   -12.417 1.00 64.63  ? 205 PAM A C10 1 
HETATM 1229 C  C11 . PAM F 4 .   ? -1.613  5.259   -11.429 1.00 55.94  ? 205 PAM A C11 1 
HETATM 1230 C  C12 . PAM F 4 .   ? -1.968  5.679   -10.020 1.00 54.26  ? 205 PAM A C12 1 
HETATM 1231 C  C13 . PAM F 4 .   ? -3.323  5.255   -9.501  1.00 55.07  ? 205 PAM A C13 1 
HETATM 1232 C  C14 . PAM F 4 .   ? -3.564  5.344   -8.024  1.00 47.42  ? 205 PAM A C14 1 
HETATM 1233 C  C15 . PAM F 4 .   ? -4.770  4.600   -7.529  1.00 55.40  ? 205 PAM A C15 1 
HETATM 1234 C  C16 . PAM F 4 .   ? -5.887  4.372   -8.512  1.00 53.68  ? 205 PAM A C16 1 
HETATM 1235 C  C1  . PLM G 5 .   ? 15.143  25.020  -2.936  1.00 65.85  ? 206 PLM A C1  1 
HETATM 1236 C  C2  . PLM G 5 .   ? 14.811  25.648  -4.343  1.00 63.07  ? 206 PLM A C2  1 
HETATM 1237 C  C3  . PLM G 5 .   ? 13.869  26.856  -4.340  1.00 61.29  ? 206 PLM A C3  1 
HETATM 1238 C  C4  . PLM G 5 .   ? 14.000  27.765  -5.585  1.00 60.91  ? 206 PLM A C4  1 
HETATM 1239 C  C5  . PLM G 5 .   ? 13.829  27.018  -6.923  1.00 59.82  ? 206 PLM A C5  1 
HETATM 1240 C  C6  . PLM G 5 .   ? 13.983  27.895  -8.192  1.00 53.97  ? 206 PLM A C6  1 
HETATM 1241 C  C7  . PLM G 5 .   ? 13.301  27.330  -9.478  1.00 54.37  ? 206 PLM A C7  1 
HETATM 1242 C  C8  . PLM G 5 .   ? 13.987  26.068  -10.068 1.00 59.09  ? 206 PLM A C8  1 
HETATM 1243 C  C9  . PLM G 5 .   ? 13.528  25.693  -11.490 1.00 59.72  ? 206 PLM A C9  1 
HETATM 1244 C  CA  . PLM G 5 .   ? 12.019  25.795  -11.694 1.00 69.26  ? 206 PLM A CA  1 
HETATM 1245 C  C1  . PLM H 5 .   ? 3.113   16.761  0.052   1.00 60.42  ? 207 PLM A C1  1 
HETATM 1246 C  C2  . PLM H 5 .   ? 1.946   17.202  -0.905  1.00 62.97  ? 207 PLM A C2  1 
HETATM 1247 C  C3  . PLM H 5 .   ? 2.115   18.567  -1.593  1.00 55.58  ? 207 PLM A C3  1 
HETATM 1248 C  C4  . PLM H 5 .   ? 1.066   18.817  -2.689  1.00 56.65  ? 207 PLM A C4  1 
HETATM 1249 C  C5  . PLM H 5 .   ? 0.896   20.289  -3.107  1.00 56.65  ? 207 PLM A C5  1 
HETATM 1250 C  C6  . PLM H 5 .   ? -0.203  20.473  -4.163  1.00 57.17  ? 207 PLM A C6  1 
HETATM 1251 C  C7  . PLM H 5 .   ? -0.720  21.900  -4.310  1.00 61.12  ? 207 PLM A C7  1 
HETATM 1252 C  C8  . PLM H 5 .   ? -0.227  22.621  -5.574  1.00 60.95  ? 207 PLM A C8  1 
HETATM 1253 C  C9  . PLM H 5 .   ? -1.288  23.527  -6.220  1.00 63.90  ? 207 PLM A C9  1 
HETATM 1254 C  CA  . PLM H 5 .   ? -0.849  24.139  -7.576  1.00 67.23  ? 207 PLM A CA  1 
HETATM 1255 C  C1  . PLM I 5 .   ? 3.204   -19.995 3.662   1.00 72.74  ? 208 PLM A C1  1 
HETATM 1256 C  C2  . PLM I 5 .   ? 2.086   -20.103 2.558   1.00 70.91  ? 208 PLM A C2  1 
HETATM 1257 C  C3  . PLM I 5 .   ? 1.603   -18.771 1.966   1.00 70.14  ? 208 PLM A C3  1 
HETATM 1258 C  C4  . PLM I 5 .   ? 1.575   -18.742 0.426   1.00 69.97  ? 208 PLM A C4  1 
HETATM 1259 C  C5  . PLM I 5 .   ? 1.155   -17.390 -0.171  1.00 63.44  ? 208 PLM A C5  1 
HETATM 1260 C  C6  . PLM I 5 .   ? 1.111   -17.380 -1.710  1.00 69.11  ? 208 PLM A C6  1 
HETATM 1261 C  C7  . PLM I 5 .   ? 0.562   -16.074 -2.319  1.00 62.66  ? 208 PLM A C7  1 
HETATM 1262 C  C8  . PLM I 5 .   ? 1.611   -15.265 -3.101  1.00 60.51  ? 208 PLM A C8  1 
HETATM 1263 C  C1  . PLM J 5 .   ? -2.240  18.756  -0.149  1.00 71.57  ? 209 PLM A C1  1 
HETATM 1264 C  C2  . PLM J 5 .   ? -3.281  18.290  -1.236  1.00 64.14  ? 209 PLM A C2  1 
HETATM 1265 C  C3  . PLM J 5 .   ? -3.818  19.395  -2.152  1.00 62.47  ? 209 PLM A C3  1 
HETATM 1266 C  C4  . PLM J 5 .   ? -4.293  18.915  -3.544  1.00 56.46  ? 209 PLM A C4  1 
HETATM 1267 C  C5  . PLM J 5 .   ? -4.490  20.089  -4.507  1.00 64.23  ? 209 PLM A C5  1 
HETATM 1268 C  C6  . PLM J 5 .   ? -5.554  19.892  -5.593  1.00 56.98  ? 209 PLM A C6  1 
HETATM 1269 C  C7  . PLM J 5 .   ? -6.222  21.218  -5.985  1.00 61.13  ? 209 PLM A C7  1 
HETATM 1270 C  C8  . PLM J 5 .   ? -6.272  21.494  -7.490  1.00 59.24  ? 209 PLM A C8  1 
HETATM 1271 C  C9  . PLM J 5 .   ? -6.864  22.870  -7.835  1.00 61.90  ? 209 PLM A C9  1 
HETATM 1272 C  CA  . PLM J 5 .   ? -6.541  23.346  -9.256  1.00 61.55  ? 209 PLM A CA  1 
HETATM 1273 C  C1  . PLM K 5 .   ? 4.213   22.799  -1.796  1.00 55.00  ? 210 PLM A C1  1 
HETATM 1274 C  C2  . PLM K 5 .   ? 3.014   23.563  -2.487  1.00 58.80  ? 210 PLM A C2  1 
HETATM 1275 C  C3  . PLM K 5 .   ? 2.640   24.921  -1.862  1.00 63.59  ? 210 PLM A C3  1 
HETATM 1276 C  C4  . PLM K 5 .   ? 1.432   25.608  -2.524  1.00 66.92  ? 210 PLM A C4  1 
HETATM 1277 C  C5  . PLM K 5 .   ? 1.236   27.076  -2.097  1.00 74.82  ? 210 PLM A C5  1 
HETATM 1278 N  N1  . GTX L 6 .   ? -10.739 -2.128  11.004  1.00 58.55  ? 211 GTX A N1  1 
HETATM 1279 C  CA1 . GTX L 6 .   ? -9.873  -1.782  12.093  1.00 62.65  ? 211 GTX A CA1 1 
HETATM 1280 C  C1  . GTX L 6 .   ? -10.389 -2.378  13.374  1.00 66.16  ? 211 GTX A C1  1 
HETATM 1281 O  O11 . GTX L 6 .   ? -9.637  -2.441  14.393  1.00 59.31  ? 211 GTX A O11 1 
HETATM 1282 O  O12 . GTX L 6 .   ? -11.577 -2.819  13.433  1.00 53.87  ? 211 GTX A O12 1 
HETATM 1283 C  CB1 . GTX L 6 .   ? -9.840  -0.294  12.137  1.00 58.44  ? 211 GTX A CB1 1 
HETATM 1284 C  CG1 . GTX L 6 .   ? -8.640  0.428   12.628  1.00 59.84  ? 211 GTX A CG1 1 
HETATM 1285 C  CD1 . GTX L 6 .   ? -7.361  -0.038  12.060  1.00 68.75  ? 211 GTX A CD1 1 
HETATM 1286 O  OE1 . GTX L 6 .   ? -7.346  -0.525  10.941  1.00 77.85  ? 211 GTX A OE1 1 
HETATM 1287 N  N2  . GTX L 6 .   ? -6.139  0.056   12.787  1.00 71.82  ? 211 GTX A N2  1 
HETATM 1288 C  CA2 . GTX L 6 .   ? -4.979  -0.454  12.129  1.00 72.62  ? 211 GTX A CA2 1 
HETATM 1289 C  C2  . GTX L 6 .   ? -5.057  -1.941  12.266  1.00 74.70  ? 211 GTX A C2  1 
HETATM 1290 O  O2  . GTX L 6 .   ? -4.141  -2.663  11.887  1.00 73.56  ? 211 GTX A O2  1 
HETATM 1291 C  CB2 . GTX L 6 .   ? -3.721  0.088   12.730  1.00 75.98  ? 211 GTX A CB2 1 
HETATM 1292 S  SG2 . GTX L 6 .   ? -3.549  1.844   12.930  1.00 93.62  ? 211 GTX A SG2 1 
HETATM 1293 C  C1S . GTX L 6 .   ? -2.330  2.427   11.789  1.00 77.38  ? 211 GTX A C1S 1 
HETATM 1294 C  C2S . GTX L 6 .   ? -2.762  3.393   10.738  1.00 69.27  ? 211 GTX A C2S 1 
HETATM 1295 C  C3S . GTX L 6 .   ? -2.045  3.348   9.429   1.00 72.95  ? 211 GTX A C3S 1 
HETATM 1296 C  C4S . GTX L 6 .   ? -0.556  3.437   9.460   1.00 69.24  ? 211 GTX A C4S 1 
HETATM 1297 C  C5S . GTX L 6 .   ? 0.104   4.523   8.678   1.00 67.22  ? 211 GTX A C5S 1 
HETATM 1298 C  C6S . GTX L 6 .   ? 1.574   4.378   8.443   1.00 61.22  ? 211 GTX A C6S 1 
HETATM 1299 N  N3  . GTX L 6 .   ? -6.242  -2.503  12.849  1.00 73.73  ? 211 GTX A N3  1 
HETATM 1300 C  CA3 . GTX L 6 .   ? -6.407  -3.913  13.018  1.00 71.57  ? 211 GTX A CA3 1 
HETATM 1301 C  C3  . GTX L 6 .   ? -5.412  -4.555  13.901  1.00 66.49  ? 211 GTX A C3  1 
HETATM 1302 O  O31 . GTX L 6 .   ? -5.063  -5.746  13.679  1.00 66.40  ? 211 GTX A O31 1 
HETATM 1303 O  O32 . GTX L 6 .   ? -4.924  -3.877  14.845  1.00 67.35  ? 211 GTX A O32 1 
HETATM 1304 O  O   . HOH M 7 .   ? -8.827  -15.011 20.027  1.00 63.50  ? 301 HOH A O   1 
HETATM 1305 O  O   . HOH M 7 .   ? 10.038  -1.324  -14.199 1.00 53.27  ? 302 HOH A O   1 
HETATM 1306 O  O   . HOH M 7 .   ? -5.209  -18.756 20.223  1.00 60.20  ? 303 HOH A O   1 
HETATM 1307 O  O   . HOH M 7 .   ? -9.708  -8.041  -0.540  1.00 49.94  ? 304 HOH A O   1 
HETATM 1308 O  O   . HOH M 7 .   ? -13.872 -3.305  6.305   1.00 60.93  ? 305 HOH A O   1 
HETATM 1309 O  O   . HOH M 7 .   ? 9.069   13.863  -8.205  1.00 52.50  ? 306 HOH A O   1 
HETATM 1310 O  O   . HOH M 7 .   ? -9.563  -4.857  -0.934  1.00 50.68  ? 307 HOH A O   1 
HETATM 1311 O  O   . HOH M 7 .   ? 18.366  50.196  -8.389  1.00 64.24  ? 308 HOH A O   1 
HETATM 1312 O  O   . HOH M 7 .   ? 7.227   -10.309 12.206  1.00 63.00  ? 309 HOH A O   1 
HETATM 1313 O  O   . HOH M 7 .   ? 9.901   8.702   -13.205 1.00 65.59  ? 310 HOH A O   1 
HETATM 1314 O  O   . HOH M 7 .   ? 3.223   -10.373 18.136  1.00 58.02  ? 311 HOH A O   1 
HETATM 1315 O  O   . HOH M 7 .   ? 2.051   -8.909  22.994  1.00 65.10  ? 312 HOH A O   1 
HETATM 1316 O  O   . HOH M 7 .   ? -2.973  -4.933  2.917   1.00 49.79  ? 313 HOH A O   1 
HETATM 1317 O  O   . HOH M 7 .   ? 8.329   4.842   -12.138 1.00 60.06  ? 314 HOH A O   1 
HETATM 1318 O  O   . HOH M 7 .   ? 12.566  4.755   -10.941 1.00 51.16  ? 315 HOH A O   1 
HETATM 1319 O  O   . HOH M 7 .   ? -2.461  6.835   -30.423 1.00 73.25  ? 316 HOH A O   1 
HETATM 1320 O  O   . HOH M 7 .   ? 7.128   8.186   -30.063 1.00 73.54  ? 317 HOH A O   1 
HETATM 1321 O  O   . HOH M 7 .   ? -2.599  -7.461  2.143   1.00 58.22  ? 318 HOH A O   1 
HETATM 1322 O  O   . HOH M 7 .   ? -8.422  -12.774 21.558  1.00 66.73  ? 319 HOH A O   1 
HETATM 1323 O  O   . HOH M 7 .   ? -8.914  -6.455  14.123  1.00 59.25  ? 320 HOH A O   1 
HETATM 1324 O  O   . HOH M 7 .   ? 4.255   24.190  -7.492  1.00 55.91  ? 321 HOH A O   1 
HETATM 1325 O  O   . HOH M 7 .   ? 11.795  18.932  -8.645  1.00 56.49  ? 322 HOH A O   1 
# 
loop_
_pdbx_poly_seq_scheme.asym_id 
_pdbx_poly_seq_scheme.entity_id 
_pdbx_poly_seq_scheme.seq_id 
_pdbx_poly_seq_scheme.mon_id 
_pdbx_poly_seq_scheme.ndb_seq_num 
_pdbx_poly_seq_scheme.pdb_seq_num 
_pdbx_poly_seq_scheme.auth_seq_num 
_pdbx_poly_seq_scheme.pdb_mon_id 
_pdbx_poly_seq_scheme.auth_mon_id 
_pdbx_poly_seq_scheme.pdb_strand_id 
_pdbx_poly_seq_scheme.pdb_ins_code 
_pdbx_poly_seq_scheme.hetero 
A 1 1   MET 1   -5  -5  MET MET A . n 
A 1 2   HIS 2   -4  -4  HIS HIS A . n 
A 1 3   HIS 3   -3  -3  HIS HIS A . n 
A 1 4   HIS 4   -2  -2  HIS HIS A . n 
A 1 5   HIS 5   -1  -1  HIS HIS A . n 
A 1 6   HIS 6   0   0   HIS HIS A . n 
A 1 7   HIS 7   1   1   HIS HIS A . n 
A 1 8   LYS 8   2   2   LYS LYS A . n 
A 1 9   ASP 9   3   3   ASP ASP A . n 
A 1 10  GLU 10  4   4   GLU GLU A . n 
A 1 11  VAL 11  5   5   VAL VAL A . n 
A 1 12  ALA 12  6   6   ALA ALA A . n 
A 1 13  LEU 13  7   7   LEU LEU A . n 
A 1 14  LEU 14  8   8   LEU LEU A . n 
A 1 15  ALA 15  9   9   ALA ALA A . n 
A 1 16  ALA 16  10  10  ALA ALA A . n 
A 1 17  VAL 17  11  11  VAL VAL A . n 
A 1 18  THR 18  12  12  THR THR A . n 
A 1 19  LEU 19  13  13  LEU LEU A . n 
A 1 20  LEU 20  14  14  LEU LEU A . n 
A 1 21  GLY 21  15  15  GLY GLY A . n 
A 1 22  VAL 22  16  16  VAL VAL A . n 
A 1 23  LEU 23  17  17  LEU LEU A . n 
A 1 24  LEU 24  18  18  LEU LEU A . n 
A 1 25  GLN 25  19  19  GLN GLN A . n 
A 1 26  ALA 26  20  20  ALA ALA A . n 
A 1 27  TYR 27  21  21  TYR TYR A . n 
A 1 28  PHE 28  22  22  PHE PHE A . n 
A 1 29  SER 29  23  23  SER SER A . n 
A 1 30  LEU 30  24  24  LEU LEU A . n 
A 1 31  GLN 31  25  25  GLN GLN A . n 
A 1 32  VAL 32  26  26  VAL VAL A . n 
A 1 33  ILE 33  27  27  ILE ILE A . n 
A 1 34  SER 34  28  28  SER SER A . n 
A 1 35  ALA 35  29  29  ALA ALA A . n 
A 1 36  ARG 36  30  30  ARG ARG A . n 
A 1 37  ARG 37  31  31  ARG ARG A . n 
A 1 38  ALA 38  32  32  ALA ALA A . n 
A 1 39  PHE 39  33  33  PHE PHE A . n 
A 1 40  ARG 40  34  34  ARG ARG A . n 
A 1 41  VAL 41  35  35  VAL VAL A . n 
A 1 42  SER 42  36  36  SER SER A . n 
A 1 43  PRO 43  37  37  PRO PRO A . n 
A 1 44  PRO 44  38  38  PRO PRO A . n 
A 1 45  LEU 45  39  39  LEU LEU A . n 
A 1 46  THR 46  40  40  THR THR A . n 
A 1 47  THR 47  41  41  THR THR A . n 
A 1 48  GLY 48  42  42  GLY GLY A . n 
A 1 49  PRO 49  43  43  PRO PRO A . n 
A 1 50  PRO 50  44  44  PRO PRO A . n 
A 1 51  GLU 51  45  45  GLU GLU A . n 
A 1 52  PHE 52  46  46  PHE PHE A . n 
A 1 53  GLU 53  47  47  GLU GLU A . n 
A 1 54  ARG 54  48  48  ARG ARG A . n 
A 1 55  VAL 55  49  49  VAL VAL A . n 
A 1 56  TYR 56  50  50  TYR TYR A . n 
A 1 57  ARG 57  51  51  ARG ARG A . n 
A 1 58  ALA 58  52  52  ALA ALA A . n 
A 1 59  GLN 59  53  53  GLN GLN A . n 
A 1 60  VAL 60  54  54  VAL VAL A . n 
A 1 61  ASN 61  55  55  ASN ASN A . n 
A 1 62  CYS 62  56  56  CYS CYS A . n 
A 1 63  SER 63  57  57  SER SER A . n 
A 1 64  GLU 64  58  58  GLU GLU A . n 
A 1 65  TYR 65  59  59  TYR TYR A . n 
A 1 66  PHE 66  60  60  PHE PHE A . n 
A 1 67  PRO 67  61  61  PRO PRO A . n 
A 1 68  LEU 68  62  62  LEU LEU A . n 
A 1 69  PHE 69  63  63  PHE PHE A . n 
A 1 70  LEU 70  64  64  LEU LEU A . n 
A 1 71  ALA 71  65  65  ALA ALA A . n 
A 1 72  THR 72  66  66  THR THR A . n 
A 1 73  LEU 73  67  67  LEU LEU A . n 
A 1 74  TRP 74  68  68  TRP TRP A . n 
A 1 75  VAL 75  69  69  VAL VAL A . n 
A 1 76  ALA 76  70  70  ALA ALA A . n 
A 1 77  GLY 77  71  71  GLY GLY A . n 
A 1 78  ILE 78  72  72  ILE ILE A . n 
A 1 79  PHE 79  73  73  PHE PHE A . n 
A 1 80  PHE 80  74  74  PHE PHE A . n 
A 1 81  HIS 81  75  75  HIS HIS A . n 
A 1 82  GLU 82  76  76  GLU GLU A . n 
A 1 83  GLY 83  77  77  GLY GLY A . n 
A 1 84  ALA 84  78  78  ALA ALA A . n 
A 1 85  ALA 85  79  79  ALA ALA A . n 
A 1 86  ALA 86  80  80  ALA ALA A . n 
A 1 87  LEU 87  81  81  LEU LEU A . n 
A 1 88  CYS 88  82  82  CYS CYS A . n 
A 1 89  GLY 89  83  83  GLY GLY A . n 
A 1 90  LEU 90  84  84  LEU LEU A . n 
A 1 91  VAL 91  85  85  VAL VAL A . n 
A 1 92  TYR 92  86  86  TYR TYR A . n 
A 1 93  LEU 93  87  87  LEU LEU A . n 
A 1 94  PHE 94  88  88  PHE PHE A . n 
A 1 95  ALA 95  89  89  ALA ALA A . n 
A 1 96  ARG 96  90  90  ARG ARG A . n 
A 1 97  LEU 97  91  91  LEU LEU A . n 
A 1 98  ARG 98  92  92  ARG ARG A . n 
A 1 99  TYR 99  93  93  TYR TYR A . n 
A 1 100 PHE 100 94  94  PHE PHE A . n 
A 1 101 GLN 101 95  95  GLN GLN A . n 
A 1 102 GLY 102 96  96  GLY GLY A . n 
A 1 103 TYR 103 97  97  TYR TYR A . n 
A 1 104 ALA 104 98  98  ALA ALA A . n 
A 1 105 ARG 105 99  99  ARG ARG A . n 
A 1 106 SER 106 100 100 SER SER A . n 
A 1 107 ALA 107 101 101 ALA ALA A . n 
A 1 108 GLN 108 102 102 GLN GLN A . n 
A 1 109 LEU 109 103 103 LEU LEU A . n 
A 1 110 ARG 110 104 104 ARG ARG A . n 
A 1 111 LEU 111 105 105 LEU LEU A . n 
A 1 112 ALA 112 106 106 ALA ALA A . n 
A 1 113 PRO 113 107 107 PRO PRO A . n 
A 1 114 LEU 114 108 108 LEU LEU A . n 
A 1 115 TYR 115 109 109 TYR TYR A . n 
A 1 116 ALA 116 110 110 ALA ALA A . n 
A 1 117 SER 117 111 111 SER SER A . n 
A 1 118 ALA 118 112 112 ALA ALA A . n 
A 1 119 ARG 119 113 113 ARG ARG A . n 
A 1 120 ALA 120 114 114 ALA ALA A . n 
A 1 121 LEU 121 115 115 LEU LEU A . n 
A 1 122 PHE 122 116 116 PHE PHE A . n 
A 1 123 LEU 123 117 117 LEU LEU A . n 
A 1 124 LEU 124 118 118 LEU LEU A . n 
A 1 125 VAL 125 119 119 VAL VAL A . n 
A 1 126 ALA 126 120 120 ALA ALA A . n 
A 1 127 LEU 127 121 121 LEU LEU A . n 
A 1 128 ALA 128 122 122 ALA ALA A . n 
A 1 129 ALA 129 123 123 ALA ALA A . n 
A 1 130 LEU 130 124 124 LEU LEU A . n 
A 1 131 GLY 131 125 125 GLY GLY A . n 
A 1 132 LEU 132 126 126 LEU LEU A . n 
A 1 133 LEU 133 127 127 LEU LEU A . n 
A 1 134 ALA 134 128 128 ALA ALA A . n 
A 1 135 HIS 135 129 129 HIS HIS A . n 
A 1 136 PHE 136 130 130 PHE PHE A . n 
A 1 137 LEU 137 131 131 LEU LEU A . n 
A 1 138 PRO 138 132 132 PRO PRO A . n 
A 1 139 ALA 139 133 133 ALA ALA A . n 
A 1 140 ALA 140 134 134 ALA ALA A . n 
A 1 141 LEU 141 135 135 LEU LEU A . n 
A 1 142 ARG 142 136 136 ARG ARG A . n 
A 1 143 ALA 143 137 137 ALA ALA A . n 
A 1 144 ALA 144 138 138 ALA ALA A . n 
A 1 145 LEU 145 139 139 LEU LEU A . n 
A 1 146 LEU 146 140 140 LEU LEU A . n 
A 1 147 GLY 147 141 141 GLY GLY A . n 
A 1 148 ARG 148 142 142 ARG ARG A . n 
A 1 149 LEU 149 143 143 LEU LEU A . n 
A 1 150 ARG 150 144 144 ARG ARG A . n 
A 1 151 THR 151 145 145 THR THR A . n 
A 1 152 LEU 152 146 146 LEU LEU A . n 
A 1 153 LEU 153 147 147 LEU LEU A . n 
A 1 154 PRO 154 148 148 PRO PRO A . n 
A 1 155 TRP 155 149 149 TRP TRP A . n 
A 1 156 ALA 156 150 150 ALA ALA A . n 
# 
loop_
_pdbx_nonpoly_scheme.asym_id 
_pdbx_nonpoly_scheme.entity_id 
_pdbx_nonpoly_scheme.mon_id 
_pdbx_nonpoly_scheme.ndb_seq_num 
_pdbx_nonpoly_scheme.pdb_seq_num 
_pdbx_nonpoly_scheme.auth_seq_num 
_pdbx_nonpoly_scheme.pdb_mon_id 
_pdbx_nonpoly_scheme.auth_mon_id 
_pdbx_nonpoly_scheme.pdb_strand_id 
_pdbx_nonpoly_scheme.pdb_ins_code 
B 2 NI  1  201 1151 NI  NI  A . 
C 2 NI  1  202 1152 NI  NI  A . 
D 2 NI  1  203 1153 NI  NI  A . 
E 3 SO4 1  204 1164 SO4 SO4 A . 
F 4 PAM 1  205 1151 PAM PAM A . 
G 5 PLM 1  206 1152 PLM PLM A . 
H 5 PLM 1  207 1153 PLM PLM A . 
I 5 PLM 1  208 1154 PLM PLM A . 
J 5 PLM 1  209 1156 PLM PLM A . 
K 5 PLM 1  210 1157 PLM PLM A . 
L 6 GTX 1  211 1    GTX GTX A . 
M 7 HOH 1  301 1    HOH HOH A . 
M 7 HOH 2  302 2    HOH HOH A . 
M 7 HOH 3  303 3    HOH HOH A . 
M 7 HOH 4  304 4    HOH HOH A . 
M 7 HOH 5  305 5    HOH HOH A . 
M 7 HOH 6  306 6    HOH HOH A . 
M 7 HOH 7  307 7    HOH HOH A . 
M 7 HOH 8  308 8    HOH HOH A . 
M 7 HOH 9  309 9    HOH HOH A . 
M 7 HOH 10 310 10   HOH HOH A . 
M 7 HOH 11 311 11   HOH HOH A . 
M 7 HOH 12 312 12   HOH HOH A . 
M 7 HOH 13 313 13   HOH HOH A . 
M 7 HOH 14 314 14   HOH HOH A . 
M 7 HOH 15 315 15   HOH HOH A . 
M 7 HOH 16 316 17   HOH HOH A . 
M 7 HOH 17 317 18   HOH HOH A . 
M 7 HOH 18 318 19   HOH HOH A . 
M 7 HOH 19 319 21   HOH HOH A . 
M 7 HOH 20 320 22   HOH HOH A . 
M 7 HOH 21 321 23   HOH HOH A . 
M 7 HOH 22 322 24   HOH HOH A . 
# 
_pdbx_struct_assembly.id                   1 
_pdbx_struct_assembly.details              author_and_software_defined_assembly 
_pdbx_struct_assembly.method_details       PISA 
_pdbx_struct_assembly.oligomeric_details   trimeric 
_pdbx_struct_assembly.oligomeric_count     3 
# 
_pdbx_struct_assembly_gen.assembly_id       1 
_pdbx_struct_assembly_gen.oper_expression   1,2,3 
_pdbx_struct_assembly_gen.asym_id_list      A,B,C,D,E,F,G,H,I,J,K,L,M 
# 
loop_
_pdbx_struct_assembly_prop.biol_id 
_pdbx_struct_assembly_prop.type 
_pdbx_struct_assembly_prop.value 
_pdbx_struct_assembly_prop.details 
1 'ABSA (A^2)' 17360 ? 
1 MORE         -104  ? 
1 'SSA (A^2)'  21180 ? 
# 
loop_
_pdbx_struct_oper_list.id 
_pdbx_struct_oper_list.type 
_pdbx_struct_oper_list.name 
_pdbx_struct_oper_list.symmetry_operation 
_pdbx_struct_oper_list.matrix[1][1] 
_pdbx_struct_oper_list.matrix[1][2] 
_pdbx_struct_oper_list.matrix[1][3] 
_pdbx_struct_oper_list.vector[1] 
_pdbx_struct_oper_list.matrix[2][1] 
_pdbx_struct_oper_list.matrix[2][2] 
_pdbx_struct_oper_list.matrix[2][3] 
_pdbx_struct_oper_list.vector[2] 
_pdbx_struct_oper_list.matrix[3][1] 
_pdbx_struct_oper_list.matrix[3][2] 
_pdbx_struct_oper_list.matrix[3][3] 
_pdbx_struct_oper_list.vector[3] 
1 'identity operation'         1_555  x,y,z   1.0000000000  0.0000000000  0.0000000000  0.0000000000   0.0000000000  1.0000000000  0.0000000000  0.0000000000  0.0000000000  0.0000000000  1.0000000000 0.0000000000   
2 'crystal symmetry operation' 7_555  -z,-x,y -0.0688395702 0.9525275304  -0.2965677281 -10.7423792221 -0.3661753914 -0.3006491278 -0.8806393613 -6.9860271361 -0.9279960648 0.0479729688  0.3694886980 -10.9097212547 
3 'crystal symmetry operation' 10_555 -y,z,-x -0.0688395702 -0.3661753914 -0.9279960648 -13.4217903821 0.9525275304  -0.3006491278 0.0479729688  8.6554407031  -0.2965677281 -0.8806393613 0.3694886980 -5.3069947736 
# 
loop_
_pdbx_struct_special_symmetry.id 
_pdbx_struct_special_symmetry.PDB_model_num 
_pdbx_struct_special_symmetry.auth_asym_id 
_pdbx_struct_special_symmetry.auth_comp_id 
_pdbx_struct_special_symmetry.auth_seq_id 
_pdbx_struct_special_symmetry.PDB_ins_code 
_pdbx_struct_special_symmetry.label_asym_id 
_pdbx_struct_special_symmetry.label_comp_id 
_pdbx_struct_special_symmetry.label_seq_id 
1 1 A NI  201 ? B NI  . 
2 1 A NI  202 ? C NI  . 
3 1 A SO4 204 ? E SO4 . 
# 
loop_
_pdbx_struct_conn_angle.id 
_pdbx_struct_conn_angle.ptnr1_label_atom_id 
_pdbx_struct_conn_angle.ptnr1_label_alt_id 
_pdbx_struct_conn_angle.ptnr1_label_asym_id 
_pdbx_struct_conn_angle.ptnr1_label_comp_id 
_pdbx_struct_conn_angle.ptnr1_label_seq_id 
_pdbx_struct_conn_angle.ptnr1_auth_atom_id 
_pdbx_struct_conn_angle.ptnr1_auth_asym_id 
_pdbx_struct_conn_angle.ptnr1_auth_comp_id 
_pdbx_struct_conn_angle.ptnr1_auth_seq_id 
_pdbx_struct_conn_angle.ptnr1_PDB_ins_code 
_pdbx_struct_conn_angle.ptnr1_symmetry 
_pdbx_struct_conn_angle.ptnr2_label_atom_id 
_pdbx_struct_conn_angle.ptnr2_label_alt_id 
_pdbx_struct_conn_angle.ptnr2_label_asym_id 
_pdbx_struct_conn_angle.ptnr2_label_comp_id 
_pdbx_struct_conn_angle.ptnr2_label_seq_id 
_pdbx_struct_conn_angle.ptnr2_auth_atom_id 
_pdbx_struct_conn_angle.ptnr2_auth_asym_id 
_pdbx_struct_conn_angle.ptnr2_auth_comp_id 
_pdbx_struct_conn_angle.ptnr2_auth_seq_id 
_pdbx_struct_conn_angle.ptnr2_PDB_ins_code 
_pdbx_struct_conn_angle.ptnr2_symmetry 
_pdbx_struct_conn_angle.ptnr3_label_atom_id 
_pdbx_struct_conn_angle.ptnr3_label_alt_id 
_pdbx_struct_conn_angle.ptnr3_label_asym_id 
_pdbx_struct_conn_angle.ptnr3_label_comp_id 
_pdbx_struct_conn_angle.ptnr3_label_seq_id 
_pdbx_struct_conn_angle.ptnr3_auth_atom_id 
_pdbx_struct_conn_angle.ptnr3_auth_asym_id 
_pdbx_struct_conn_angle.ptnr3_auth_comp_id 
_pdbx_struct_conn_angle.ptnr3_auth_seq_id 
_pdbx_struct_conn_angle.ptnr3_PDB_ins_code 
_pdbx_struct_conn_angle.ptnr3_symmetry 
_pdbx_struct_conn_angle.value 
_pdbx_struct_conn_angle.value_esd 
1 NE2 ? A HIS 2 ? A HIS -4 ? 1_555 NI ? C NI . ? A NI 202 ? 1_555 NE2 ? A HIS 4 ? A HIS -2 ? 1_555 107.3 ? 
2 NE2 ? A HIS 5 ? A HIS -1 ? 1_555 NI ? B NI . ? A NI 201 ? 1_555 NE2 ? A HIS 7 ? A HIS 1  ? 1_555 94.3  ? 
# 
loop_
_pdbx_audit_revision_history.ordinal 
_pdbx_audit_revision_history.data_content_type 
_pdbx_audit_revision_history.major_revision 
_pdbx_audit_revision_history.minor_revision 
_pdbx_audit_revision_history.revision_date 
1 'Structure model' 1 0 2014-01-01 
2 'Structure model' 1 1 2014-01-22 
3 'Structure model' 1 2 2014-03-12 
4 'Structure model' 1 3 2023-09-20 
# 
_pdbx_audit_revision_details.ordinal             1 
_pdbx_audit_revision_details.revision_ordinal    1 
_pdbx_audit_revision_details.data_content_type   'Structure model' 
_pdbx_audit_revision_details.provider            repository 
_pdbx_audit_revision_details.type                'Initial release' 
_pdbx_audit_revision_details.description         ? 
_pdbx_audit_revision_details.details             ? 
# 
loop_
_pdbx_audit_revision_group.ordinal 
_pdbx_audit_revision_group.revision_ordinal 
_pdbx_audit_revision_group.data_content_type 
_pdbx_audit_revision_group.group 
1 2 'Structure model' 'Database references'    
2 3 'Structure model' 'Database references'    
3 4 'Structure model' 'Data collection'        
4 4 'Structure model' 'Database references'    
5 4 'Structure model' 'Derived calculations'   
6 4 'Structure model' 'Refinement description' 
# 
loop_
_pdbx_audit_revision_category.ordinal 
_pdbx_audit_revision_category.revision_ordinal 
_pdbx_audit_revision_category.data_content_type 
_pdbx_audit_revision_category.category 
1 4 'Structure model' chem_comp_atom                
2 4 'Structure model' chem_comp_bond                
3 4 'Structure model' database_2                    
4 4 'Structure model' pdbx_initial_refinement_model 
5 4 'Structure model' pdbx_struct_conn_angle        
6 4 'Structure model' struct_conn                   
7 4 'Structure model' struct_ref_seq_dif            
8 4 'Structure model' struct_site                   
# 
loop_
_pdbx_audit_revision_item.ordinal 
_pdbx_audit_revision_item.revision_ordinal 
_pdbx_audit_revision_item.data_content_type 
_pdbx_audit_revision_item.item 
1  4 'Structure model' '_database_2.pdbx_DOI'                       
2  4 'Structure model' '_database_2.pdbx_database_accession'        
3  4 'Structure model' '_pdbx_struct_conn_angle.ptnr1_auth_seq_id'  
4  4 'Structure model' '_pdbx_struct_conn_angle.ptnr1_label_seq_id' 
5  4 'Structure model' '_pdbx_struct_conn_angle.ptnr3_auth_seq_id'  
6  4 'Structure model' '_pdbx_struct_conn_angle.ptnr3_label_seq_id' 
7  4 'Structure model' '_struct_conn.pdbx_dist_value'               
8  4 'Structure model' '_struct_conn.ptnr1_auth_seq_id'             
9  4 'Structure model' '_struct_conn.ptnr1_label_seq_id'            
10 4 'Structure model' '_struct_conn.ptnr2_auth_seq_id'             
11 4 'Structure model' '_struct_conn.ptnr2_label_asym_id'           
12 4 'Structure model' '_struct_ref_seq_dif.details'                
13 4 'Structure model' '_struct_site.pdbx_auth_asym_id'             
14 4 'Structure model' '_struct_site.pdbx_auth_comp_id'             
15 4 'Structure model' '_struct_site.pdbx_auth_seq_id'              
# 
_pdbx_phasing_MR.entry_id                     4JRZ 
_pdbx_phasing_MR.method_rotation              ? 
_pdbx_phasing_MR.method_translation           ? 
_pdbx_phasing_MR.model_details                ? 
_pdbx_phasing_MR.R_factor                     ? 
_pdbx_phasing_MR.R_rigid_body                 ? 
_pdbx_phasing_MR.correlation_coeff_Fo_to_Fc   ? 
_pdbx_phasing_MR.correlation_coeff_Io_to_Ic   ? 
_pdbx_phasing_MR.d_res_high_rotation          6.250 
_pdbx_phasing_MR.d_res_low_rotation           20.660 
_pdbx_phasing_MR.d_res_high_translation       6.250 
_pdbx_phasing_MR.d_res_low_translation        20.660 
_pdbx_phasing_MR.packing                      ? 
_pdbx_phasing_MR.reflns_percent_rotation      ? 
_pdbx_phasing_MR.reflns_percent_translation   ? 
_pdbx_phasing_MR.sigma_F_rotation             ? 
_pdbx_phasing_MR.sigma_F_translation          ? 
_pdbx_phasing_MR.sigma_I_rotation             ? 
_pdbx_phasing_MR.sigma_I_translation          ? 
# 
_phasing.method   MR 
# 
loop_
_software.pdbx_ordinal 
_software.name 
_software.version 
_software.date 
_software.type 
_software.contact_author 
_software.contact_author_email 
_software.classification 
_software.location 
_software.language 
_software.citation_id 
1 SCALA       3.3.16     2010/01/06                        other   'Phil R. Evans' pre@mrc-lmb.cam.ac.uk       'data scaling'    
http://www.ccp4.ac.uk/dist/html/scala.html  Fortran_77 ? 
2 PHASER      2.5.2      'Thu Sep 27 03:51:30 2012 (svn )' program 'Randy J. Read' cimr-phaser@lists.cam.ac.uk phasing           
http://www-structmed.cimr.cam.ac.uk/phaser/ ?          ? 
3 PHENIX      1.8.1_1168 ?                                 package 'Paul D. Adams' PDAdams@lbl.gov             refinement        
http://www.phenix-online.org/               C++        ? 
4 PDB_EXTRACT 3.11       'April 22, 2011'                  package PDB             deposit@deposit.rcsb.org    'data extraction' 
http://sw-tools.pdb.org/apps/PDB_EXTRACT/   C++        ? 
5 ADSC        Quantum    ?                                 ?       ?               ?                           'data collection' ? 
?          ? 
6 XDS         .          ?                                 ?       ?               ?                           'data reduction'  ? 
?          ? 
# 
loop_
_pdbx_validate_rmsd_angle.id 
_pdbx_validate_rmsd_angle.PDB_model_num 
_pdbx_validate_rmsd_angle.auth_atom_id_1 
_pdbx_validate_rmsd_angle.auth_asym_id_1 
_pdbx_validate_rmsd_angle.auth_comp_id_1 
_pdbx_validate_rmsd_angle.auth_seq_id_1 
_pdbx_validate_rmsd_angle.PDB_ins_code_1 
_pdbx_validate_rmsd_angle.label_alt_id_1 
_pdbx_validate_rmsd_angle.auth_atom_id_2 
_pdbx_validate_rmsd_angle.auth_asym_id_2 
_pdbx_validate_rmsd_angle.auth_comp_id_2 
_pdbx_validate_rmsd_angle.auth_seq_id_2 
_pdbx_validate_rmsd_angle.PDB_ins_code_2 
_pdbx_validate_rmsd_angle.label_alt_id_2 
_pdbx_validate_rmsd_angle.auth_atom_id_3 
_pdbx_validate_rmsd_angle.auth_asym_id_3 
_pdbx_validate_rmsd_angle.auth_comp_id_3 
_pdbx_validate_rmsd_angle.auth_seq_id_3 
_pdbx_validate_rmsd_angle.PDB_ins_code_3 
_pdbx_validate_rmsd_angle.label_alt_id_3 
_pdbx_validate_rmsd_angle.angle_value 
_pdbx_validate_rmsd_angle.angle_target_value 
_pdbx_validate_rmsd_angle.angle_deviation 
_pdbx_validate_rmsd_angle.angle_standard_deviation 
_pdbx_validate_rmsd_angle.linker_flag 
1 1 CA A LEU 143 ? ? CB A LEU 143 ? ? CG A LEU 143 ? ? 136.52 115.30 21.22 2.30 N 
2 1 C  A LEU 147 ? ? N  A PRO 148 ? ? CA A PRO 148 ? ? 132.05 119.30 12.75 1.50 Y 
# 
loop_
_pdbx_validate_torsion.id 
_pdbx_validate_torsion.PDB_model_num 
_pdbx_validate_torsion.auth_comp_id 
_pdbx_validate_torsion.auth_asym_id 
_pdbx_validate_torsion.auth_seq_id 
_pdbx_validate_torsion.PDB_ins_code 
_pdbx_validate_torsion.label_alt_id 
_pdbx_validate_torsion.phi 
_pdbx_validate_torsion.psi 
1  1 HIS A -4  ? ? 69.66   129.54  
2  1 HIS A -3  ? ? 73.13   116.11  
3  1 PRO A 38  ? ? -68.90  -110.19 
4  1 LEU A 39  ? ? 50.01   121.29  
5  1 PHE A 74  ? ? -125.85 -60.84  
6  1 HIS A 75  ? ? -177.58 125.25  
7  1 LEU A 140 ? ? -65.70  8.99    
8  1 ARG A 142 ? ? -107.33 51.19   
9  1 LEU A 143 ? ? -174.14 40.88   
10 1 ARG A 144 ? ? -5.25   96.93   
11 1 THR A 145 ? ? 27.81   -113.11 
12 1 LEU A 146 ? ? 74.79   117.49  
13 1 PRO A 148 ? ? -169.77 -142.32 
14 1 TRP A 149 ? ? 48.27   -147.49 
# 
loop_
_pdbx_unobs_or_zero_occ_atoms.id 
_pdbx_unobs_or_zero_occ_atoms.PDB_model_num 
_pdbx_unobs_or_zero_occ_atoms.polymer_flag 
_pdbx_unobs_or_zero_occ_atoms.occupancy_flag 
_pdbx_unobs_or_zero_occ_atoms.auth_asym_id 
_pdbx_unobs_or_zero_occ_atoms.auth_comp_id 
_pdbx_unobs_or_zero_occ_atoms.auth_seq_id 
_pdbx_unobs_or_zero_occ_atoms.PDB_ins_code 
_pdbx_unobs_or_zero_occ_atoms.auth_atom_id 
_pdbx_unobs_or_zero_occ_atoms.label_alt_id 
_pdbx_unobs_or_zero_occ_atoms.label_asym_id 
_pdbx_unobs_or_zero_occ_atoms.label_comp_id 
_pdbx_unobs_or_zero_occ_atoms.label_seq_id 
_pdbx_unobs_or_zero_occ_atoms.label_atom_id 
1  1 Y 1 A MET -5  ? CG  ? A MET 1   CG  
2  1 Y 1 A MET -5  ? SD  ? A MET 1   SD  
3  1 Y 1 A MET -5  ? CE  ? A MET 1   CE  
4  1 Y 1 A LEU 146 ? CB  ? A LEU 152 CB  
5  1 Y 1 A LEU 146 ? CG  ? A LEU 152 CG  
6  1 Y 1 A LEU 146 ? CD1 ? A LEU 152 CD1 
7  1 Y 1 A LEU 146 ? CD2 ? A LEU 152 CD2 
8  1 Y 1 A LEU 147 ? CB  ? A LEU 153 CB  
9  1 Y 1 A LEU 147 ? CG  ? A LEU 153 CG  
10 1 Y 1 A LEU 147 ? CD1 ? A LEU 153 CD1 
11 1 Y 1 A LEU 147 ? CD2 ? A LEU 153 CD2 
12 1 Y 1 A PRO 148 ? CB  ? A PRO 154 CB  
13 1 Y 1 A PRO 148 ? CG  ? A PRO 154 CG  
14 1 Y 1 A PRO 148 ? CD  ? A PRO 154 CD  
15 1 Y 1 A TRP 149 ? CG  ? A TRP 155 CG  
16 1 Y 1 A TRP 149 ? CD1 ? A TRP 155 CD1 
17 1 Y 1 A TRP 149 ? CD2 ? A TRP 155 CD2 
18 1 Y 1 A TRP 149 ? NE1 ? A TRP 155 NE1 
19 1 Y 1 A TRP 149 ? CE2 ? A TRP 155 CE2 
20 1 Y 1 A TRP 149 ? CE3 ? A TRP 155 CE3 
21 1 Y 1 A TRP 149 ? CZ2 ? A TRP 155 CZ2 
22 1 Y 1 A TRP 149 ? CZ3 ? A TRP 155 CZ3 
23 1 Y 1 A TRP 149 ? CH2 ? A TRP 155 CH2 
24 1 Y 1 A ALA 150 ? CA  ? A ALA 156 CA  
25 1 Y 1 A ALA 150 ? C   ? A ALA 156 C   
26 1 Y 1 A ALA 150 ? O   ? A ALA 156 O   
27 1 Y 1 A ALA 150 ? CB  ? A ALA 156 CB  
28 1 N 1 A PLM 206 ? O1  ? G PLM 1   O1  
29 1 N 1 A PLM 206 ? O2  ? G PLM 1   O2  
30 1 N 1 A PLM 206 ? CB  ? G PLM 1   CB  
31 1 N 1 A PLM 206 ? CC  ? G PLM 1   CC  
32 1 N 1 A PLM 206 ? CD  ? G PLM 1   CD  
33 1 N 1 A PLM 206 ? CE  ? G PLM 1   CE  
34 1 N 1 A PLM 206 ? CF  ? G PLM 1   CF  
35 1 N 1 A PLM 206 ? CG  ? G PLM 1   CG  
36 1 N 1 A PLM 207 ? O1  ? H PLM 1   O1  
37 1 N 1 A PLM 207 ? O2  ? H PLM 1   O2  
38 1 N 1 A PLM 207 ? CB  ? H PLM 1   CB  
39 1 N 1 A PLM 207 ? CC  ? H PLM 1   CC  
40 1 N 1 A PLM 207 ? CD  ? H PLM 1   CD  
41 1 N 1 A PLM 207 ? CE  ? H PLM 1   CE  
42 1 N 1 A PLM 207 ? CF  ? H PLM 1   CF  
43 1 N 1 A PLM 207 ? CG  ? H PLM 1   CG  
44 1 N 1 A PLM 208 ? O1  ? I PLM 1   O1  
45 1 N 1 A PLM 208 ? O2  ? I PLM 1   O2  
46 1 N 1 A PLM 208 ? C9  ? I PLM 1   C9  
47 1 N 1 A PLM 208 ? CA  ? I PLM 1   CA  
48 1 N 1 A PLM 208 ? CB  ? I PLM 1   CB  
49 1 N 1 A PLM 208 ? CC  ? I PLM 1   CC  
50 1 N 1 A PLM 208 ? CD  ? I PLM 1   CD  
51 1 N 1 A PLM 208 ? CE  ? I PLM 1   CE  
52 1 N 1 A PLM 208 ? CF  ? I PLM 1   CF  
53 1 N 1 A PLM 208 ? CG  ? I PLM 1   CG  
54 1 N 1 A PLM 209 ? O1  ? J PLM 1   O1  
55 1 N 1 A PLM 209 ? O2  ? J PLM 1   O2  
56 1 N 1 A PLM 209 ? CB  ? J PLM 1   CB  
57 1 N 1 A PLM 209 ? CC  ? J PLM 1   CC  
58 1 N 1 A PLM 209 ? CD  ? J PLM 1   CD  
59 1 N 1 A PLM 209 ? CE  ? J PLM 1   CE  
60 1 N 1 A PLM 209 ? CF  ? J PLM 1   CF  
61 1 N 1 A PLM 209 ? CG  ? J PLM 1   CG  
62 1 N 1 A PLM 210 ? O1  ? K PLM 1   O1  
63 1 N 1 A PLM 210 ? O2  ? K PLM 1   O2  
64 1 N 1 A PLM 210 ? C6  ? K PLM 1   C6  
65 1 N 1 A PLM 210 ? C7  ? K PLM 1   C7  
66 1 N 1 A PLM 210 ? C8  ? K PLM 1   C8  
67 1 N 1 A PLM 210 ? C9  ? K PLM 1   C9  
68 1 N 1 A PLM 210 ? CA  ? K PLM 1   CA  
69 1 N 1 A PLM 210 ? CB  ? K PLM 1   CB  
70 1 N 1 A PLM 210 ? CC  ? K PLM 1   CC  
71 1 N 1 A PLM 210 ? CD  ? K PLM 1   CD  
72 1 N 1 A PLM 210 ? CE  ? K PLM 1   CE  
73 1 N 1 A PLM 210 ? CF  ? K PLM 1   CF  
74 1 N 1 A PLM 210 ? CG  ? K PLM 1   CG  
# 
loop_
_chem_comp_atom.comp_id 
_chem_comp_atom.atom_id 
_chem_comp_atom.type_symbol 
_chem_comp_atom.pdbx_aromatic_flag 
_chem_comp_atom.pdbx_stereo_config 
_chem_comp_atom.pdbx_ordinal 
ALA N    N  N N 1   
ALA CA   C  N S 2   
ALA C    C  N N 3   
ALA O    O  N N 4   
ALA CB   C  N N 5   
ALA OXT  O  N N 6   
ALA H    H  N N 7   
ALA H2   H  N N 8   
ALA HA   H  N N 9   
ALA HB1  H  N N 10  
ALA HB2  H  N N 11  
ALA HB3  H  N N 12  
ALA HXT  H  N N 13  
ARG N    N  N N 14  
ARG CA   C  N S 15  
ARG C    C  N N 16  
ARG O    O  N N 17  
ARG CB   C  N N 18  
ARG CG   C  N N 19  
ARG CD   C  N N 20  
ARG NE   N  N N 21  
ARG CZ   C  N N 22  
ARG NH1  N  N N 23  
ARG NH2  N  N N 24  
ARG OXT  O  N N 25  
ARG H    H  N N 26  
ARG H2   H  N N 27  
ARG HA   H  N N 28  
ARG HB2  H  N N 29  
ARG HB3  H  N N 30  
ARG HG2  H  N N 31  
ARG HG3  H  N N 32  
ARG HD2  H  N N 33  
ARG HD3  H  N N 34  
ARG HE   H  N N 35  
ARG HH11 H  N N 36  
ARG HH12 H  N N 37  
ARG HH21 H  N N 38  
ARG HH22 H  N N 39  
ARG HXT  H  N N 40  
ASN N    N  N N 41  
ASN CA   C  N S 42  
ASN C    C  N N 43  
ASN O    O  N N 44  
ASN CB   C  N N 45  
ASN CG   C  N N 46  
ASN OD1  O  N N 47  
ASN ND2  N  N N 48  
ASN OXT  O  N N 49  
ASN H    H  N N 50  
ASN H2   H  N N 51  
ASN HA   H  N N 52  
ASN HB2  H  N N 53  
ASN HB3  H  N N 54  
ASN HD21 H  N N 55  
ASN HD22 H  N N 56  
ASN HXT  H  N N 57  
ASP N    N  N N 58  
ASP CA   C  N S 59  
ASP C    C  N N 60  
ASP O    O  N N 61  
ASP CB   C  N N 62  
ASP CG   C  N N 63  
ASP OD1  O  N N 64  
ASP OD2  O  N N 65  
ASP OXT  O  N N 66  
ASP H    H  N N 67  
ASP H2   H  N N 68  
ASP HA   H  N N 69  
ASP HB2  H  N N 70  
ASP HB3  H  N N 71  
ASP HD2  H  N N 72  
ASP HXT  H  N N 73  
CYS N    N  N N 74  
CYS CA   C  N R 75  
CYS C    C  N N 76  
CYS O    O  N N 77  
CYS CB   C  N N 78  
CYS SG   S  N N 79  
CYS OXT  O  N N 80  
CYS H    H  N N 81  
CYS H2   H  N N 82  
CYS HA   H  N N 83  
CYS HB2  H  N N 84  
CYS HB3  H  N N 85  
CYS HG   H  N N 86  
CYS HXT  H  N N 87  
GLN N    N  N N 88  
GLN CA   C  N S 89  
GLN C    C  N N 90  
GLN O    O  N N 91  
GLN CB   C  N N 92  
GLN CG   C  N N 93  
GLN CD   C  N N 94  
GLN OE1  O  N N 95  
GLN NE2  N  N N 96  
GLN OXT  O  N N 97  
GLN H    H  N N 98  
GLN H2   H  N N 99  
GLN HA   H  N N 100 
GLN HB2  H  N N 101 
GLN HB3  H  N N 102 
GLN HG2  H  N N 103 
GLN HG3  H  N N 104 
GLN HE21 H  N N 105 
GLN HE22 H  N N 106 
GLN HXT  H  N N 107 
GLU N    N  N N 108 
GLU CA   C  N S 109 
GLU C    C  N N 110 
GLU O    O  N N 111 
GLU CB   C  N N 112 
GLU CG   C  N N 113 
GLU CD   C  N N 114 
GLU OE1  O  N N 115 
GLU OE2  O  N N 116 
GLU OXT  O  N N 117 
GLU H    H  N N 118 
GLU H2   H  N N 119 
GLU HA   H  N N 120 
GLU HB2  H  N N 121 
GLU HB3  H  N N 122 
GLU HG2  H  N N 123 
GLU HG3  H  N N 124 
GLU HE2  H  N N 125 
GLU HXT  H  N N 126 
GLY N    N  N N 127 
GLY CA   C  N N 128 
GLY C    C  N N 129 
GLY O    O  N N 130 
GLY OXT  O  N N 131 
GLY H    H  N N 132 
GLY H2   H  N N 133 
GLY HA2  H  N N 134 
GLY HA3  H  N N 135 
GLY HXT  H  N N 136 
GTX N1   N  N N 137 
GTX CA1  C  N S 138 
GTX C1   C  N N 139 
GTX O11  O  N N 140 
GTX O12  O  N N 141 
GTX CB1  C  N N 142 
GTX CG1  C  N N 143 
GTX CD1  C  N N 144 
GTX OE1  O  N N 145 
GTX N2   N  N N 146 
GTX CA2  C  N R 147 
GTX C2   C  N N 148 
GTX O2   O  N N 149 
GTX CB2  C  N N 150 
GTX SG2  S  N N 151 
GTX C1S  C  N N 152 
GTX C2S  C  N N 153 
GTX C3S  C  N N 154 
GTX C4S  C  N N 155 
GTX C5S  C  N N 156 
GTX C6S  C  N N 157 
GTX N3   N  N N 158 
GTX CA3  C  N N 159 
GTX C3   C  N N 160 
GTX O31  O  N N 161 
GTX O32  O  N N 162 
GTX HN11 H  N N 163 
GTX HN12 H  N N 164 
GTX HN13 H  N N 165 
GTX HA1  H  N N 166 
GTX HO2  H  N N 167 
GTX HB11 H  N N 168 
GTX HB12 H  N N 169 
GTX HG11 H  N N 170 
GTX HG12 H  N N 171 
GTX HN2  H  N N 172 
GTX HA2  H  N N 173 
GTX HB21 H  N N 174 
GTX HB22 H  N N 175 
GTX HS11 H  N N 176 
GTX HS12 H  N N 177 
GTX HS21 H  N N 178 
GTX HS22 H  N N 179 
GTX HS31 H  N N 180 
GTX HS32 H  N N 181 
GTX HS41 H  N N 182 
GTX HS42 H  N N 183 
GTX HS51 H  N N 184 
GTX HS52 H  N N 185 
GTX HS61 H  N N 186 
GTX HS62 H  N N 187 
GTX HS63 H  N N 188 
GTX HN3  H  N N 189 
GTX HA31 H  N N 190 
GTX HA32 H  N N 191 
GTX HO3  H  N N 192 
HIS N    N  N N 193 
HIS CA   C  N S 194 
HIS C    C  N N 195 
HIS O    O  N N 196 
HIS CB   C  N N 197 
HIS CG   C  Y N 198 
HIS ND1  N  Y N 199 
HIS CD2  C  Y N 200 
HIS CE1  C  Y N 201 
HIS NE2  N  Y N 202 
HIS OXT  O  N N 203 
HIS H    H  N N 204 
HIS H2   H  N N 205 
HIS HA   H  N N 206 
HIS HB2  H  N N 207 
HIS HB3  H  N N 208 
HIS HD1  H  N N 209 
HIS HD2  H  N N 210 
HIS HE1  H  N N 211 
HIS HE2  H  N N 212 
HIS HXT  H  N N 213 
HOH O    O  N N 214 
HOH H1   H  N N 215 
HOH H2   H  N N 216 
ILE N    N  N N 217 
ILE CA   C  N S 218 
ILE C    C  N N 219 
ILE O    O  N N 220 
ILE CB   C  N S 221 
ILE CG1  C  N N 222 
ILE CG2  C  N N 223 
ILE CD1  C  N N 224 
ILE OXT  O  N N 225 
ILE H    H  N N 226 
ILE H2   H  N N 227 
ILE HA   H  N N 228 
ILE HB   H  N N 229 
ILE HG12 H  N N 230 
ILE HG13 H  N N 231 
ILE HG21 H  N N 232 
ILE HG22 H  N N 233 
ILE HG23 H  N N 234 
ILE HD11 H  N N 235 
ILE HD12 H  N N 236 
ILE HD13 H  N N 237 
ILE HXT  H  N N 238 
LEU N    N  N N 239 
LEU CA   C  N S 240 
LEU C    C  N N 241 
LEU O    O  N N 242 
LEU CB   C  N N 243 
LEU CG   C  N N 244 
LEU CD1  C  N N 245 
LEU CD2  C  N N 246 
LEU OXT  O  N N 247 
LEU H    H  N N 248 
LEU H2   H  N N 249 
LEU HA   H  N N 250 
LEU HB2  H  N N 251 
LEU HB3  H  N N 252 
LEU HG   H  N N 253 
LEU HD11 H  N N 254 
LEU HD12 H  N N 255 
LEU HD13 H  N N 256 
LEU HD21 H  N N 257 
LEU HD22 H  N N 258 
LEU HD23 H  N N 259 
LEU HXT  H  N N 260 
LYS N    N  N N 261 
LYS CA   C  N S 262 
LYS C    C  N N 263 
LYS O    O  N N 264 
LYS CB   C  N N 265 
LYS CG   C  N N 266 
LYS CD   C  N N 267 
LYS CE   C  N N 268 
LYS NZ   N  N N 269 
LYS OXT  O  N N 270 
LYS H    H  N N 271 
LYS H2   H  N N 272 
LYS HA   H  N N 273 
LYS HB2  H  N N 274 
LYS HB3  H  N N 275 
LYS HG2  H  N N 276 
LYS HG3  H  N N 277 
LYS HD2  H  N N 278 
LYS HD3  H  N N 279 
LYS HE2  H  N N 280 
LYS HE3  H  N N 281 
LYS HZ1  H  N N 282 
LYS HZ2  H  N N 283 
LYS HZ3  H  N N 284 
LYS HXT  H  N N 285 
MET N    N  N N 286 
MET CA   C  N S 287 
MET C    C  N N 288 
MET O    O  N N 289 
MET CB   C  N N 290 
MET CG   C  N N 291 
MET SD   S  N N 292 
MET CE   C  N N 293 
MET OXT  O  N N 294 
MET H    H  N N 295 
MET H2   H  N N 296 
MET HA   H  N N 297 
MET HB2  H  N N 298 
MET HB3  H  N N 299 
MET HG2  H  N N 300 
MET HG3  H  N N 301 
MET HE1  H  N N 302 
MET HE2  H  N N 303 
MET HE3  H  N N 304 
MET HXT  H  N N 305 
NI  NI   NI N N 306 
PAM C1   C  N N 307 
PAM O1   O  N N 308 
PAM O2   O  N N 309 
PAM C2   C  N N 310 
PAM C3   C  N N 311 
PAM C4   C  N N 312 
PAM C5   C  N N 313 
PAM C6   C  N N 314 
PAM C7   C  N N 315 
PAM C8   C  N N 316 
PAM C9   C  N N 317 
PAM C10  C  N N 318 
PAM C11  C  N N 319 
PAM C12  C  N N 320 
PAM C13  C  N N 321 
PAM C14  C  N N 322 
PAM C15  C  N N 323 
PAM C16  C  N N 324 
PAM HO1  H  N N 325 
PAM H21  H  N N 326 
PAM H22  H  N N 327 
PAM H31  H  N N 328 
PAM H32  H  N N 329 
PAM H41  H  N N 330 
PAM H42  H  N N 331 
PAM H51  H  N N 332 
PAM H52  H  N N 333 
PAM H61  H  N N 334 
PAM H62  H  N N 335 
PAM H71  H  N N 336 
PAM H72  H  N N 337 
PAM H81  H  N N 338 
PAM H82  H  N N 339 
PAM H9   H  N N 340 
PAM H10  H  N N 341 
PAM H111 H  N N 342 
PAM H112 H  N N 343 
PAM H121 H  N N 344 
PAM H122 H  N N 345 
PAM H131 H  N N 346 
PAM H132 H  N N 347 
PAM H141 H  N N 348 
PAM H142 H  N N 349 
PAM H151 H  N N 350 
PAM H152 H  N N 351 
PAM H161 H  N N 352 
PAM H162 H  N N 353 
PAM H163 H  N N 354 
PHE N    N  N N 355 
PHE CA   C  N S 356 
PHE C    C  N N 357 
PHE O    O  N N 358 
PHE CB   C  N N 359 
PHE CG   C  Y N 360 
PHE CD1  C  Y N 361 
PHE CD2  C  Y N 362 
PHE CE1  C  Y N 363 
PHE CE2  C  Y N 364 
PHE CZ   C  Y N 365 
PHE OXT  O  N N 366 
PHE H    H  N N 367 
PHE H2   H  N N 368 
PHE HA   H  N N 369 
PHE HB2  H  N N 370 
PHE HB3  H  N N 371 
PHE HD1  H  N N 372 
PHE HD2  H  N N 373 
PHE HE1  H  N N 374 
PHE HE2  H  N N 375 
PHE HZ   H  N N 376 
PHE HXT  H  N N 377 
PLM C1   C  N N 378 
PLM O1   O  N N 379 
PLM O2   O  N N 380 
PLM C2   C  N N 381 
PLM C3   C  N N 382 
PLM C4   C  N N 383 
PLM C5   C  N N 384 
PLM C6   C  N N 385 
PLM C7   C  N N 386 
PLM C8   C  N N 387 
PLM C9   C  N N 388 
PLM CA   C  N N 389 
PLM CB   C  N N 390 
PLM CC   C  N N 391 
PLM CD   C  N N 392 
PLM CE   C  N N 393 
PLM CF   C  N N 394 
PLM CG   C  N N 395 
PLM H    H  N N 396 
PLM H21  H  N N 397 
PLM H22  H  N N 398 
PLM H31  H  N N 399 
PLM H32  H  N N 400 
PLM H41  H  N N 401 
PLM H42  H  N N 402 
PLM H51  H  N N 403 
PLM H52  H  N N 404 
PLM H61  H  N N 405 
PLM H62  H  N N 406 
PLM H71  H  N N 407 
PLM H72  H  N N 408 
PLM H81  H  N N 409 
PLM H82  H  N N 410 
PLM H91  H  N N 411 
PLM H92  H  N N 412 
PLM HA1  H  N N 413 
PLM HA2  H  N N 414 
PLM HB1  H  N N 415 
PLM HB2  H  N N 416 
PLM HC1  H  N N 417 
PLM HC2  H  N N 418 
PLM HD1  H  N N 419 
PLM HD2  H  N N 420 
PLM HE1  H  N N 421 
PLM HE2  H  N N 422 
PLM HF1  H  N N 423 
PLM HF2  H  N N 424 
PLM HG1  H  N N 425 
PLM HG2  H  N N 426 
PLM HG3  H  N N 427 
PRO N    N  N N 428 
PRO CA   C  N S 429 
PRO C    C  N N 430 
PRO O    O  N N 431 
PRO CB   C  N N 432 
PRO CG   C  N N 433 
PRO CD   C  N N 434 
PRO OXT  O  N N 435 
PRO H    H  N N 436 
PRO HA   H  N N 437 
PRO HB2  H  N N 438 
PRO HB3  H  N N 439 
PRO HG2  H  N N 440 
PRO HG3  H  N N 441 
PRO HD2  H  N N 442 
PRO HD3  H  N N 443 
PRO HXT  H  N N 444 
SER N    N  N N 445 
SER CA   C  N S 446 
SER C    C  N N 447 
SER O    O  N N 448 
SER CB   C  N N 449 
SER OG   O  N N 450 
SER OXT  O  N N 451 
SER H    H  N N 452 
SER H2   H  N N 453 
SER HA   H  N N 454 
SER HB2  H  N N 455 
SER HB3  H  N N 456 
SER HG   H  N N 457 
SER HXT  H  N N 458 
SO4 S    S  N N 459 
SO4 O1   O  N N 460 
SO4 O2   O  N N 461 
SO4 O3   O  N N 462 
SO4 O4   O  N N 463 
THR N    N  N N 464 
THR CA   C  N S 465 
THR C    C  N N 466 
THR O    O  N N 467 
THR CB   C  N R 468 
THR OG1  O  N N 469 
THR CG2  C  N N 470 
THR OXT  O  N N 471 
THR H    H  N N 472 
THR H2   H  N N 473 
THR HA   H  N N 474 
THR HB   H  N N 475 
THR HG1  H  N N 476 
THR HG21 H  N N 477 
THR HG22 H  N N 478 
THR HG23 H  N N 479 
THR HXT  H  N N 480 
TRP N    N  N N 481 
TRP CA   C  N S 482 
TRP C    C  N N 483 
TRP O    O  N N 484 
TRP CB   C  N N 485 
TRP CG   C  Y N 486 
TRP CD1  C  Y N 487 
TRP CD2  C  Y N 488 
TRP NE1  N  Y N 489 
TRP CE2  C  Y N 490 
TRP CE3  C  Y N 491 
TRP CZ2  C  Y N 492 
TRP CZ3  C  Y N 493 
TRP CH2  C  Y N 494 
TRP OXT  O  N N 495 
TRP H    H  N N 496 
TRP H2   H  N N 497 
TRP HA   H  N N 498 
TRP HB2  H  N N 499 
TRP HB3  H  N N 500 
TRP HD1  H  N N 501 
TRP HE1  H  N N 502 
TRP HE3  H  N N 503 
TRP HZ2  H  N N 504 
TRP HZ3  H  N N 505 
TRP HH2  H  N N 506 
TRP HXT  H  N N 507 
TYR N    N  N N 508 
TYR CA   C  N S 509 
TYR C    C  N N 510 
TYR O    O  N N 511 
TYR CB   C  N N 512 
TYR CG   C  Y N 513 
TYR CD1  C  Y N 514 
TYR CD2  C  Y N 515 
TYR CE1  C  Y N 516 
TYR CE2  C  Y N 517 
TYR CZ   C  Y N 518 
TYR OH   O  N N 519 
TYR OXT  O  N N 520 
TYR H    H  N N 521 
TYR H2   H  N N 522 
TYR HA   H  N N 523 
TYR HB2  H  N N 524 
TYR HB3  H  N N 525 
TYR HD1  H  N N 526 
TYR HD2  H  N N 527 
TYR HE1  H  N N 528 
TYR HE2  H  N N 529 
TYR HH   H  N N 530 
TYR HXT  H  N N 531 
VAL N    N  N N 532 
VAL CA   C  N S 533 
VAL C    C  N N 534 
VAL O    O  N N 535 
VAL CB   C  N N 536 
VAL CG1  C  N N 537 
VAL CG2  C  N N 538 
VAL OXT  O  N N 539 
VAL H    H  N N 540 
VAL H2   H  N N 541 
VAL HA   H  N N 542 
VAL HB   H  N N 543 
VAL HG11 H  N N 544 
VAL HG12 H  N N 545 
VAL HG13 H  N N 546 
VAL HG21 H  N N 547 
VAL HG22 H  N N 548 
VAL HG23 H  N N 549 
VAL HXT  H  N N 550 
# 
loop_
_chem_comp_bond.comp_id 
_chem_comp_bond.atom_id_1 
_chem_comp_bond.atom_id_2 
_chem_comp_bond.value_order 
_chem_comp_bond.pdbx_aromatic_flag 
_chem_comp_bond.pdbx_stereo_config 
_chem_comp_bond.pdbx_ordinal 
ALA N   CA   sing N N 1   
ALA N   H    sing N N 2   
ALA N   H2   sing N N 3   
ALA CA  C    sing N N 4   
ALA CA  CB   sing N N 5   
ALA CA  HA   sing N N 6   
ALA C   O    doub N N 7   
ALA C   OXT  sing N N 8   
ALA CB  HB1  sing N N 9   
ALA CB  HB2  sing N N 10  
ALA CB  HB3  sing N N 11  
ALA OXT HXT  sing N N 12  
ARG N   CA   sing N N 13  
ARG N   H    sing N N 14  
ARG N   H2   sing N N 15  
ARG CA  C    sing N N 16  
ARG CA  CB   sing N N 17  
ARG CA  HA   sing N N 18  
ARG C   O    doub N N 19  
ARG C   OXT  sing N N 20  
ARG CB  CG   sing N N 21  
ARG CB  HB2  sing N N 22  
ARG CB  HB3  sing N N 23  
ARG CG  CD   sing N N 24  
ARG CG  HG2  sing N N 25  
ARG CG  HG3  sing N N 26  
ARG CD  NE   sing N N 27  
ARG CD  HD2  sing N N 28  
ARG CD  HD3  sing N N 29  
ARG NE  CZ   sing N N 30  
ARG NE  HE   sing N N 31  
ARG CZ  NH1  sing N N 32  
ARG CZ  NH2  doub N N 33  
ARG NH1 HH11 sing N N 34  
ARG NH1 HH12 sing N N 35  
ARG NH2 HH21 sing N N 36  
ARG NH2 HH22 sing N N 37  
ARG OXT HXT  sing N N 38  
ASN N   CA   sing N N 39  
ASN N   H    sing N N 40  
ASN N   H2   sing N N 41  
ASN CA  C    sing N N 42  
ASN CA  CB   sing N N 43  
ASN CA  HA   sing N N 44  
ASN C   O    doub N N 45  
ASN C   OXT  sing N N 46  
ASN CB  CG   sing N N 47  
ASN CB  HB2  sing N N 48  
ASN CB  HB3  sing N N 49  
ASN CG  OD1  doub N N 50  
ASN CG  ND2  sing N N 51  
ASN ND2 HD21 sing N N 52  
ASN ND2 HD22 sing N N 53  
ASN OXT HXT  sing N N 54  
ASP N   CA   sing N N 55  
ASP N   H    sing N N 56  
ASP N   H2   sing N N 57  
ASP CA  C    sing N N 58  
ASP CA  CB   sing N N 59  
ASP CA  HA   sing N N 60  
ASP C   O    doub N N 61  
ASP C   OXT  sing N N 62  
ASP CB  CG   sing N N 63  
ASP CB  HB2  sing N N 64  
ASP CB  HB3  sing N N 65  
ASP CG  OD1  doub N N 66  
ASP CG  OD2  sing N N 67  
ASP OD2 HD2  sing N N 68  
ASP OXT HXT  sing N N 69  
CYS N   CA   sing N N 70  
CYS N   H    sing N N 71  
CYS N   H2   sing N N 72  
CYS CA  C    sing N N 73  
CYS CA  CB   sing N N 74  
CYS CA  HA   sing N N 75  
CYS C   O    doub N N 76  
CYS C   OXT  sing N N 77  
CYS CB  SG   sing N N 78  
CYS CB  HB2  sing N N 79  
CYS CB  HB3  sing N N 80  
CYS SG  HG   sing N N 81  
CYS OXT HXT  sing N N 82  
GLN N   CA   sing N N 83  
GLN N   H    sing N N 84  
GLN N   H2   sing N N 85  
GLN CA  C    sing N N 86  
GLN CA  CB   sing N N 87  
GLN CA  HA   sing N N 88  
GLN C   O    doub N N 89  
GLN C   OXT  sing N N 90  
GLN CB  CG   sing N N 91  
GLN CB  HB2  sing N N 92  
GLN CB  HB3  sing N N 93  
GLN CG  CD   sing N N 94  
GLN CG  HG2  sing N N 95  
GLN CG  HG3  sing N N 96  
GLN CD  OE1  doub N N 97  
GLN CD  NE2  sing N N 98  
GLN NE2 HE21 sing N N 99  
GLN NE2 HE22 sing N N 100 
GLN OXT HXT  sing N N 101 
GLU N   CA   sing N N 102 
GLU N   H    sing N N 103 
GLU N   H2   sing N N 104 
GLU CA  C    sing N N 105 
GLU CA  CB   sing N N 106 
GLU CA  HA   sing N N 107 
GLU C   O    doub N N 108 
GLU C   OXT  sing N N 109 
GLU CB  CG   sing N N 110 
GLU CB  HB2  sing N N 111 
GLU CB  HB3  sing N N 112 
GLU CG  CD   sing N N 113 
GLU CG  HG2  sing N N 114 
GLU CG  HG3  sing N N 115 
GLU CD  OE1  doub N N 116 
GLU CD  OE2  sing N N 117 
GLU OE2 HE2  sing N N 118 
GLU OXT HXT  sing N N 119 
GLY N   CA   sing N N 120 
GLY N   H    sing N N 121 
GLY N   H2   sing N N 122 
GLY CA  C    sing N N 123 
GLY CA  HA2  sing N N 124 
GLY CA  HA3  sing N N 125 
GLY C   O    doub N N 126 
GLY C   OXT  sing N N 127 
GLY OXT HXT  sing N N 128 
GTX N1  CA1  sing N N 129 
GTX N1  HN11 sing N N 130 
GTX N1  HN12 sing N N 131 
GTX N1  HN13 sing N N 132 
GTX CA1 C1   sing N N 133 
GTX CA1 CB1  sing N N 134 
GTX CA1 HA1  sing N N 135 
GTX C1  O11  doub N N 136 
GTX C1  O12  sing N N 137 
GTX O12 HO2  sing N N 138 
GTX CB1 CG1  sing N N 139 
GTX CB1 HB11 sing N N 140 
GTX CB1 HB12 sing N N 141 
GTX CG1 CD1  sing N N 142 
GTX CG1 HG11 sing N N 143 
GTX CG1 HG12 sing N N 144 
GTX CD1 OE1  doub N N 145 
GTX CD1 N2   sing N N 146 
GTX N2  CA2  sing N N 147 
GTX N2  HN2  sing N N 148 
GTX CA2 C2   sing N N 149 
GTX CA2 CB2  sing N N 150 
GTX CA2 HA2  sing N N 151 
GTX C2  O2   doub N N 152 
GTX C2  N3   sing N N 153 
GTX CB2 SG2  sing N N 154 
GTX CB2 HB21 sing N N 155 
GTX CB2 HB22 sing N N 156 
GTX SG2 C1S  sing N N 157 
GTX C1S C2S  sing N N 158 
GTX C1S HS11 sing N N 159 
GTX C1S HS12 sing N N 160 
GTX C2S C3S  sing N N 161 
GTX C2S HS21 sing N N 162 
GTX C2S HS22 sing N N 163 
GTX C3S C4S  sing N N 164 
GTX C3S HS31 sing N N 165 
GTX C3S HS32 sing N N 166 
GTX C4S C5S  sing N N 167 
GTX C4S HS41 sing N N 168 
GTX C4S HS42 sing N N 169 
GTX C5S C6S  sing N N 170 
GTX C5S HS51 sing N N 171 
GTX C5S HS52 sing N N 172 
GTX C6S HS61 sing N N 173 
GTX C6S HS62 sing N N 174 
GTX C6S HS63 sing N N 175 
GTX N3  CA3  sing N N 176 
GTX N3  HN3  sing N N 177 
GTX CA3 C3   sing N N 178 
GTX CA3 HA31 sing N N 179 
GTX CA3 HA32 sing N N 180 
GTX C3  O31  doub N N 181 
GTX C3  O32  sing N N 182 
GTX O32 HO3  sing N N 183 
HIS N   CA   sing N N 184 
HIS N   H    sing N N 185 
HIS N   H2   sing N N 186 
HIS CA  C    sing N N 187 
HIS CA  CB   sing N N 188 
HIS CA  HA   sing N N 189 
HIS C   O    doub N N 190 
HIS C   OXT  sing N N 191 
HIS CB  CG   sing N N 192 
HIS CB  HB2  sing N N 193 
HIS CB  HB3  sing N N 194 
HIS CG  ND1  sing Y N 195 
HIS CG  CD2  doub Y N 196 
HIS ND1 CE1  doub Y N 197 
HIS ND1 HD1  sing N N 198 
HIS CD2 NE2  sing Y N 199 
HIS CD2 HD2  sing N N 200 
HIS CE1 NE2  sing Y N 201 
HIS CE1 HE1  sing N N 202 
HIS NE2 HE2  sing N N 203 
HIS OXT HXT  sing N N 204 
HOH O   H1   sing N N 205 
HOH O   H2   sing N N 206 
ILE N   CA   sing N N 207 
ILE N   H    sing N N 208 
ILE N   H2   sing N N 209 
ILE CA  C    sing N N 210 
ILE CA  CB   sing N N 211 
ILE CA  HA   sing N N 212 
ILE C   O    doub N N 213 
ILE C   OXT  sing N N 214 
ILE CB  CG1  sing N N 215 
ILE CB  CG2  sing N N 216 
ILE CB  HB   sing N N 217 
ILE CG1 CD1  sing N N 218 
ILE CG1 HG12 sing N N 219 
ILE CG1 HG13 sing N N 220 
ILE CG2 HG21 sing N N 221 
ILE CG2 HG22 sing N N 222 
ILE CG2 HG23 sing N N 223 
ILE CD1 HD11 sing N N 224 
ILE CD1 HD12 sing N N 225 
ILE CD1 HD13 sing N N 226 
ILE OXT HXT  sing N N 227 
LEU N   CA   sing N N 228 
LEU N   H    sing N N 229 
LEU N   H2   sing N N 230 
LEU CA  C    sing N N 231 
LEU CA  CB   sing N N 232 
LEU CA  HA   sing N N 233 
LEU C   O    doub N N 234 
LEU C   OXT  sing N N 235 
LEU CB  CG   sing N N 236 
LEU CB  HB2  sing N N 237 
LEU CB  HB3  sing N N 238 
LEU CG  CD1  sing N N 239 
LEU CG  CD2  sing N N 240 
LEU CG  HG   sing N N 241 
LEU CD1 HD11 sing N N 242 
LEU CD1 HD12 sing N N 243 
LEU CD1 HD13 sing N N 244 
LEU CD2 HD21 sing N N 245 
LEU CD2 HD22 sing N N 246 
LEU CD2 HD23 sing N N 247 
LEU OXT HXT  sing N N 248 
LYS N   CA   sing N N 249 
LYS N   H    sing N N 250 
LYS N   H2   sing N N 251 
LYS CA  C    sing N N 252 
LYS CA  CB   sing N N 253 
LYS CA  HA   sing N N 254 
LYS C   O    doub N N 255 
LYS C   OXT  sing N N 256 
LYS CB  CG   sing N N 257 
LYS CB  HB2  sing N N 258 
LYS CB  HB3  sing N N 259 
LYS CG  CD   sing N N 260 
LYS CG  HG2  sing N N 261 
LYS CG  HG3  sing N N 262 
LYS CD  CE   sing N N 263 
LYS CD  HD2  sing N N 264 
LYS CD  HD3  sing N N 265 
LYS CE  NZ   sing N N 266 
LYS CE  HE2  sing N N 267 
LYS CE  HE3  sing N N 268 
LYS NZ  HZ1  sing N N 269 
LYS NZ  HZ2  sing N N 270 
LYS NZ  HZ3  sing N N 271 
LYS OXT HXT  sing N N 272 
MET N   CA   sing N N 273 
MET N   H    sing N N 274 
MET N   H2   sing N N 275 
MET CA  C    sing N N 276 
MET CA  CB   sing N N 277 
MET CA  HA   sing N N 278 
MET C   O    doub N N 279 
MET C   OXT  sing N N 280 
MET CB  CG   sing N N 281 
MET CB  HB2  sing N N 282 
MET CB  HB3  sing N N 283 
MET CG  SD   sing N N 284 
MET CG  HG2  sing N N 285 
MET CG  HG3  sing N N 286 
MET SD  CE   sing N N 287 
MET CE  HE1  sing N N 288 
MET CE  HE2  sing N N 289 
MET CE  HE3  sing N N 290 
MET OXT HXT  sing N N 291 
PAM C1  O1   sing N N 292 
PAM C1  O2   doub N N 293 
PAM C1  C2   sing N N 294 
PAM O1  HO1  sing N N 295 
PAM C2  C3   sing N N 296 
PAM C2  H21  sing N N 297 
PAM C2  H22  sing N N 298 
PAM C3  C4   sing N N 299 
PAM C3  H31  sing N N 300 
PAM C3  H32  sing N N 301 
PAM C4  C5   sing N N 302 
PAM C4  H41  sing N N 303 
PAM C4  H42  sing N N 304 
PAM C5  C6   sing N N 305 
PAM C5  H51  sing N N 306 
PAM C5  H52  sing N N 307 
PAM C6  C7   sing N N 308 
PAM C6  H61  sing N N 309 
PAM C6  H62  sing N N 310 
PAM C7  C8   sing N N 311 
PAM C7  H71  sing N N 312 
PAM C7  H72  sing N N 313 
PAM C8  C9   sing N N 314 
PAM C8  H81  sing N N 315 
PAM C8  H82  sing N N 316 
PAM C9  C10  doub N Z 317 
PAM C9  H9   sing N N 318 
PAM C10 C11  sing N N 319 
PAM C10 H10  sing N N 320 
PAM C11 C12  sing N N 321 
PAM C11 H111 sing N N 322 
PAM C11 H112 sing N N 323 
PAM C12 C13  sing N N 324 
PAM C12 H121 sing N N 325 
PAM C12 H122 sing N N 326 
PAM C13 C14  sing N N 327 
PAM C13 H131 sing N N 328 
PAM C13 H132 sing N N 329 
PAM C14 C15  sing N N 330 
PAM C14 H141 sing N N 331 
PAM C14 H142 sing N N 332 
PAM C15 C16  sing N N 333 
PAM C15 H151 sing N N 334 
PAM C15 H152 sing N N 335 
PAM C16 H161 sing N N 336 
PAM C16 H162 sing N N 337 
PAM C16 H163 sing N N 338 
PHE N   CA   sing N N 339 
PHE N   H    sing N N 340 
PHE N   H2   sing N N 341 
PHE CA  C    sing N N 342 
PHE CA  CB   sing N N 343 
PHE CA  HA   sing N N 344 
PHE C   O    doub N N 345 
PHE C   OXT  sing N N 346 
PHE CB  CG   sing N N 347 
PHE CB  HB2  sing N N 348 
PHE CB  HB3  sing N N 349 
PHE CG  CD1  doub Y N 350 
PHE CG  CD2  sing Y N 351 
PHE CD1 CE1  sing Y N 352 
PHE CD1 HD1  sing N N 353 
PHE CD2 CE2  doub Y N 354 
PHE CD2 HD2  sing N N 355 
PHE CE1 CZ   doub Y N 356 
PHE CE1 HE1  sing N N 357 
PHE CE2 CZ   sing Y N 358 
PHE CE2 HE2  sing N N 359 
PHE CZ  HZ   sing N N 360 
PHE OXT HXT  sing N N 361 
PLM C1  O1   sing N N 362 
PLM C1  O2   doub N N 363 
PLM C1  C2   sing N N 364 
PLM O1  H    sing N N 365 
PLM C2  C3   sing N N 366 
PLM C2  H21  sing N N 367 
PLM C2  H22  sing N N 368 
PLM C3  C4   sing N N 369 
PLM C3  H31  sing N N 370 
PLM C3  H32  sing N N 371 
PLM C4  C5   sing N N 372 
PLM C4  H41  sing N N 373 
PLM C4  H42  sing N N 374 
PLM C5  C6   sing N N 375 
PLM C5  H51  sing N N 376 
PLM C5  H52  sing N N 377 
PLM C6  C7   sing N N 378 
PLM C6  H61  sing N N 379 
PLM C6  H62  sing N N 380 
PLM C7  C8   sing N N 381 
PLM C7  H71  sing N N 382 
PLM C7  H72  sing N N 383 
PLM C8  C9   sing N N 384 
PLM C8  H81  sing N N 385 
PLM C8  H82  sing N N 386 
PLM C9  CA   sing N N 387 
PLM C9  H91  sing N N 388 
PLM C9  H92  sing N N 389 
PLM CA  CB   sing N N 390 
PLM CA  HA1  sing N N 391 
PLM CA  HA2  sing N N 392 
PLM CB  CC   sing N N 393 
PLM CB  HB1  sing N N 394 
PLM CB  HB2  sing N N 395 
PLM CC  CD   sing N N 396 
PLM CC  HC1  sing N N 397 
PLM CC  HC2  sing N N 398 
PLM CD  CE   sing N N 399 
PLM CD  HD1  sing N N 400 
PLM CD  HD2  sing N N 401 
PLM CE  CF   sing N N 402 
PLM CE  HE1  sing N N 403 
PLM CE  HE2  sing N N 404 
PLM CF  CG   sing N N 405 
PLM CF  HF1  sing N N 406 
PLM CF  HF2  sing N N 407 
PLM CG  HG1  sing N N 408 
PLM CG  HG2  sing N N 409 
PLM CG  HG3  sing N N 410 
PRO N   CA   sing N N 411 
PRO N   CD   sing N N 412 
PRO N   H    sing N N 413 
PRO CA  C    sing N N 414 
PRO CA  CB   sing N N 415 
PRO CA  HA   sing N N 416 
PRO C   O    doub N N 417 
PRO C   OXT  sing N N 418 
PRO CB  CG   sing N N 419 
PRO CB  HB2  sing N N 420 
PRO CB  HB3  sing N N 421 
PRO CG  CD   sing N N 422 
PRO CG  HG2  sing N N 423 
PRO CG  HG3  sing N N 424 
PRO CD  HD2  sing N N 425 
PRO CD  HD3  sing N N 426 
PRO OXT HXT  sing N N 427 
SER N   CA   sing N N 428 
SER N   H    sing N N 429 
SER N   H2   sing N N 430 
SER CA  C    sing N N 431 
SER CA  CB   sing N N 432 
SER CA  HA   sing N N 433 
SER C   O    doub N N 434 
SER C   OXT  sing N N 435 
SER CB  OG   sing N N 436 
SER CB  HB2  sing N N 437 
SER CB  HB3  sing N N 438 
SER OG  HG   sing N N 439 
SER OXT HXT  sing N N 440 
SO4 S   O1   doub N N 441 
SO4 S   O2   doub N N 442 
SO4 S   O3   sing N N 443 
SO4 S   O4   sing N N 444 
THR N   CA   sing N N 445 
THR N   H    sing N N 446 
THR N   H2   sing N N 447 
THR CA  C    sing N N 448 
THR CA  CB   sing N N 449 
THR CA  HA   sing N N 450 
THR C   O    doub N N 451 
THR C   OXT  sing N N 452 
THR CB  OG1  sing N N 453 
THR CB  CG2  sing N N 454 
THR CB  HB   sing N N 455 
THR OG1 HG1  sing N N 456 
THR CG2 HG21 sing N N 457 
THR CG2 HG22 sing N N 458 
THR CG2 HG23 sing N N 459 
THR OXT HXT  sing N N 460 
TRP N   CA   sing N N 461 
TRP N   H    sing N N 462 
TRP N   H2   sing N N 463 
TRP CA  C    sing N N 464 
TRP CA  CB   sing N N 465 
TRP CA  HA   sing N N 466 
TRP C   O    doub N N 467 
TRP C   OXT  sing N N 468 
TRP CB  CG   sing N N 469 
TRP CB  HB2  sing N N 470 
TRP CB  HB3  sing N N 471 
TRP CG  CD1  doub Y N 472 
TRP CG  CD2  sing Y N 473 
TRP CD1 NE1  sing Y N 474 
TRP CD1 HD1  sing N N 475 
TRP CD2 CE2  doub Y N 476 
TRP CD2 CE3  sing Y N 477 
TRP NE1 CE2  sing Y N 478 
TRP NE1 HE1  sing N N 479 
TRP CE2 CZ2  sing Y N 480 
TRP CE3 CZ3  doub Y N 481 
TRP CE3 HE3  sing N N 482 
TRP CZ2 CH2  doub Y N 483 
TRP CZ2 HZ2  sing N N 484 
TRP CZ3 CH2  sing Y N 485 
TRP CZ3 HZ3  sing N N 486 
TRP CH2 HH2  sing N N 487 
TRP OXT HXT  sing N N 488 
TYR N   CA   sing N N 489 
TYR N   H    sing N N 490 
TYR N   H2   sing N N 491 
TYR CA  C    sing N N 492 
TYR CA  CB   sing N N 493 
TYR CA  HA   sing N N 494 
TYR C   O    doub N N 495 
TYR C   OXT  sing N N 496 
TYR CB  CG   sing N N 497 
TYR CB  HB2  sing N N 498 
TYR CB  HB3  sing N N 499 
TYR CG  CD1  doub Y N 500 
TYR CG  CD2  sing Y N 501 
TYR CD1 CE1  sing Y N 502 
TYR CD1 HD1  sing N N 503 
TYR CD2 CE2  doub Y N 504 
TYR CD2 HD2  sing N N 505 
TYR CE1 CZ   doub Y N 506 
TYR CE1 HE1  sing N N 507 
TYR CE2 CZ   sing Y N 508 
TYR CE2 HE2  sing N N 509 
TYR CZ  OH   sing N N 510 
TYR OH  HH   sing N N 511 
TYR OXT HXT  sing N N 512 
VAL N   CA   sing N N 513 
VAL N   H    sing N N 514 
VAL N   H2   sing N N 515 
VAL CA  C    sing N N 516 
VAL CA  CB   sing N N 517 
VAL CA  HA   sing N N 518 
VAL C   O    doub N N 519 
VAL C   OXT  sing N N 520 
VAL CB  CG1  sing N N 521 
VAL CB  CG2  sing N N 522 
VAL CB  HB   sing N N 523 
VAL CG1 HG11 sing N N 524 
VAL CG1 HG12 sing N N 525 
VAL CG1 HG13 sing N N 526 
VAL CG2 HG21 sing N N 527 
VAL CG2 HG22 sing N N 528 
VAL CG2 HG23 sing N N 529 
VAL OXT HXT  sing N N 530 
# 
loop_
_pdbx_entity_nonpoly.entity_id 
_pdbx_entity_nonpoly.name 
_pdbx_entity_nonpoly.comp_id 
2 'NICKEL (II) ION'  NI  
3 'SULFATE ION'      SO4 
4 'PALMITOLEIC ACID' PAM 
5 'PALMITIC ACID'    PLM 
6 S-HEXYLGLUTATHIONE GTX 
7 water              HOH 
# 
_pdbx_initial_refinement_model.id               1 
_pdbx_initial_refinement_model.entity_id_list   ? 
_pdbx_initial_refinement_model.type             'experimental model' 
_pdbx_initial_refinement_model.source_name      PDB 
_pdbx_initial_refinement_model.accession_code   2UUI 
_pdbx_initial_refinement_model.details          'PDB ENTRY 2UUI' 
# 
